data_8E4Z
#
_entry.id   8E4Z
#
_cell.length_a   135.374
_cell.length_b   178.346
_cell.length_c   179.408
_cell.angle_alpha   90.000
_cell.angle_beta   90.000
_cell.angle_gamma   90.000
#
_symmetry.space_group_name_H-M   'I 2 2 2'
#
loop_
_entity.id
_entity.type
_entity.pdbx_description
1 polymer 'Chaetomium alpha glucosidase'
2 non-polymer (2R,3R,4R,5S)-1-(6-{[(4P)-4-(5-cyclobutyl-1,2,4-oxadiazol-3-yl)-2-nitrophenyl]amino}hexyl)-2-(hydroxymethyl)piperidine-3,4,5-triol
3 non-polymer GLYCEROL
4 non-polymer 'SULFATE ION'
5 non-polymer 2-acetamido-2-deoxy-beta-D-glucopyranose
6 non-polymer 2-[BIS-(2-HYDROXY-ETHYL)-AMINO]-2-HYDROXYMETHYL-PROPANE-1,3-DIOL
7 water water
#
_entity_poly.entity_id   1
_entity_poly.type   'polypeptide(L)'
_entity_poly.pdbx_seq_one_letter_code
;MGILPSPGMPALLSLVSLLSVLLMGCVAETGVEGESILHSEIGRLNNQSLLWGPYRPNIYFGTRPRIGKSLMTGLMWGKI
ESYTDFQHTVRYTCEQNEGMKGYGWDEYDPRRGGIQSIHDIQNGLDITTSFVKIPGGAHGGSWAARIKGTLNDDAPKDQK
TIVVFYVSQEGENSELEAVPSENEFGYEGDVILKGRSEALGNYKLVVTKGKGVIPQSDHDLSRLRGPGQTVVQSLTYPDE
VLWQAKPILFQQLKAGIDWLVENKYDVADPPPPWQVYLLANKPGSGNVHIVQKVFEGDFEFDILFSSESAGKEVTSKDLE
REVKQATEVFGERFARVFDLKAPFQGDNYKKFGKSMFSNLIGGIGYFYGHSLVDRSYAPEYDEENEGFWEDAAEARARHQ
EALEGPYELFTSIPSRPFFPRGFLWDEGFHLLPIADWDIDLALEIIKSWYNLMDEDGWIAREQILGAEARSKVPKEFQTQ
YPHYANPPTLFLVLDNFVERLRKNNASQPVVKDNLSLDETLSTASVDNPEVGLEYLRRLYPLLRRQFDWFRKTQAGDIKS
YDREAYSTKEAYRWRGRTVSHCLTSGLDDYPRPQPPHPGELHVDLMSWVGVMVKSLISIGSLLGATEDVEFYTKVLDAIE
HNLDDLHWSEKEGCYCDATIDEFEEHKLVCHKGYISLFPFLTGLLKPDSPKLGKLLALIGDESELWSPYGLRSLSKKDEF
YGTAENYWRSPVWININYLAIVQLYNIATQDGPYKETARDLYTRLRKNIVETVYRNWEETGFAWEQYNPETGKGQRTQHF
TGWTSLVVKIMSGHHHHHH
;
_entity_poly.pdbx_strand_id   A,B
#
# COMPACT_ATOMS: atom_id res chain seq x y z
N LEU A 38 -0.43 -35.01 2.96
CA LEU A 38 -0.08 -35.41 1.55
C LEU A 38 -0.20 -34.22 0.59
N HIS A 39 -1.04 -33.24 0.92
CA HIS A 39 -1.23 -32.05 0.08
C HIS A 39 0.12 -31.37 -0.13
N SER A 40 0.84 -31.09 0.97
CA SER A 40 2.12 -30.41 0.92
C SER A 40 3.24 -31.28 0.35
N GLU A 41 2.98 -32.59 0.23
CA GLU A 41 3.84 -33.45 -0.57
C GLU A 41 3.78 -33.10 -2.07
N ILE A 42 2.56 -33.04 -2.68
CA ILE A 42 2.40 -32.57 -4.05
C ILE A 42 3.06 -31.20 -4.20
N GLY A 43 2.70 -30.29 -3.29
CA GLY A 43 3.22 -28.93 -3.21
C GLY A 43 4.74 -28.88 -3.38
N ARG A 44 5.47 -29.65 -2.54
CA ARG A 44 6.93 -29.72 -2.55
C ARG A 44 7.44 -30.19 -3.92
N LEU A 45 6.77 -31.20 -4.50
CA LEU A 45 7.17 -31.81 -5.75
C LEU A 45 6.92 -30.83 -6.92
N ASN A 46 5.79 -30.11 -6.85
CA ASN A 46 5.47 -29.04 -7.80
C ASN A 46 6.56 -27.96 -7.78
N ASN A 47 6.91 -27.48 -6.58
CA ASN A 47 7.94 -26.46 -6.38
C ASN A 47 9.25 -26.93 -6.98
N GLN A 48 9.62 -28.20 -6.75
CA GLN A 48 10.91 -28.70 -7.21
C GLN A 48 10.84 -28.87 -8.72
N SER A 49 9.65 -29.24 -9.22
CA SER A 49 9.50 -29.47 -10.65
C SER A 49 9.62 -28.16 -11.41
N LEU A 50 9.06 -27.06 -10.84
CA LEU A 50 8.75 -25.90 -11.65
C LEU A 50 9.79 -24.80 -11.47
N LEU A 51 10.75 -25.03 -10.57
CA LEU A 51 11.58 -23.94 -10.08
C LEU A 51 12.36 -23.27 -11.21
N TRP A 52 13.08 -24.07 -12.01
CA TRP A 52 13.89 -23.52 -13.10
C TRP A 52 13.07 -23.43 -14.39
N GLY A 53 13.36 -22.40 -15.18
CA GLY A 53 12.75 -22.26 -16.49
C GLY A 53 13.45 -21.19 -17.30
N PRO A 54 13.11 -21.07 -18.61
CA PRO A 54 13.60 -19.94 -19.37
C PRO A 54 12.57 -18.85 -19.10
N TYR A 55 12.41 -18.47 -17.81
CA TYR A 55 11.27 -17.70 -17.34
C TYR A 55 11.49 -16.20 -17.52
N ARG A 56 12.16 -15.81 -18.60
CA ARG A 56 12.33 -14.41 -18.95
C ARG A 56 11.76 -14.20 -20.36
N PRO A 57 10.44 -14.33 -20.56
CA PRO A 57 9.86 -14.20 -21.90
C PRO A 57 10.03 -12.79 -22.46
N ASN A 58 10.53 -11.84 -21.66
CA ASN A 58 10.74 -10.49 -22.16
C ASN A 58 12.01 -10.39 -23.02
N ILE A 59 12.83 -11.45 -23.01
CA ILE A 59 14.04 -11.41 -23.82
C ILE A 59 14.07 -12.65 -24.71
N TYR A 60 14.85 -12.58 -25.80
CA TYR A 60 14.82 -13.74 -26.69
C TYR A 60 15.12 -15.01 -25.92
N PHE A 61 16.22 -15.03 -25.14
CA PHE A 61 16.55 -16.25 -24.40
C PHE A 61 17.34 -15.95 -23.13
N GLY A 62 16.79 -16.45 -22.03
CA GLY A 62 17.45 -16.34 -20.74
C GLY A 62 16.78 -17.28 -19.75
N THR A 63 17.45 -17.55 -18.63
CA THR A 63 16.89 -18.41 -17.60
C THR A 63 16.91 -17.64 -16.28
N ARG A 64 15.97 -18.03 -15.42
CA ARG A 64 15.93 -17.63 -14.01
C ARG A 64 15.05 -18.63 -13.28
N PRO A 65 15.27 -18.82 -11.96
CA PRO A 65 14.38 -19.69 -11.18
C PRO A 65 13.28 -18.83 -10.55
N ARG A 66 12.26 -19.51 -10.00
CA ARG A 66 11.16 -18.83 -9.32
C ARG A 66 11.59 -18.32 -7.95
N ILE A 67 12.60 -17.43 -7.94
CA ILE A 67 13.15 -16.83 -6.74
C ILE A 67 13.45 -15.38 -7.08
N GLY A 68 12.96 -14.43 -6.26
CA GLY A 68 13.15 -13.01 -6.51
C GLY A 68 14.61 -12.63 -6.79
N LYS A 69 15.52 -12.99 -5.85
CA LYS A 69 16.93 -12.58 -5.88
C LYS A 69 17.80 -13.83 -5.97
N SER A 70 18.28 -14.12 -7.18
CA SER A 70 18.92 -15.38 -7.54
C SER A 70 19.78 -15.22 -8.81
N LEU A 71 20.13 -16.36 -9.41
CA LEU A 71 20.96 -16.42 -10.61
C LEU A 71 20.03 -16.22 -11.82
N MET A 72 20.43 -15.35 -12.75
CA MET A 72 19.74 -15.13 -14.02
C MET A 72 20.75 -15.16 -15.18
N THR A 73 20.36 -15.73 -16.33
CA THR A 73 21.17 -15.67 -17.54
C THR A 73 20.38 -15.01 -18.65
N GLY A 74 21.08 -14.43 -19.64
CA GLY A 74 20.47 -13.97 -20.87
C GLY A 74 21.42 -14.02 -22.05
N LEU A 75 20.85 -14.15 -23.26
CA LEU A 75 21.63 -14.27 -24.49
C LEU A 75 21.58 -12.97 -25.31
N MET A 76 22.70 -12.59 -25.92
CA MET A 76 22.79 -11.48 -26.87
C MET A 76 23.62 -11.92 -28.08
N TRP A 77 23.28 -11.44 -29.28
CA TRP A 77 24.04 -11.75 -30.48
C TRP A 77 23.81 -10.62 -31.47
N GLY A 78 24.83 -10.37 -32.33
CA GLY A 78 24.67 -9.42 -33.40
C GLY A 78 25.82 -9.50 -34.39
N LYS A 79 25.53 -9.31 -35.69
CA LYS A 79 26.58 -9.19 -36.68
C LYS A 79 27.41 -7.94 -36.37
N ILE A 80 28.69 -7.93 -36.79
CA ILE A 80 29.49 -6.71 -36.78
C ILE A 80 30.20 -6.62 -38.12
N GLU A 81 30.00 -5.52 -38.84
CA GLU A 81 30.56 -5.31 -40.15
C GLU A 81 31.31 -3.98 -40.22
N SER A 82 31.21 -3.16 -39.17
CA SER A 82 31.82 -1.85 -39.13
C SER A 82 32.19 -1.52 -37.68
N TYR A 83 32.75 -0.32 -37.47
CA TYR A 83 33.13 0.15 -36.15
C TYR A 83 31.94 0.66 -35.35
N THR A 84 30.75 0.79 -35.98
CA THR A 84 29.66 1.46 -35.29
C THR A 84 28.32 0.70 -35.38
N ASP A 85 28.31 -0.49 -35.97
CA ASP A 85 27.07 -1.16 -36.30
C ASP A 85 26.54 -2.03 -35.14
N PHE A 86 27.44 -2.62 -34.34
CA PHE A 86 27.07 -3.66 -33.40
C PHE A 86 26.04 -3.16 -32.40
N GLN A 87 26.11 -1.88 -32.01
CA GLN A 87 25.16 -1.24 -31.11
C GLN A 87 23.73 -1.22 -31.66
N HIS A 88 23.58 -1.17 -32.99
CA HIS A 88 22.30 -1.19 -33.68
C HIS A 88 21.90 -2.63 -34.02
N THR A 89 22.83 -3.58 -34.06
CA THR A 89 22.41 -4.88 -34.57
C THR A 89 22.21 -5.84 -33.39
N VAL A 90 22.86 -5.59 -32.26
CA VAL A 90 22.78 -6.54 -31.15
C VAL A 90 21.31 -6.77 -30.77
N ARG A 91 20.96 -8.02 -30.47
CA ARG A 91 19.63 -8.41 -30.04
C ARG A 91 19.69 -8.74 -28.56
N TYR A 92 18.64 -8.41 -27.79
CA TYR A 92 18.55 -8.90 -26.43
C TYR A 92 17.09 -8.99 -25.98
N THR A 93 16.38 -7.86 -25.87
CA THR A 93 14.98 -7.85 -25.46
C THR A 93 14.12 -8.06 -26.71
N CYS A 94 12.97 -8.74 -26.54
CA CYS A 94 12.06 -9.05 -27.63
C CYS A 94 11.48 -7.79 -28.28
N GLU A 95 11.44 -7.79 -29.63
CA GLU A 95 10.80 -6.78 -30.47
C GLU A 95 10.17 -7.48 -31.68
N GLN A 96 9.42 -6.70 -32.49
CA GLN A 96 8.96 -7.22 -33.76
C GLN A 96 8.86 -6.06 -34.76
N ASN A 97 9.72 -6.08 -35.78
CA ASN A 97 9.81 -5.02 -36.79
C ASN A 97 10.31 -5.68 -38.07
N GLU A 98 10.58 -4.89 -39.12
CA GLU A 98 10.91 -5.43 -40.44
C GLU A 98 12.22 -6.24 -40.40
N GLY A 99 13.06 -6.07 -39.38
CA GLY A 99 14.36 -6.72 -39.28
C GLY A 99 14.30 -8.14 -38.69
N MET A 100 13.10 -8.54 -38.24
CA MET A 100 12.86 -9.83 -37.60
C MET A 100 11.71 -10.55 -38.31
N LYS A 101 12.02 -11.69 -38.95
CA LYS A 101 10.99 -12.41 -39.66
C LYS A 101 9.99 -12.99 -38.67
N GLY A 102 10.52 -13.47 -37.54
CA GLY A 102 9.69 -14.02 -36.49
C GLY A 102 10.50 -14.93 -35.59
N TYR A 103 9.83 -15.50 -34.58
CA TYR A 103 10.53 -16.33 -33.61
C TYR A 103 9.45 -16.90 -32.73
N GLY A 104 9.76 -17.98 -32.02
CA GLY A 104 8.78 -18.54 -31.08
C GLY A 104 9.15 -19.97 -30.72
N TRP A 105 8.34 -20.58 -29.84
CA TRP A 105 8.60 -21.92 -29.31
C TRP A 105 7.99 -22.96 -30.26
N ASP A 106 8.78 -23.92 -30.72
CA ASP A 106 8.18 -24.97 -31.53
C ASP A 106 7.59 -26.04 -30.61
N GLU A 107 8.17 -26.21 -29.42
CA GLU A 107 7.69 -27.14 -28.42
C GLU A 107 8.06 -26.53 -27.07
N TYR A 108 7.23 -26.79 -26.06
CA TYR A 108 7.60 -26.30 -24.74
C TYR A 108 6.70 -26.91 -23.69
N ASP A 109 7.31 -27.28 -22.56
CA ASP A 109 6.63 -27.68 -21.36
C ASP A 109 7.53 -27.16 -20.27
N PRO A 110 7.02 -26.34 -19.32
CA PRO A 110 7.87 -25.71 -18.33
C PRO A 110 8.50 -26.72 -17.38
N ARG A 111 7.94 -27.93 -17.28
CA ARG A 111 8.56 -28.99 -16.47
C ARG A 111 9.78 -29.59 -17.16
N ARG A 112 9.83 -29.56 -18.50
CA ARG A 112 10.81 -30.33 -19.25
C ARG A 112 11.77 -29.45 -20.06
N GLY A 113 11.25 -28.32 -20.57
CA GLY A 113 12.00 -27.45 -21.45
C GLY A 113 11.41 -27.47 -22.85
N GLY A 114 12.20 -27.12 -23.87
CA GLY A 114 11.68 -27.08 -25.22
C GLY A 114 12.73 -26.48 -26.17
N ILE A 115 12.27 -26.12 -27.39
CA ILE A 115 13.12 -25.61 -28.44
C ILE A 115 12.45 -24.36 -29.01
N GLN A 116 13.27 -23.31 -29.17
CA GLN A 116 12.76 -22.08 -29.76
C GLN A 116 13.54 -21.79 -31.05
N SER A 117 12.86 -21.21 -32.05
CA SER A 117 13.45 -20.79 -33.32
C SER A 117 13.33 -19.27 -33.48
N ILE A 118 14.43 -18.65 -33.89
CA ILE A 118 14.51 -17.23 -34.09
C ILE A 118 15.00 -16.98 -35.52
N HIS A 119 14.21 -16.23 -36.29
CA HIS A 119 14.53 -15.91 -37.67
C HIS A 119 14.81 -14.40 -37.81
N ASP A 120 16.09 -14.08 -37.87
CA ASP A 120 16.57 -12.70 -37.76
C ASP A 120 17.11 -12.29 -39.13
N ILE A 121 16.38 -11.39 -39.81
CA ILE A 121 16.76 -10.92 -41.13
C ILE A 121 17.96 -9.99 -40.98
N GLN A 122 17.91 -9.11 -39.98
CA GLN A 122 18.92 -8.08 -39.85
C GLN A 122 20.30 -8.71 -39.70
N ASN A 123 20.38 -9.80 -38.92
CA ASN A 123 21.68 -10.37 -38.58
C ASN A 123 21.92 -11.66 -39.38
N GLY A 124 21.08 -11.88 -40.41
CA GLY A 124 21.21 -12.97 -41.37
C GLY A 124 21.28 -14.34 -40.71
N LEU A 125 20.53 -14.54 -39.62
CA LEU A 125 20.76 -15.71 -38.79
C LEU A 125 19.46 -16.41 -38.43
N ASP A 126 19.47 -17.72 -38.59
CA ASP A 126 18.46 -18.64 -38.06
C ASP A 126 19.02 -19.30 -36.81
N ILE A 127 18.39 -18.99 -35.68
CA ILE A 127 18.87 -19.44 -34.40
C ILE A 127 17.92 -20.43 -33.77
N THR A 128 18.50 -21.43 -33.12
CA THR A 128 17.77 -22.37 -32.30
C THR A 128 18.34 -22.31 -30.88
N THR A 129 17.47 -22.28 -29.88
CA THR A 129 17.86 -22.32 -28.47
C THR A 129 17.10 -23.48 -27.85
N SER A 130 17.80 -24.53 -27.39
CA SER A 130 17.12 -25.71 -26.86
C SER A 130 17.37 -25.73 -25.38
N PHE A 131 16.31 -25.88 -24.58
CA PHE A 131 16.48 -25.79 -23.15
C PHE A 131 15.89 -27.04 -22.49
N VAL A 132 16.64 -27.67 -21.60
CA VAL A 132 16.11 -28.89 -21.00
C VAL A 132 16.46 -28.94 -19.52
N LYS A 133 15.56 -29.54 -18.71
CA LYS A 133 15.75 -29.60 -17.27
C LYS A 133 16.06 -31.04 -16.86
N ILE A 134 16.92 -31.21 -15.87
CA ILE A 134 17.34 -32.54 -15.43
C ILE A 134 17.12 -32.62 -13.92
N PRO A 135 16.00 -33.27 -13.49
CA PRO A 135 15.62 -33.37 -12.08
C PRO A 135 16.76 -33.87 -11.20
N GLY A 136 16.80 -33.44 -9.93
CA GLY A 136 17.85 -33.99 -9.09
C GLY A 136 18.38 -33.04 -8.01
N GLY A 137 18.83 -33.67 -6.92
CA GLY A 137 19.32 -32.97 -5.74
C GLY A 137 18.15 -32.35 -4.99
N ALA A 138 18.44 -31.25 -4.28
CA ALA A 138 17.48 -30.64 -3.39
C ALA A 138 17.19 -29.19 -3.79
N HIS A 139 17.71 -28.73 -4.93
CA HIS A 139 17.73 -27.30 -5.19
C HIS A 139 16.99 -26.96 -6.49
N GLY A 140 16.16 -27.91 -6.93
CA GLY A 140 15.31 -27.67 -8.08
C GLY A 140 15.94 -28.22 -9.34
N GLY A 141 17.00 -28.99 -9.20
CA GLY A 141 17.54 -29.72 -10.34
C GLY A 141 18.55 -28.90 -11.14
N SER A 142 18.88 -29.47 -12.30
CA SER A 142 19.83 -28.96 -13.27
C SER A 142 19.07 -28.60 -14.56
N TRP A 143 19.80 -28.02 -15.53
CA TRP A 143 19.28 -27.61 -16.83
C TRP A 143 20.44 -27.40 -17.78
N ALA A 144 20.13 -27.30 -19.06
CA ALA A 144 21.15 -27.11 -20.07
C ALA A 144 20.53 -26.43 -21.29
N ALA A 145 21.37 -25.75 -22.06
CA ALA A 145 20.86 -25.09 -23.25
C ALA A 145 21.88 -25.28 -24.35
N ARG A 146 21.38 -25.40 -25.58
CA ARG A 146 22.21 -25.32 -26.76
C ARG A 146 21.75 -24.13 -27.59
N ILE A 147 22.74 -23.28 -27.92
CA ILE A 147 22.53 -22.17 -28.82
C ILE A 147 23.15 -22.52 -30.17
N LYS A 148 22.32 -22.67 -31.21
CA LYS A 148 22.78 -22.97 -32.56
C LYS A 148 22.43 -21.79 -33.49
N GLY A 149 23.45 -21.22 -34.15
CA GLY A 149 23.13 -20.21 -35.15
C GLY A 149 23.58 -20.61 -36.56
N THR A 150 22.68 -20.50 -37.54
CA THR A 150 23.01 -20.84 -38.93
C THR A 150 22.84 -19.59 -39.79
N LEU A 151 23.91 -19.18 -40.48
CA LEU A 151 23.69 -18.08 -41.42
C LEU A 151 22.64 -18.48 -42.46
N ASN A 152 21.77 -17.54 -42.84
CA ASN A 152 20.80 -17.77 -43.90
C ASN A 152 21.48 -17.54 -45.25
N ASP A 153 20.70 -17.66 -46.31
CA ASP A 153 21.27 -17.69 -47.65
C ASP A 153 21.75 -16.30 -48.06
N ASP A 154 21.23 -15.26 -47.40
CA ASP A 154 21.52 -13.91 -47.86
C ASP A 154 22.82 -13.42 -47.21
N ALA A 155 23.21 -14.01 -46.08
CA ALA A 155 24.29 -13.44 -45.28
C ALA A 155 25.64 -13.69 -45.95
N PRO A 156 26.61 -12.74 -45.83
CA PRO A 156 27.98 -13.00 -46.28
C PRO A 156 28.45 -14.27 -45.58
N LYS A 157 29.04 -15.20 -46.31
CA LYS A 157 29.43 -16.50 -45.73
C LYS A 157 30.52 -16.34 -44.67
N ASP A 158 31.16 -15.18 -44.62
CA ASP A 158 32.24 -14.94 -43.64
C ASP A 158 31.79 -13.90 -42.61
N GLN A 159 30.50 -13.85 -42.34
CA GLN A 159 29.97 -12.88 -41.35
C GLN A 159 30.61 -13.11 -39.98
N LYS A 160 30.94 -12.01 -39.32
CA LYS A 160 31.41 -12.11 -37.92
C LYS A 160 30.21 -11.82 -37.01
N THR A 161 29.85 -12.77 -36.16
CA THR A 161 28.71 -12.60 -35.24
C THR A 161 29.23 -12.58 -33.81
N ILE A 162 28.94 -11.52 -33.06
CA ILE A 162 29.30 -11.46 -31.65
C ILE A 162 28.22 -12.14 -30.83
N VAL A 163 28.65 -12.97 -29.86
CA VAL A 163 27.69 -13.69 -29.03
C VAL A 163 28.10 -13.51 -27.57
N VAL A 164 27.13 -13.11 -26.75
CA VAL A 164 27.38 -12.89 -25.35
C VAL A 164 26.44 -13.78 -24.57
N PHE A 165 26.99 -14.48 -23.56
CA PHE A 165 26.19 -15.09 -22.51
C PHE A 165 26.45 -14.29 -21.23
N TYR A 166 25.38 -13.68 -20.70
CA TYR A 166 25.46 -12.75 -19.58
C TYR A 166 24.85 -13.41 -18.38
N VAL A 167 25.60 -13.39 -17.27
CA VAL A 167 25.20 -14.05 -16.05
C VAL A 167 25.30 -13.10 -14.85
N SER A 168 24.24 -13.07 -14.05
CA SER A 168 24.22 -12.18 -12.91
C SER A 168 23.63 -12.91 -11.72
N GLN A 169 24.07 -12.53 -10.50
CA GLN A 169 23.49 -13.10 -9.29
C GLN A 169 23.27 -12.03 -8.22
N GLU A 170 22.04 -11.99 -7.70
CA GLU A 170 21.58 -11.12 -6.63
C GLU A 170 21.39 -11.97 -5.36
N GLY A 171 21.59 -11.30 -4.21
CA GLY A 171 21.69 -11.87 -2.87
C GLY A 171 22.94 -11.36 -2.16
N GLU A 172 22.85 -11.16 -0.83
CA GLU A 172 23.98 -10.64 -0.05
C GLU A 172 25.07 -11.70 0.16
N ASN A 173 24.68 -12.92 0.55
CA ASN A 173 25.62 -13.95 0.99
C ASN A 173 25.78 -15.02 -0.08
N SER A 174 25.96 -14.59 -1.32
CA SER A 174 26.11 -15.52 -2.44
C SER A 174 27.35 -15.13 -3.23
N GLU A 175 27.89 -16.12 -3.92
CA GLU A 175 29.16 -15.89 -4.57
C GLU A 175 29.13 -16.63 -5.90
N LEU A 176 29.93 -16.10 -6.84
CA LEU A 176 29.99 -16.64 -8.17
C LEU A 176 31.36 -16.27 -8.73
N GLU A 177 32.05 -17.25 -9.33
CA GLU A 177 33.43 -16.97 -9.70
C GLU A 177 33.76 -17.65 -11.03
N ALA A 178 34.41 -16.92 -11.92
CA ALA A 178 34.95 -17.48 -13.16
C ALA A 178 36.31 -18.12 -12.89
N VAL A 179 36.43 -19.43 -13.09
CA VAL A 179 37.73 -20.06 -12.96
C VAL A 179 38.57 -19.55 -14.12
N PRO A 180 39.77 -18.97 -13.84
CA PRO A 180 40.59 -18.37 -14.90
C PRO A 180 41.11 -19.42 -15.87
N SER A 181 41.49 -18.99 -17.10
CA SER A 181 41.96 -19.90 -18.13
C SER A 181 43.46 -20.16 -17.96
N GLU A 182 43.95 -21.25 -18.56
CA GLU A 182 45.39 -21.51 -18.67
C GLU A 182 45.99 -20.46 -19.61
N ASN A 183 45.34 -20.26 -20.76
CA ASN A 183 45.89 -19.45 -21.85
C ASN A 183 46.00 -17.98 -21.42
N GLU A 184 46.82 -17.20 -22.15
CA GLU A 184 47.18 -15.86 -21.67
C GLU A 184 45.99 -14.87 -21.73
N PHE A 185 45.30 -14.81 -22.87
CA PHE A 185 44.41 -13.69 -23.17
C PHE A 185 42.94 -14.07 -23.17
N GLY A 186 42.62 -15.27 -22.67
CA GLY A 186 41.27 -15.80 -22.79
C GLY A 186 41.24 -17.32 -22.87
N TYR A 187 40.10 -17.88 -23.26
CA TYR A 187 39.83 -19.31 -23.17
C TYR A 187 39.90 -20.00 -24.53
N GLU A 188 40.65 -21.11 -24.59
CA GLU A 188 40.64 -21.98 -25.76
C GLU A 188 39.51 -22.98 -25.59
N GLY A 189 39.13 -23.30 -24.34
CA GLY A 189 38.07 -24.28 -24.10
C GLY A 189 36.87 -23.69 -23.34
N ASP A 190 36.36 -24.43 -22.36
CA ASP A 190 35.11 -24.12 -21.69
C ASP A 190 35.36 -23.04 -20.65
N VAL A 191 34.30 -22.29 -20.32
CA VAL A 191 34.32 -21.35 -19.22
C VAL A 191 33.51 -21.96 -18.09
N ILE A 192 34.09 -22.00 -16.88
CA ILE A 192 33.44 -22.64 -15.74
C ILE A 192 33.19 -21.55 -14.71
N LEU A 193 31.91 -21.37 -14.36
CA LEU A 193 31.61 -20.51 -13.23
C LEU A 193 31.19 -21.43 -12.10
N LYS A 194 31.82 -21.20 -10.93
CA LYS A 194 31.45 -21.86 -9.69
C LYS A 194 30.71 -20.86 -8.83
N GLY A 195 29.55 -21.24 -8.30
CA GLY A 195 28.87 -20.32 -7.42
C GLY A 195 28.16 -21.01 -6.26
N ARG A 196 27.56 -20.18 -5.40
CA ARG A 196 26.90 -20.67 -4.20
C ARG A 196 25.89 -19.63 -3.75
N SER A 197 24.75 -20.12 -3.23
CA SER A 197 23.79 -19.27 -2.55
C SER A 197 22.94 -20.12 -1.61
N GLU A 198 22.30 -19.48 -0.60
CA GLU A 198 21.33 -20.15 0.27
C GLU A 198 20.25 -20.82 -0.57
N ALA A 199 19.76 -20.12 -1.61
CA ALA A 199 18.65 -20.68 -2.39
C ALA A 199 19.09 -21.85 -3.28
N LEU A 200 20.32 -21.81 -3.84
CA LEU A 200 20.71 -22.82 -4.83
C LEU A 200 21.76 -23.81 -4.31
N GLY A 201 22.24 -23.63 -3.08
CA GLY A 201 23.39 -24.44 -2.66
C GLY A 201 24.56 -24.20 -3.60
N ASN A 202 25.39 -25.24 -3.78
CA ASN A 202 26.55 -25.12 -4.65
C ASN A 202 26.12 -25.41 -6.09
N TYR A 203 26.81 -24.78 -7.06
CA TYR A 203 26.50 -25.07 -8.46
C TYR A 203 27.67 -24.71 -9.37
N LYS A 204 27.70 -25.33 -10.53
CA LYS A 204 28.59 -24.86 -11.57
C LYS A 204 27.80 -24.62 -12.86
N LEU A 205 28.18 -23.56 -13.56
CA LEU A 205 27.56 -23.19 -14.82
C LEU A 205 28.68 -23.14 -15.85
N VAL A 206 28.59 -24.00 -16.88
CA VAL A 206 29.63 -24.05 -17.91
C VAL A 206 29.12 -23.48 -19.25
N VAL A 207 29.95 -22.64 -19.91
CA VAL A 207 29.72 -22.31 -21.29
C VAL A 207 30.79 -23.00 -22.14
N THR A 208 30.39 -23.99 -22.95
CA THR A 208 31.36 -24.81 -23.66
C THR A 208 32.09 -24.03 -24.74
N LYS A 209 33.22 -24.60 -25.24
CA LYS A 209 34.05 -24.00 -26.28
C LYS A 209 33.17 -23.74 -27.51
N GLY A 210 32.27 -24.70 -27.80
CA GLY A 210 31.41 -24.68 -28.97
C GLY A 210 32.12 -25.09 -30.27
N LYS A 211 31.34 -25.14 -31.35
CA LYS A 211 31.85 -25.41 -32.69
C LYS A 211 31.61 -24.16 -33.55
N GLY A 212 32.59 -23.85 -34.40
CA GLY A 212 32.53 -22.86 -35.46
C GLY A 212 33.86 -22.13 -35.56
N VAL A 213 34.12 -21.47 -36.69
CA VAL A 213 35.36 -20.77 -36.93
C VAL A 213 35.44 -19.55 -36.02
N ILE A 214 36.57 -19.44 -35.32
CA ILE A 214 36.79 -18.23 -34.57
C ILE A 214 37.84 -17.36 -35.26
N PRO A 215 37.50 -16.12 -35.70
CA PRO A 215 38.41 -15.34 -36.54
C PRO A 215 39.70 -14.98 -35.79
N GLN A 216 40.77 -14.67 -36.55
CA GLN A 216 42.07 -14.45 -35.94
C GLN A 216 42.63 -13.13 -36.47
N SER A 217 43.10 -12.25 -35.60
CA SER A 217 43.59 -10.97 -36.04
C SER A 217 45.11 -11.00 -36.11
N ASP A 218 45.66 -10.46 -37.21
CA ASP A 218 47.10 -10.35 -37.34
C ASP A 218 47.58 -8.97 -36.92
N HIS A 219 46.67 -8.13 -36.41
CA HIS A 219 47.07 -6.79 -35.98
C HIS A 219 48.04 -6.88 -34.79
N ASP A 220 48.87 -5.86 -34.65
CA ASP A 220 49.69 -5.57 -33.49
C ASP A 220 48.96 -5.76 -32.17
N LEU A 221 47.69 -5.32 -32.12
CA LEU A 221 46.91 -5.43 -30.90
C LEU A 221 46.91 -6.85 -30.35
N SER A 222 47.10 -7.85 -31.24
CA SER A 222 46.94 -9.23 -30.80
C SER A 222 48.02 -9.63 -29.78
N ARG A 223 49.11 -8.84 -29.77
CA ARG A 223 50.22 -9.04 -28.83
C ARG A 223 49.75 -8.73 -27.41
N LEU A 224 48.72 -7.87 -27.26
CA LEU A 224 48.21 -7.51 -25.94
C LEU A 224 46.83 -8.10 -25.65
N ARG A 225 46.01 -8.29 -26.69
N ARG A 225 46.00 -8.30 -26.68
CA ARG A 225 44.63 -8.71 -26.54
CA ARG A 225 44.65 -8.77 -26.41
C ARG A 225 44.45 -10.18 -26.97
C ARG A 225 44.45 -10.18 -26.98
N GLY A 226 45.51 -10.78 -27.51
CA GLY A 226 45.43 -12.11 -28.09
C GLY A 226 44.92 -12.01 -29.53
N PRO A 227 45.13 -13.05 -30.38
CA PRO A 227 44.63 -13.04 -31.76
C PRO A 227 43.11 -13.14 -31.91
N GLY A 228 42.41 -13.52 -30.83
CA GLY A 228 40.98 -13.80 -30.88
C GLY A 228 40.62 -15.11 -30.18
N GLN A 229 39.81 -15.00 -29.12
CA GLN A 229 39.40 -16.15 -28.32
C GLN A 229 38.19 -15.75 -27.49
N THR A 230 37.53 -16.75 -26.89
CA THR A 230 36.52 -16.53 -25.87
C THR A 230 37.12 -15.70 -24.74
N VAL A 231 36.36 -14.69 -24.24
CA VAL A 231 36.79 -13.88 -23.10
C VAL A 231 35.68 -13.85 -22.03
N VAL A 232 36.09 -13.60 -20.78
CA VAL A 232 35.21 -13.38 -19.65
C VAL A 232 35.63 -12.11 -18.91
N GLN A 233 34.64 -11.24 -18.64
CA GLN A 233 34.74 -10.16 -17.66
C GLN A 233 33.82 -10.45 -16.48
N SER A 234 34.42 -10.35 -15.29
CA SER A 234 33.77 -10.61 -14.03
C SER A 234 33.72 -9.29 -13.28
N LEU A 235 32.52 -8.82 -12.97
CA LEU A 235 32.26 -7.45 -12.55
C LEU A 235 31.35 -7.49 -11.34
N THR A 236 31.23 -6.35 -10.65
CA THR A 236 30.20 -6.19 -9.64
CA THR A 236 30.20 -6.19 -9.64
C THR A 236 29.56 -4.80 -9.73
N TYR A 237 28.23 -4.77 -9.57
CA TYR A 237 27.40 -3.57 -9.55
C TYR A 237 26.42 -3.73 -8.40
N PRO A 238 25.77 -2.66 -7.89
CA PRO A 238 24.70 -2.86 -6.91
C PRO A 238 23.61 -3.77 -7.51
N ASP A 239 23.09 -4.68 -6.68
CA ASP A 239 22.19 -5.74 -7.08
C ASP A 239 21.02 -5.28 -7.95
N GLU A 240 20.48 -4.08 -7.71
CA GLU A 240 19.21 -3.74 -8.31
C GLU A 240 19.39 -3.33 -9.77
N VAL A 241 20.65 -3.21 -10.25
CA VAL A 241 20.82 -2.82 -11.65
C VAL A 241 21.37 -3.95 -12.50
N LEU A 242 21.47 -5.16 -11.97
CA LEU A 242 22.15 -6.22 -12.71
C LEU A 242 21.36 -6.63 -13.97
N TRP A 243 20.04 -6.40 -13.96
CA TRP A 243 19.13 -6.70 -15.05
C TRP A 243 19.47 -5.84 -16.27
N GLN A 244 20.17 -4.70 -16.08
CA GLN A 244 20.46 -3.83 -17.22
C GLN A 244 21.66 -4.33 -18.03
N ALA A 245 21.47 -5.49 -18.68
CA ALA A 245 22.58 -6.20 -19.31
C ALA A 245 23.14 -5.41 -20.50
N LYS A 246 22.26 -4.85 -21.34
CA LYS A 246 22.77 -4.12 -22.50
C LYS A 246 23.72 -2.99 -22.07
N PRO A 247 23.29 -2.02 -21.24
CA PRO A 247 24.20 -0.93 -20.85
C PRO A 247 25.45 -1.42 -20.11
N ILE A 248 25.28 -2.43 -19.23
CA ILE A 248 26.43 -2.94 -18.50
C ILE A 248 27.46 -3.39 -19.55
N LEU A 249 26.98 -4.11 -20.56
CA LEU A 249 27.87 -4.64 -21.57
C LEU A 249 28.51 -3.48 -22.33
N PHE A 250 27.70 -2.51 -22.70
CA PHE A 250 28.24 -1.48 -23.56
C PHE A 250 29.24 -0.61 -22.79
N GLN A 251 29.05 -0.50 -21.47
CA GLN A 251 29.94 0.32 -20.68
C GLN A 251 31.35 -0.29 -20.75
N GLN A 252 31.39 -1.64 -20.78
CA GLN A 252 32.61 -2.42 -20.86
C GLN A 252 33.23 -2.28 -22.26
N LEU A 253 32.41 -2.35 -23.31
CA LEU A 253 32.93 -2.20 -24.66
C LEU A 253 33.49 -0.79 -24.80
N LYS A 254 32.78 0.19 -24.23
CA LYS A 254 33.27 1.55 -24.40
C LYS A 254 34.62 1.74 -23.71
N ALA A 255 34.84 1.09 -22.54
CA ALA A 255 36.11 1.21 -21.84
C ALA A 255 37.26 0.53 -22.62
N GLY A 256 37.01 -0.66 -23.22
CA GLY A 256 37.94 -1.25 -24.16
C GLY A 256 38.32 -0.31 -25.32
N ILE A 257 37.34 0.34 -25.95
CA ILE A 257 37.64 1.28 -27.02
C ILE A 257 38.45 2.47 -26.49
N ASP A 258 38.14 2.96 -25.27
CA ASP A 258 38.82 4.12 -24.71
C ASP A 258 40.29 3.78 -24.50
N TRP A 259 40.52 2.53 -24.06
CA TRP A 259 41.84 1.98 -23.88
C TRP A 259 42.57 1.94 -25.24
N LEU A 260 41.88 1.58 -26.33
CA LEU A 260 42.53 1.58 -27.63
C LEU A 260 43.05 2.98 -27.92
N VAL A 261 42.20 3.98 -27.67
CA VAL A 261 42.51 5.36 -28.03
C VAL A 261 43.72 5.83 -27.21
N GLU A 262 43.72 5.58 -25.88
CA GLU A 262 44.79 6.04 -24.99
C GLU A 262 46.11 5.38 -25.39
N ASN A 263 46.04 4.24 -26.08
CA ASN A 263 47.23 3.42 -26.29
C ASN A 263 47.62 3.44 -27.76
N LYS A 264 47.20 4.48 -28.51
CA LYS A 264 47.72 4.78 -29.84
C LYS A 264 47.24 3.77 -30.87
N TYR A 265 46.12 3.09 -30.64
CA TYR A 265 45.49 2.37 -31.76
C TYR A 265 44.49 3.32 -32.45
N ASP A 266 44.71 3.60 -33.74
CA ASP A 266 44.02 4.69 -34.42
C ASP A 266 43.69 4.34 -35.88
N VAL A 267 43.19 5.33 -36.64
CA VAL A 267 42.60 5.14 -37.95
C VAL A 267 43.69 5.05 -39.00
N ALA A 268 44.92 5.39 -38.62
CA ALA A 268 46.06 5.15 -39.52
C ALA A 268 46.26 3.66 -39.75
N ASP A 269 45.93 2.82 -38.73
CA ASP A 269 46.17 1.38 -38.75
C ASP A 269 45.25 0.67 -37.74
N PRO A 270 43.94 0.57 -37.99
CA PRO A 270 43.01 0.15 -36.94
C PRO A 270 42.86 -1.36 -36.86
N PRO A 271 42.67 -1.94 -35.67
CA PRO A 271 42.44 -3.38 -35.56
C PRO A 271 41.10 -3.63 -36.27
N PRO A 272 40.77 -4.87 -36.71
CA PRO A 272 39.44 -5.14 -37.26
C PRO A 272 38.29 -4.90 -36.24
N PRO A 273 37.08 -4.55 -36.75
CA PRO A 273 35.94 -4.23 -35.90
C PRO A 273 35.73 -5.28 -34.81
N TRP A 274 35.75 -6.56 -35.19
CA TRP A 274 35.33 -7.57 -34.25
C TRP A 274 36.35 -7.69 -33.11
N GLN A 275 37.59 -7.26 -33.37
CA GLN A 275 38.61 -7.27 -32.33
C GLN A 275 38.49 -6.00 -31.48
N VAL A 276 38.08 -4.89 -32.11
CA VAL A 276 37.80 -3.67 -31.35
C VAL A 276 36.68 -3.93 -30.33
N TYR A 277 35.68 -4.77 -30.67
CA TYR A 277 34.54 -5.07 -29.81
C TYR A 277 34.70 -6.38 -29.02
N LEU A 278 35.95 -6.88 -28.91
CA LEU A 278 36.25 -8.04 -28.06
C LEU A 278 36.78 -7.56 -26.71
N LEU A 279 36.11 -7.94 -25.63
CA LEU A 279 36.53 -7.42 -24.33
C LEU A 279 37.90 -8.00 -23.96
N ALA A 280 38.75 -7.21 -23.29
CA ALA A 280 39.96 -7.75 -22.64
C ALA A 280 39.53 -8.77 -21.58
N ASN A 281 40.14 -9.94 -21.60
CA ASN A 281 39.83 -11.00 -20.66
C ASN A 281 40.13 -10.55 -19.22
N LYS A 282 39.14 -10.57 -18.30
CA LYS A 282 39.46 -10.32 -16.88
C LYS A 282 38.53 -11.11 -15.96
N PRO A 283 38.61 -12.46 -15.92
CA PRO A 283 37.69 -13.25 -15.09
C PRO A 283 38.10 -13.10 -13.62
N GLY A 284 37.16 -13.45 -12.73
CA GLY A 284 37.33 -13.21 -11.31
C GLY A 284 36.03 -13.56 -10.60
N SER A 285 35.86 -12.93 -9.43
CA SER A 285 34.58 -13.07 -8.77
C SER A 285 33.81 -11.76 -8.92
N GLY A 286 32.50 -11.89 -8.86
CA GLY A 286 31.60 -10.77 -8.92
C GLY A 286 30.15 -11.23 -9.01
N ASN A 287 29.23 -10.25 -9.14
CA ASN A 287 27.83 -10.60 -9.26
C ASN A 287 27.39 -10.43 -10.72
N VAL A 288 28.33 -10.10 -11.62
CA VAL A 288 28.09 -10.14 -13.07
C VAL A 288 29.25 -10.80 -13.82
N HIS A 289 28.90 -11.70 -14.75
CA HIS A 289 29.93 -12.35 -15.58
C HIS A 289 29.49 -12.29 -17.03
N ILE A 290 30.30 -11.64 -17.87
CA ILE A 290 30.06 -11.52 -19.30
C ILE A 290 30.95 -12.53 -20.02
N VAL A 291 30.34 -13.50 -20.71
CA VAL A 291 31.09 -14.40 -21.55
C VAL A 291 30.83 -14.04 -23.02
N GLN A 292 31.90 -13.71 -23.75
CA GLN A 292 31.79 -13.24 -25.14
C GLN A 292 32.57 -14.18 -26.04
N LYS A 293 31.98 -14.51 -27.22
CA LYS A 293 32.65 -15.20 -28.32
C LYS A 293 32.36 -14.48 -29.62
N VAL A 294 33.30 -14.54 -30.56
CA VAL A 294 33.07 -14.08 -31.92
C VAL A 294 33.17 -15.29 -32.83
N PHE A 295 32.18 -15.46 -33.71
CA PHE A 295 32.21 -16.52 -34.69
C PHE A 295 32.27 -15.97 -36.11
N GLU A 296 32.90 -16.78 -37.00
CA GLU A 296 32.79 -16.49 -38.42
C GLU A 296 32.04 -17.63 -39.09
N GLY A 297 30.89 -17.33 -39.69
CA GLY A 297 30.01 -18.37 -40.20
C GLY A 297 29.14 -19.00 -39.10
N ASP A 298 28.71 -20.25 -39.31
CA ASP A 298 27.80 -20.91 -38.38
C ASP A 298 28.52 -21.21 -37.07
N PHE A 299 27.75 -21.37 -35.99
CA PHE A 299 28.32 -21.61 -34.67
C PHE A 299 27.33 -22.40 -33.81
N GLU A 300 27.85 -22.99 -32.74
CA GLU A 300 27.00 -23.51 -31.68
C GLU A 300 27.81 -23.69 -30.40
N PHE A 301 27.14 -23.55 -29.26
CA PHE A 301 27.76 -23.78 -27.96
C PHE A 301 26.66 -24.16 -26.98
N ASP A 302 27.09 -24.71 -25.85
CA ASP A 302 26.17 -25.18 -24.83
C ASP A 302 26.36 -24.43 -23.52
N ILE A 303 25.33 -24.47 -22.68
CA ILE A 303 25.42 -23.95 -21.33
C ILE A 303 24.93 -25.07 -20.44
N LEU A 304 25.78 -25.48 -19.50
CA LEU A 304 25.46 -26.62 -18.64
C LEU A 304 25.42 -26.14 -17.20
N PHE A 305 24.20 -26.19 -16.63
CA PHE A 305 24.03 -25.81 -15.24
C PHE A 305 23.90 -27.08 -14.41
N SER A 306 24.87 -27.29 -13.52
CA SER A 306 24.95 -28.53 -12.75
C SER A 306 24.77 -28.20 -11.28
N SER A 307 23.68 -28.66 -10.67
CA SER A 307 23.45 -28.48 -9.24
C SER A 307 24.32 -29.46 -8.43
N GLU A 308 25.21 -28.97 -7.54
CA GLU A 308 26.13 -29.90 -6.86
C GLU A 308 25.35 -31.00 -6.14
N SER A 309 24.26 -30.61 -5.46
CA SER A 309 23.48 -31.53 -4.66
C SER A 309 22.86 -32.69 -5.44
N ALA A 310 22.98 -32.69 -6.78
CA ALA A 310 22.41 -33.73 -7.64
C ALA A 310 23.49 -34.75 -7.97
N GLY A 311 23.15 -35.72 -8.84
CA GLY A 311 24.11 -36.71 -9.30
C GLY A 311 25.50 -36.14 -9.65
N LYS A 312 26.13 -36.75 -10.67
CA LYS A 312 27.30 -36.14 -11.31
C LYS A 312 26.82 -34.94 -12.13
N GLU A 313 27.77 -34.23 -12.74
CA GLU A 313 27.46 -32.97 -13.39
C GLU A 313 26.92 -33.22 -14.80
N VAL A 314 26.27 -32.20 -15.36
CA VAL A 314 25.59 -32.27 -16.64
C VAL A 314 26.60 -32.17 -17.79
N THR A 315 26.45 -33.05 -18.79
CA THR A 315 27.35 -33.01 -19.93
C THR A 315 26.55 -32.60 -21.16
N SER A 316 27.26 -32.36 -22.27
CA SER A 316 26.65 -32.09 -23.55
C SER A 316 25.93 -33.32 -24.08
N LYS A 317 26.47 -34.53 -23.85
CA LYS A 317 25.79 -35.74 -24.25
C LYS A 317 24.45 -35.82 -23.49
N ASP A 318 24.45 -35.39 -22.22
CA ASP A 318 23.21 -35.41 -21.44
C ASP A 318 22.18 -34.50 -22.12
N LEU A 319 22.64 -33.32 -22.59
CA LEU A 319 21.75 -32.31 -23.11
C LEU A 319 21.04 -32.90 -24.32
N GLU A 320 21.81 -33.52 -25.21
CA GLU A 320 21.28 -33.98 -26.47
C GLU A 320 20.22 -35.04 -26.21
N ARG A 321 20.49 -35.89 -25.22
CA ARG A 321 19.62 -37.00 -24.89
C ARG A 321 18.31 -36.47 -24.31
N GLU A 322 18.41 -35.54 -23.35
CA GLU A 322 17.20 -34.99 -22.75
C GLU A 322 16.41 -34.19 -23.80
N VAL A 323 17.11 -33.48 -24.67
CA VAL A 323 16.40 -32.79 -25.76
C VAL A 323 15.56 -33.78 -26.57
N LYS A 324 16.16 -34.87 -27.10
CA LYS A 324 15.43 -35.88 -27.87
C LYS A 324 14.24 -36.43 -27.08
N GLN A 325 14.42 -36.64 -25.79
CA GLN A 325 13.44 -37.28 -24.92
C GLN A 325 12.26 -36.33 -24.67
N ALA A 326 12.55 -35.04 -24.45
CA ALA A 326 11.52 -34.05 -24.20
C ALA A 326 10.58 -33.91 -25.40
N THR A 327 11.13 -33.92 -26.63
CA THR A 327 10.32 -33.92 -27.86
C THR A 327 9.37 -35.12 -27.93
N GLU A 328 9.89 -36.31 -27.60
CA GLU A 328 9.10 -37.53 -27.71
C GLU A 328 7.91 -37.39 -26.76
N VAL A 329 8.20 -36.92 -25.53
CA VAL A 329 7.18 -36.76 -24.49
C VAL A 329 6.18 -35.67 -24.90
N PHE A 330 6.68 -34.54 -25.40
CA PHE A 330 5.84 -33.46 -25.89
C PHE A 330 4.87 -34.01 -26.93
N GLY A 331 5.43 -34.70 -27.94
CA GLY A 331 4.67 -35.29 -29.04
C GLY A 331 3.46 -36.11 -28.57
N GLU A 332 3.69 -36.96 -27.55
CA GLU A 332 2.71 -37.94 -27.08
C GLU A 332 1.63 -37.24 -26.25
N ARG A 333 1.99 -36.22 -25.45
CA ARG A 333 1.00 -35.48 -24.67
C ARG A 333 0.10 -34.67 -25.62
N PHE A 334 0.72 -34.03 -26.62
CA PHE A 334 -0.08 -33.16 -27.48
C PHE A 334 -1.20 -33.96 -28.13
N ALA A 335 -0.87 -35.11 -28.73
CA ALA A 335 -1.81 -35.94 -29.47
C ALA A 335 -2.93 -36.46 -28.58
N ARG A 336 -2.65 -36.62 -27.28
CA ARG A 336 -3.67 -37.06 -26.32
C ARG A 336 -4.51 -35.88 -25.81
N VAL A 337 -3.85 -34.78 -25.44
CA VAL A 337 -4.53 -33.65 -24.82
C VAL A 337 -5.19 -32.77 -25.89
N PHE A 338 -4.52 -32.55 -27.02
CA PHE A 338 -5.01 -31.69 -28.09
C PHE A 338 -5.22 -32.53 -29.35
N ASP A 339 -6.23 -33.42 -29.25
CA ASP A 339 -6.58 -34.30 -30.35
C ASP A 339 -7.52 -33.51 -31.27
N LEU A 340 -6.96 -33.04 -32.38
CA LEU A 340 -7.70 -32.11 -33.21
C LEU A 340 -8.81 -32.89 -33.90
N LYS A 341 -10.04 -32.37 -33.86
CA LYS A 341 -11.16 -32.98 -34.55
C LYS A 341 -11.44 -32.34 -35.92
N ALA A 342 -12.17 -33.08 -36.75
CA ALA A 342 -12.49 -32.70 -38.12
C ALA A 342 -13.08 -31.28 -38.17
N PRO A 343 -12.82 -30.49 -39.25
CA PRO A 343 -11.94 -30.88 -40.36
C PRO A 343 -10.49 -30.43 -40.18
N PHE A 344 -9.98 -30.50 -38.95
CA PHE A 344 -8.64 -30.04 -38.66
C PHE A 344 -7.69 -31.18 -38.26
N GLN A 345 -7.92 -32.40 -38.75
CA GLN A 345 -7.08 -33.51 -38.30
C GLN A 345 -5.76 -33.51 -39.06
N GLY A 346 -5.70 -32.80 -40.21
CA GLY A 346 -4.52 -32.78 -41.06
C GLY A 346 -3.27 -32.27 -40.33
N ASP A 347 -2.09 -32.74 -40.78
CA ASP A 347 -0.79 -32.46 -40.19
C ASP A 347 -0.47 -30.95 -40.21
N ASN A 348 -1.05 -30.25 -41.19
CA ASN A 348 -0.85 -28.80 -41.31
C ASN A 348 -1.46 -28.14 -40.07
N TYR A 349 -2.65 -28.63 -39.67
CA TYR A 349 -3.37 -28.12 -38.51
C TYR A 349 -2.70 -28.57 -37.22
N LYS A 350 -2.07 -29.75 -37.19
CA LYS A 350 -1.30 -30.19 -36.04
C LYS A 350 -0.11 -29.26 -35.87
N LYS A 351 0.57 -28.97 -36.98
CA LYS A 351 1.74 -28.09 -36.86
C LYS A 351 1.27 -26.74 -36.32
N PHE A 352 0.17 -26.23 -36.86
CA PHE A 352 -0.44 -24.96 -36.47
C PHE A 352 -0.76 -24.98 -34.98
N GLY A 353 -1.43 -26.03 -34.52
CA GLY A 353 -1.81 -26.19 -33.12
C GLY A 353 -0.61 -26.20 -32.17
N LYS A 354 0.46 -26.92 -32.56
CA LYS A 354 1.67 -27.04 -31.76
C LYS A 354 2.35 -25.67 -31.64
N SER A 355 2.28 -24.87 -32.70
CA SER A 355 2.88 -23.55 -32.68
C SER A 355 2.13 -22.62 -31.73
N MET A 356 0.79 -22.65 -31.82
CA MET A 356 -0.07 -21.76 -31.06
C MET A 356 0.01 -22.16 -29.59
N PHE A 357 0.07 -23.49 -29.35
CA PHE A 357 0.09 -23.94 -27.96
C PHE A 357 1.41 -23.59 -27.30
N SER A 358 2.51 -23.93 -27.98
CA SER A 358 3.85 -23.78 -27.43
C SER A 358 4.16 -22.31 -27.11
N ASN A 359 3.72 -21.40 -27.99
CA ASN A 359 3.92 -19.98 -27.75
C ASN A 359 3.16 -19.50 -26.52
N LEU A 360 1.99 -20.06 -26.29
CA LEU A 360 1.21 -19.62 -25.16
C LEU A 360 1.92 -20.05 -23.87
N ILE A 361 2.24 -21.35 -23.76
CA ILE A 361 2.74 -21.87 -22.49
C ILE A 361 4.21 -21.51 -22.39
N GLY A 362 4.86 -21.29 -23.55
CA GLY A 362 6.24 -20.82 -23.55
C GLY A 362 6.41 -19.35 -23.12
N GLY A 363 5.34 -18.57 -23.11
CA GLY A 363 5.45 -17.20 -22.62
C GLY A 363 5.49 -17.09 -21.09
N ILE A 364 5.38 -18.24 -20.42
CA ILE A 364 5.28 -18.23 -18.96
C ILE A 364 6.53 -17.54 -18.42
N GLY A 365 6.29 -16.58 -17.51
CA GLY A 365 7.39 -15.88 -16.90
C GLY A 365 7.29 -15.89 -15.38
N TYR A 366 8.45 -15.63 -14.73
CA TYR A 366 8.54 -15.26 -13.34
C TYR A 366 8.98 -13.81 -13.22
N PHE A 367 8.14 -13.00 -12.57
CA PHE A 367 8.38 -11.57 -12.36
C PHE A 367 8.48 -11.27 -10.87
N TYR A 368 9.31 -10.27 -10.52
CA TYR A 368 9.62 -9.97 -9.13
C TYR A 368 9.93 -8.50 -8.94
N GLY A 369 9.29 -7.86 -7.94
CA GLY A 369 9.76 -6.51 -7.63
C GLY A 369 8.64 -5.64 -7.08
N HIS A 370 8.91 -4.36 -6.97
CA HIS A 370 7.89 -3.43 -6.52
C HIS A 370 6.98 -3.07 -7.70
N SER A 371 5.72 -2.75 -7.38
CA SER A 371 4.80 -2.17 -8.34
C SER A 371 4.33 -0.81 -7.83
N LEU A 372 3.75 0.00 -8.74
CA LEU A 372 3.37 1.40 -8.54
C LEU A 372 1.86 1.53 -8.35
N VAL A 373 1.43 2.00 -7.18
CA VAL A 373 0.03 1.97 -6.78
C VAL A 373 -0.34 3.29 -6.12
N ASP A 374 -1.44 3.89 -6.56
CA ASP A 374 -2.04 5.02 -5.86
C ASP A 374 -2.90 4.45 -4.73
N ARG A 375 -2.48 4.67 -3.47
CA ARG A 375 -3.17 4.17 -2.29
C ARG A 375 -3.87 5.31 -1.55
N SER A 376 -4.03 6.48 -2.19
CA SER A 376 -4.81 7.58 -1.63
C SER A 376 -6.28 7.20 -1.34
N TYR A 377 -6.89 6.26 -2.09
CA TYR A 377 -8.33 6.11 -2.14
C TYR A 377 -9.02 7.49 -2.12
N ALA A 378 -8.53 8.43 -2.94
CA ALA A 378 -9.15 9.75 -3.05
C ALA A 378 -10.65 9.57 -3.23
N PRO A 379 -11.48 10.42 -2.59
CA PRO A 379 -12.94 10.31 -2.74
C PRO A 379 -13.44 10.47 -4.18
N GLU A 380 -12.69 11.20 -5.00
CA GLU A 380 -13.04 11.37 -6.40
C GLU A 380 -13.12 10.03 -7.12
N TYR A 381 -12.46 8.99 -6.58
CA TYR A 381 -12.46 7.67 -7.20
C TYR A 381 -13.77 6.92 -6.96
N ASP A 382 -14.65 7.47 -6.13
CA ASP A 382 -15.92 6.81 -5.87
C ASP A 382 -16.83 7.10 -7.06
N GLU A 383 -16.50 8.14 -7.85
CA GLU A 383 -17.19 8.45 -9.08
C GLU A 383 -18.70 8.49 -8.81
N GLU A 384 -19.12 9.40 -7.93
CA GLU A 384 -20.48 9.45 -7.45
C GLU A 384 -21.23 10.60 -8.10
N ASN A 385 -20.46 11.60 -8.58
CA ASN A 385 -20.99 12.80 -9.22
C ASN A 385 -21.09 12.61 -10.75
N GLU A 386 -21.96 13.40 -11.39
CA GLU A 386 -21.90 13.66 -12.83
C GLU A 386 -20.55 14.29 -13.15
N GLY A 387 -19.89 13.88 -14.22
CA GLY A 387 -18.63 14.53 -14.58
C GLY A 387 -17.43 13.95 -13.83
N PHE A 388 -17.62 12.74 -13.25
CA PHE A 388 -16.67 12.15 -12.33
C PHE A 388 -15.28 11.97 -12.93
N TRP A 389 -15.19 11.99 -14.26
CA TRP A 389 -13.94 11.63 -14.88
C TRP A 389 -12.95 12.78 -14.72
N GLU A 390 -13.50 14.02 -14.68
CA GLU A 390 -12.70 15.21 -14.46
C GLU A 390 -12.19 15.26 -13.02
N ASP A 391 -13.04 14.90 -12.06
CA ASP A 391 -12.63 14.78 -10.66
C ASP A 391 -11.52 13.75 -10.53
N ALA A 392 -11.74 12.56 -11.08
CA ALA A 392 -10.74 11.50 -10.98
C ALA A 392 -9.41 11.92 -11.62
N ALA A 393 -9.45 12.67 -12.73
CA ALA A 393 -8.22 13.21 -13.34
C ALA A 393 -7.51 14.13 -12.34
N GLU A 394 -8.26 15.01 -11.70
CA GLU A 394 -7.71 15.87 -10.67
C GLU A 394 -6.99 15.05 -9.60
N ALA A 395 -7.61 13.99 -9.10
CA ALA A 395 -6.99 13.15 -8.04
C ALA A 395 -5.73 12.48 -8.60
N ARG A 396 -5.75 12.06 -9.85
CA ARG A 396 -4.57 11.44 -10.50
C ARG A 396 -3.44 12.46 -10.60
N ALA A 397 -3.77 13.73 -10.82
CA ALA A 397 -2.81 14.85 -10.89
C ALA A 397 -2.11 15.13 -9.55
N ARG A 398 -2.63 14.65 -8.42
CA ARG A 398 -1.96 14.74 -7.09
C ARG A 398 -0.68 13.88 -7.08
N HIS A 399 -0.65 12.80 -7.86
CA HIS A 399 0.51 11.87 -7.96
C HIS A 399 0.91 11.30 -6.60
N GLN A 400 -0.07 10.78 -5.89
CA GLN A 400 0.14 10.15 -4.56
C GLN A 400 0.59 8.70 -4.72
N GLU A 401 0.76 8.21 -5.95
CA GLU A 401 1.18 6.82 -6.14
C GLU A 401 2.59 6.65 -5.57
N ALA A 402 2.90 5.46 -5.03
CA ALA A 402 4.25 5.13 -4.57
C ALA A 402 4.52 3.65 -4.82
N LEU A 403 5.80 3.27 -4.88
CA LEU A 403 6.17 1.87 -5.08
C LEU A 403 5.84 1.04 -3.84
N GLU A 404 5.37 -0.19 -4.04
CA GLU A 404 5.15 -1.06 -2.90
C GLU A 404 5.48 -2.50 -3.30
N GLY A 405 5.65 -3.36 -2.29
CA GLY A 405 5.91 -4.78 -2.44
C GLY A 405 7.10 -5.19 -1.56
N PRO A 406 8.06 -6.03 -2.02
CA PRO A 406 8.06 -6.54 -3.39
C PRO A 406 6.95 -7.59 -3.53
N TYR A 407 6.61 -7.91 -4.77
CA TYR A 407 5.70 -8.99 -5.10
C TYR A 407 6.38 -9.90 -6.12
N GLU A 408 5.85 -11.11 -6.25
CA GLU A 408 6.25 -12.02 -7.30
C GLU A 408 5.01 -12.51 -8.07
N LEU A 409 5.21 -12.79 -9.37
CA LEU A 409 4.16 -13.46 -10.14
C LEU A 409 4.78 -14.45 -11.11
N PHE A 410 4.12 -15.60 -11.18
CA PHE A 410 4.37 -16.65 -12.15
C PHE A 410 3.13 -16.75 -13.04
N THR A 411 3.27 -16.39 -14.33
CA THR A 411 2.11 -16.20 -15.18
C THR A 411 2.51 -16.31 -16.65
N SER A 412 1.53 -16.66 -17.48
CA SER A 412 1.70 -16.50 -18.92
C SER A 412 1.34 -15.04 -19.27
N ILE A 413 1.65 -14.60 -20.49
CA ILE A 413 1.60 -13.20 -20.87
C ILE A 413 0.98 -13.10 -22.26
N PRO A 414 0.38 -11.96 -22.65
CA PRO A 414 -0.20 -11.86 -23.98
C PRO A 414 0.79 -11.69 -25.13
N SER A 415 1.92 -11.04 -24.88
CA SER A 415 2.79 -10.56 -25.95
C SER A 415 4.25 -10.39 -25.49
N ARG A 416 5.14 -11.26 -25.96
CA ARG A 416 6.57 -11.12 -25.67
C ARG A 416 7.10 -9.75 -26.11
N PRO A 417 6.92 -9.30 -27.38
CA PRO A 417 7.53 -8.05 -27.82
C PRO A 417 6.90 -6.76 -27.29
N PHE A 418 5.60 -6.78 -26.94
CA PHE A 418 4.93 -5.52 -26.62
C PHE A 418 4.42 -5.40 -25.19
N PHE A 419 4.01 -6.51 -24.56
CA PHE A 419 3.55 -6.36 -23.18
C PHE A 419 3.78 -7.68 -22.44
N PRO A 420 5.07 -7.97 -22.16
CA PRO A 420 5.42 -9.26 -21.57
C PRO A 420 5.17 -9.21 -20.07
N ARG A 421 3.90 -9.16 -19.66
CA ARG A 421 3.58 -9.14 -18.24
C ARG A 421 2.15 -9.64 -18.02
N GLY A 422 1.80 -9.91 -16.75
CA GLY A 422 0.53 -10.49 -16.35
C GLY A 422 -0.59 -9.47 -16.53
N PHE A 423 -1.69 -9.89 -17.19
CA PHE A 423 -2.90 -9.10 -17.26
C PHE A 423 -4.03 -10.00 -16.76
N LEU A 424 -4.93 -9.40 -15.95
CA LEU A 424 -5.76 -10.21 -15.08
C LEU A 424 -6.77 -11.01 -15.90
N TRP A 425 -7.64 -10.37 -16.68
CA TRP A 425 -8.63 -11.14 -17.43
C TRP A 425 -8.04 -11.96 -18.60
N ASP A 426 -6.87 -11.53 -19.14
CA ASP A 426 -6.14 -12.33 -20.13
C ASP A 426 -5.81 -13.70 -19.54
N GLU A 427 -5.36 -13.73 -18.28
CA GLU A 427 -4.85 -14.99 -17.77
C GLU A 427 -5.96 -16.04 -17.67
N GLY A 428 -7.19 -15.57 -17.47
CA GLY A 428 -8.30 -16.50 -17.50
C GLY A 428 -8.36 -17.27 -18.80
N PHE A 429 -8.07 -16.61 -19.93
CA PHE A 429 -8.11 -17.25 -21.24
C PHE A 429 -6.87 -18.10 -21.46
N HIS A 430 -5.69 -17.57 -21.07
CA HIS A 430 -4.43 -18.28 -21.22
C HIS A 430 -4.51 -19.65 -20.56
N LEU A 431 -5.15 -19.72 -19.36
CA LEU A 431 -5.04 -20.96 -18.62
C LEU A 431 -6.01 -22.01 -19.15
N LEU A 432 -6.86 -21.67 -20.12
CA LEU A 432 -7.79 -22.75 -20.47
C LEU A 432 -7.07 -23.85 -21.24
N PRO A 433 -6.26 -23.55 -22.28
CA PRO A 433 -5.51 -24.61 -22.93
C PRO A 433 -4.42 -25.16 -22.00
N ILE A 434 -3.85 -24.28 -21.17
CA ILE A 434 -2.74 -24.71 -20.32
C ILE A 434 -3.25 -25.74 -19.30
N ALA A 435 -4.51 -25.59 -18.86
CA ALA A 435 -5.05 -26.41 -17.80
C ALA A 435 -5.29 -27.81 -18.36
N ASP A 436 -5.72 -27.87 -19.61
CA ASP A 436 -5.83 -29.14 -20.29
C ASP A 436 -4.48 -29.84 -20.24
N TRP A 437 -3.42 -29.10 -20.58
CA TRP A 437 -2.09 -29.66 -20.74
C TRP A 437 -1.58 -30.18 -19.39
N ASP A 438 -1.84 -29.40 -18.33
CA ASP A 438 -1.14 -29.59 -17.06
C ASP A 438 -1.90 -28.80 -16.00
N ILE A 439 -2.97 -29.41 -15.49
CA ILE A 439 -3.86 -28.75 -14.54
C ILE A 439 -3.11 -28.21 -13.31
N ASP A 440 -2.05 -28.91 -12.89
CA ASP A 440 -1.31 -28.52 -11.71
C ASP A 440 -0.53 -27.23 -11.95
N LEU A 441 -0.04 -27.07 -13.17
CA LEU A 441 0.65 -25.86 -13.53
C LEU A 441 -0.34 -24.70 -13.47
N ALA A 442 -1.55 -24.91 -14.00
CA ALA A 442 -2.52 -23.83 -14.09
C ALA A 442 -2.94 -23.39 -12.67
N LEU A 443 -3.03 -24.36 -11.76
CA LEU A 443 -3.40 -24.06 -10.38
C LEU A 443 -2.30 -23.25 -9.69
N GLU A 444 -1.05 -23.63 -10.02
CA GLU A 444 0.11 -22.85 -9.63
C GLU A 444 -0.06 -21.39 -10.04
N ILE A 445 -0.53 -21.16 -11.26
CA ILE A 445 -0.56 -19.80 -11.76
C ILE A 445 -1.74 -19.09 -11.09
N ILE A 446 -2.82 -19.82 -10.83
CA ILE A 446 -3.94 -19.19 -10.15
C ILE A 446 -3.48 -18.77 -8.77
N LYS A 447 -2.87 -19.70 -8.05
CA LYS A 447 -2.37 -19.45 -6.68
C LYS A 447 -1.46 -18.22 -6.72
N SER A 448 -0.55 -18.15 -7.69
CA SER A 448 0.36 -16.99 -7.75
C SER A 448 -0.45 -15.70 -7.91
N TRP A 449 -1.44 -15.70 -8.78
CA TRP A 449 -2.25 -14.48 -9.00
C TRP A 449 -3.02 -14.12 -7.74
N TYR A 450 -3.61 -15.11 -7.09
CA TYR A 450 -4.42 -14.87 -5.87
C TYR A 450 -3.54 -14.35 -4.73
N ASN A 451 -2.30 -14.81 -4.64
CA ASN A 451 -1.38 -14.34 -3.59
C ASN A 451 -1.06 -12.85 -3.76
N LEU A 452 -1.56 -12.19 -4.80
CA LEU A 452 -1.28 -10.76 -4.90
C LEU A 452 -2.40 -10.00 -4.24
N MET A 453 -3.54 -10.67 -3.97
CA MET A 453 -4.74 -9.94 -3.60
C MET A 453 -4.52 -9.25 -2.25
N ASP A 454 -4.94 -7.98 -2.13
CA ASP A 454 -4.77 -7.20 -0.91
C ASP A 454 -5.92 -7.50 0.08
N GLU A 455 -5.93 -6.77 1.21
CA GLU A 455 -6.83 -7.12 2.32
C GLU A 455 -8.29 -6.80 1.96
N ASP A 456 -8.52 -5.91 0.99
CA ASP A 456 -9.87 -5.53 0.56
C ASP A 456 -10.45 -6.52 -0.45
N GLY A 457 -9.59 -7.31 -1.13
CA GLY A 457 -10.02 -8.17 -2.25
C GLY A 457 -9.60 -7.68 -3.65
N TRP A 458 -8.67 -6.72 -3.73
CA TRP A 458 -8.20 -6.21 -5.02
C TRP A 458 -6.93 -6.91 -5.53
N ILE A 459 -6.92 -7.20 -6.84
CA ILE A 459 -5.74 -7.57 -7.60
C ILE A 459 -5.65 -6.59 -8.77
N ALA A 460 -4.50 -5.94 -8.95
CA ALA A 460 -4.33 -5.01 -10.06
C ALA A 460 -4.42 -5.77 -11.38
N ARG A 461 -5.09 -5.13 -12.37
CA ARG A 461 -5.42 -5.75 -13.64
C ARG A 461 -4.13 -6.00 -14.45
N GLU A 462 -3.03 -5.28 -14.11
CA GLU A 462 -1.81 -5.23 -14.91
C GLU A 462 -0.61 -5.25 -13.95
N GLN A 463 0.14 -6.35 -13.95
CA GLN A 463 1.19 -6.57 -12.98
C GLN A 463 2.56 -6.24 -13.61
N ILE A 464 3.13 -5.10 -13.20
CA ILE A 464 4.38 -4.56 -13.67
C ILE A 464 5.34 -4.58 -12.47
N LEU A 465 6.05 -5.71 -12.30
CA LEU A 465 6.81 -6.04 -11.11
C LEU A 465 8.29 -5.76 -11.37
N GLY A 466 8.85 -4.79 -10.61
CA GLY A 466 10.27 -4.51 -10.67
C GLY A 466 10.68 -3.60 -11.82
N ALA A 467 11.89 -3.05 -11.70
CA ALA A 467 12.40 -2.05 -12.62
C ALA A 467 12.56 -2.63 -14.02
N GLU A 468 12.90 -3.93 -14.12
CA GLU A 468 13.04 -4.51 -15.45
C GLU A 468 11.69 -4.39 -16.18
N ALA A 469 10.60 -4.85 -15.55
CA ALA A 469 9.25 -4.78 -16.09
C ALA A 469 8.85 -3.35 -16.44
N ARG A 470 9.18 -2.40 -15.54
CA ARG A 470 8.87 -0.98 -15.69
C ARG A 470 9.57 -0.36 -16.91
N SER A 471 10.73 -0.90 -17.34
CA SER A 471 11.56 -0.28 -18.38
C SER A 471 10.78 -0.20 -19.69
N LYS A 472 9.83 -1.12 -19.84
CA LYS A 472 9.10 -1.39 -21.06
C LYS A 472 7.79 -0.61 -21.10
N VAL A 473 7.56 0.33 -20.16
CA VAL A 473 6.22 0.85 -19.86
C VAL A 473 6.28 2.33 -19.51
N PRO A 474 5.60 3.23 -20.25
CA PRO A 474 5.69 4.67 -19.94
C PRO A 474 5.19 4.93 -18.53
N LYS A 475 5.84 5.88 -17.84
CA LYS A 475 5.64 6.18 -16.43
C LYS A 475 4.16 6.48 -16.13
N GLU A 476 3.49 7.14 -17.08
CA GLU A 476 2.07 7.53 -17.03
C GLU A 476 1.12 6.32 -17.05
N PHE A 477 1.56 5.14 -17.48
CA PHE A 477 0.63 4.03 -17.59
C PHE A 477 1.02 2.96 -16.58
N GLN A 478 1.96 3.28 -15.67
CA GLN A 478 2.36 2.29 -14.68
C GLN A 478 1.37 2.20 -13.51
N THR A 479 0.87 3.34 -13.05
CA THR A 479 0.13 3.42 -11.79
C THR A 479 -1.09 2.50 -11.81
N GLN A 480 -1.17 1.64 -10.79
CA GLN A 480 -2.40 0.85 -10.60
C GLN A 480 -3.33 1.52 -9.59
N TYR A 481 -4.64 1.25 -9.76
CA TYR A 481 -5.70 1.92 -9.04
C TYR A 481 -6.55 0.87 -8.32
N PRO A 482 -6.65 0.94 -6.96
CA PRO A 482 -7.37 -0.11 -6.21
C PRO A 482 -8.87 -0.14 -6.49
N HIS A 483 -9.40 0.84 -7.25
CA HIS A 483 -10.82 0.85 -7.62
C HIS A 483 -11.07 0.23 -9.01
N TYR A 484 -9.99 -0.14 -9.75
CA TYR A 484 -10.11 -0.72 -11.09
C TYR A 484 -10.25 -2.24 -11.07
N ALA A 485 -11.42 -2.76 -11.48
CA ALA A 485 -11.58 -4.19 -11.60
C ALA A 485 -11.11 -4.63 -12.99
N ASN A 486 -11.33 -5.92 -13.30
CA ASN A 486 -11.09 -6.53 -14.60
C ASN A 486 -11.93 -7.80 -14.56
N PRO A 487 -12.39 -8.34 -15.71
CA PRO A 487 -13.21 -9.54 -15.68
C PRO A 487 -12.55 -10.67 -14.89
N PRO A 488 -13.34 -11.36 -14.05
CA PRO A 488 -12.84 -12.47 -13.26
C PRO A 488 -12.81 -13.78 -14.04
N THR A 489 -12.09 -13.77 -15.18
CA THR A 489 -12.06 -14.89 -16.09
C THR A 489 -11.27 -16.06 -15.53
N LEU A 490 -10.45 -15.80 -14.51
CA LEU A 490 -9.81 -16.90 -13.81
C LEU A 490 -10.84 -17.84 -13.17
N PHE A 491 -12.06 -17.38 -12.83
CA PHE A 491 -13.05 -18.33 -12.31
C PHE A 491 -13.41 -19.40 -13.36
N LEU A 492 -13.33 -19.06 -14.66
CA LEU A 492 -13.60 -20.04 -15.70
C LEU A 492 -12.67 -21.24 -15.57
N VAL A 493 -11.38 -20.99 -15.32
CA VAL A 493 -10.43 -22.09 -15.20
C VAL A 493 -10.80 -22.94 -14.01
N LEU A 494 -11.23 -22.27 -12.94
CA LEU A 494 -11.58 -22.96 -11.71
C LEU A 494 -12.76 -23.88 -11.98
N ASP A 495 -13.70 -23.42 -12.81
CA ASP A 495 -14.91 -24.19 -13.14
C ASP A 495 -14.51 -25.47 -13.87
N ASN A 496 -13.45 -25.39 -14.70
CA ASN A 496 -12.99 -26.52 -15.48
C ASN A 496 -12.34 -27.52 -14.53
N PHE A 497 -11.55 -26.97 -13.59
CA PHE A 497 -10.89 -27.78 -12.59
C PHE A 497 -11.92 -28.58 -11.81
N VAL A 498 -13.03 -27.92 -11.43
CA VAL A 498 -14.05 -28.50 -10.56
C VAL A 498 -14.75 -29.67 -11.26
N GLU A 499 -15.14 -29.48 -12.54
CA GLU A 499 -15.75 -30.55 -13.33
C GLU A 499 -14.81 -31.75 -13.35
N ARG A 500 -13.50 -31.49 -13.54
CA ARG A 500 -12.53 -32.56 -13.66
C ARG A 500 -12.38 -33.28 -12.32
N LEU A 501 -12.38 -32.52 -11.23
CA LEU A 501 -12.28 -33.05 -9.88
C LEU A 501 -13.50 -33.92 -9.54
N ARG A 502 -14.69 -33.52 -9.99
CA ARG A 502 -15.91 -34.28 -9.79
C ARG A 502 -15.89 -35.58 -10.61
N LYS A 503 -15.58 -35.52 -11.92
CA LYS A 503 -15.44 -36.72 -12.79
C LYS A 503 -14.01 -37.30 -12.74
N LEU A 517 7.36 -39.18 -13.61
CA LEU A 517 6.91 -38.37 -12.45
C LEU A 517 6.31 -37.05 -12.92
N ASP A 518 6.89 -36.43 -13.96
CA ASP A 518 6.34 -35.20 -14.48
C ASP A 518 4.92 -35.45 -14.97
N GLU A 519 4.67 -36.66 -15.50
CA GLU A 519 3.34 -37.03 -15.98
C GLU A 519 2.36 -37.04 -14.81
N THR A 520 2.71 -37.79 -13.77
CA THR A 520 1.93 -37.95 -12.55
C THR A 520 1.64 -36.58 -11.92
N LEU A 521 2.67 -35.72 -11.84
CA LEU A 521 2.59 -34.42 -11.20
C LEU A 521 1.56 -33.52 -11.90
N SER A 522 1.53 -33.57 -13.24
CA SER A 522 0.73 -32.63 -13.99
C SER A 522 -0.74 -32.82 -13.68
N THR A 523 -1.15 -34.00 -13.18
CA THR A 523 -2.56 -34.21 -12.84
C THR A 523 -2.78 -34.57 -11.36
N ALA A 524 -1.76 -34.39 -10.53
CA ALA A 524 -1.85 -34.77 -9.13
C ALA A 524 -3.04 -34.16 -8.41
N SER A 525 -3.45 -32.93 -8.80
CA SER A 525 -4.45 -32.19 -8.06
C SER A 525 -5.88 -32.62 -8.41
N VAL A 526 -6.03 -33.42 -9.48
CA VAL A 526 -7.33 -33.98 -9.82
C VAL A 526 -7.36 -35.49 -9.49
N ASP A 527 -6.22 -36.18 -9.59
CA ASP A 527 -6.18 -37.61 -9.32
C ASP A 527 -6.23 -37.88 -7.81
N ASN A 528 -5.80 -36.89 -7.01
CA ASN A 528 -5.83 -36.96 -5.57
C ASN A 528 -6.94 -36.03 -5.06
N PRO A 529 -8.18 -36.56 -4.88
CA PRO A 529 -9.33 -35.69 -4.70
C PRO A 529 -9.13 -34.80 -3.48
N GLU A 530 -8.48 -35.37 -2.46
CA GLU A 530 -8.30 -34.64 -1.21
C GLU A 530 -7.26 -33.53 -1.41
N VAL A 531 -6.31 -33.74 -2.31
CA VAL A 531 -5.36 -32.69 -2.63
C VAL A 531 -6.11 -31.53 -3.31
N GLY A 532 -7.01 -31.88 -4.24
CA GLY A 532 -7.87 -30.93 -4.94
C GLY A 532 -8.71 -30.08 -4.00
N LEU A 533 -9.42 -30.75 -3.06
CA LEU A 533 -10.35 -30.04 -2.19
C LEU A 533 -9.55 -29.13 -1.26
N GLU A 534 -8.35 -29.56 -0.89
CA GLU A 534 -7.49 -28.78 0.00
C GLU A 534 -7.02 -27.52 -0.73
N TYR A 535 -6.72 -27.65 -2.03
CA TYR A 535 -6.36 -26.48 -2.82
C TYR A 535 -7.56 -25.54 -2.80
N LEU A 536 -8.73 -26.09 -3.15
CA LEU A 536 -9.90 -25.23 -3.25
C LEU A 536 -10.23 -24.61 -1.88
N ARG A 537 -10.02 -25.35 -0.78
CA ARG A 537 -10.25 -24.88 0.58
C ARG A 537 -9.44 -23.61 0.91
N ARG A 538 -8.13 -23.63 0.62
CA ARG A 538 -7.27 -22.50 0.97
C ARG A 538 -7.53 -21.27 0.09
N LEU A 539 -8.03 -21.48 -1.15
CA LEU A 539 -8.28 -20.43 -2.13
C LEU A 539 -9.65 -19.80 -1.92
N TYR A 540 -10.62 -20.67 -1.55
CA TYR A 540 -12.03 -20.28 -1.41
C TYR A 540 -12.20 -18.94 -0.70
N PRO A 541 -11.58 -18.68 0.48
CA PRO A 541 -11.76 -17.40 1.14
C PRO A 541 -11.38 -16.24 0.23
N LEU A 542 -10.40 -16.46 -0.66
CA LEU A 542 -9.88 -15.35 -1.45
C LEU A 542 -10.83 -15.08 -2.62
N LEU A 543 -11.37 -16.17 -3.18
CA LEU A 543 -12.46 -16.06 -4.14
C LEU A 543 -13.61 -15.27 -3.50
N ARG A 544 -13.99 -15.65 -2.27
CA ARG A 544 -15.11 -14.96 -1.62
C ARG A 544 -14.73 -13.49 -1.39
N ARG A 545 -13.48 -13.26 -0.98
CA ARG A 545 -13.03 -11.89 -0.82
C ARG A 545 -13.23 -11.10 -2.11
N GLN A 546 -12.84 -11.70 -3.26
CA GLN A 546 -12.93 -10.96 -4.51
C GLN A 546 -14.40 -10.68 -4.85
N PHE A 547 -15.28 -11.65 -4.57
CA PHE A 547 -16.69 -11.47 -4.88
C PHE A 547 -17.27 -10.26 -4.14
N ASP A 548 -16.90 -10.14 -2.86
CA ASP A 548 -17.41 -9.11 -1.98
C ASP A 548 -16.85 -7.76 -2.43
N TRP A 549 -15.57 -7.77 -2.87
CA TRP A 549 -14.90 -6.58 -3.34
C TRP A 549 -15.61 -6.01 -4.57
N PHE A 550 -16.06 -6.91 -5.46
CA PHE A 550 -16.83 -6.50 -6.64
C PHE A 550 -18.10 -5.79 -6.19
N ARG A 551 -18.77 -6.39 -5.17
CA ARG A 551 -20.07 -5.91 -4.69
C ARG A 551 -19.92 -4.59 -3.92
N LYS A 552 -18.79 -4.37 -3.25
CA LYS A 552 -18.55 -3.14 -2.53
C LYS A 552 -18.01 -2.06 -3.50
N THR A 553 -17.16 -2.43 -4.47
CA THR A 553 -16.45 -1.34 -5.17
C THR A 553 -17.08 -1.04 -6.53
N GLN A 554 -17.69 -2.05 -7.16
CA GLN A 554 -18.28 -1.86 -8.49
C GLN A 554 -19.82 -1.90 -8.47
N ALA A 555 -20.46 -1.39 -7.40
CA ALA A 555 -21.91 -1.45 -7.23
C ALA A 555 -22.61 -0.40 -8.10
N GLY A 556 -23.73 -0.78 -8.74
CA GLY A 556 -24.52 0.25 -9.40
C GLY A 556 -25.64 0.79 -8.52
N ASP A 557 -26.27 1.86 -8.97
CA ASP A 557 -27.29 2.51 -8.17
C ASP A 557 -28.69 2.20 -8.70
N ILE A 558 -29.41 1.32 -7.98
CA ILE A 558 -30.83 1.09 -8.23
C ILE A 558 -31.69 2.06 -7.40
N LYS A 559 -31.42 2.14 -6.08
CA LYS A 559 -32.42 2.54 -5.09
C LYS A 559 -32.75 4.04 -5.19
N SER A 560 -32.02 4.81 -6.01
CA SER A 560 -32.19 6.26 -5.91
C SER A 560 -32.64 6.91 -7.23
N TYR A 561 -33.07 6.09 -8.20
CA TYR A 561 -33.71 6.64 -9.40
C TYR A 561 -35.10 6.02 -9.48
N ASP A 562 -35.88 6.32 -10.53
CA ASP A 562 -37.14 5.62 -10.82
C ASP A 562 -36.86 4.25 -11.45
N ARG A 563 -36.39 3.31 -10.62
CA ARG A 563 -35.91 2.02 -11.10
C ARG A 563 -36.63 0.91 -10.35
N GLU A 564 -37.27 0.02 -11.12
CA GLU A 564 -38.04 -1.09 -10.60
C GLU A 564 -37.35 -2.37 -11.04
N ALA A 565 -37.17 -3.30 -10.10
CA ALA A 565 -36.55 -4.57 -10.43
C ALA A 565 -36.82 -5.54 -9.28
N TYR A 566 -36.87 -6.81 -9.62
CA TYR A 566 -36.96 -7.89 -8.65
C TYR A 566 -36.06 -7.66 -7.44
N SER A 567 -34.76 -7.35 -7.64
CA SER A 567 -33.83 -7.12 -6.54
C SER A 567 -33.47 -5.64 -6.42
N THR A 568 -33.22 -5.18 -5.20
CA THR A 568 -32.79 -3.80 -4.93
C THR A 568 -31.26 -3.74 -4.85
N LYS A 569 -30.65 -4.93 -4.76
CA LYS A 569 -29.22 -5.13 -4.56
C LYS A 569 -28.46 -5.20 -5.89
N GLU A 570 -28.88 -6.11 -6.80
CA GLU A 570 -28.05 -6.53 -7.92
C GLU A 570 -27.99 -5.48 -9.05
N ALA A 571 -26.84 -4.85 -9.21
CA ALA A 571 -26.64 -3.77 -10.17
C ALA A 571 -25.18 -3.33 -10.14
N TYR A 572 -24.54 -3.23 -11.31
CA TYR A 572 -23.10 -3.03 -11.27
C TYR A 572 -22.64 -2.03 -12.30
N ARG A 573 -21.62 -1.25 -11.93
CA ARG A 573 -21.03 -0.32 -12.86
C ARG A 573 -19.52 -0.31 -12.65
N TRP A 574 -18.79 -0.61 -13.73
CA TRP A 574 -17.34 -0.57 -13.84
C TRP A 574 -16.85 0.80 -13.43
N ARG A 575 -15.97 0.86 -12.44
CA ARG A 575 -15.32 2.12 -12.10
C ARG A 575 -14.23 2.29 -13.15
N GLY A 576 -13.91 3.55 -13.47
CA GLY A 576 -12.71 3.90 -14.21
C GLY A 576 -13.01 4.35 -15.65
N ARG A 577 -14.21 4.81 -15.86
CA ARG A 577 -14.61 5.02 -17.23
C ARG A 577 -14.28 6.46 -17.62
N THR A 578 -13.75 6.65 -18.84
CA THR A 578 -13.55 7.98 -19.39
C THR A 578 -14.59 8.21 -20.49
N VAL A 579 -14.58 9.42 -21.10
CA VAL A 579 -15.58 9.80 -22.10
C VAL A 579 -15.64 8.71 -23.18
N SER A 580 -14.49 8.19 -23.62
CA SER A 580 -14.53 7.29 -24.78
C SER A 580 -14.12 5.86 -24.43
N HIS A 581 -13.75 5.59 -23.18
CA HIS A 581 -13.11 4.33 -22.84
C HIS A 581 -13.79 3.68 -21.64
N CYS A 582 -13.65 2.36 -21.55
CA CYS A 582 -13.86 1.63 -20.30
C CYS A 582 -12.85 0.49 -20.19
N LEU A 583 -11.62 0.84 -19.79
CA LEU A 583 -10.46 -0.03 -19.83
C LEU A 583 -10.66 -1.23 -18.92
N THR A 584 -11.34 -1.00 -17.78
CA THR A 584 -11.42 -2.04 -16.75
C THR A 584 -12.32 -3.18 -17.23
N SER A 585 -13.22 -2.89 -18.17
CA SER A 585 -14.10 -3.94 -18.69
C SER A 585 -13.32 -4.92 -19.58
N GLY A 586 -12.13 -4.50 -20.08
CA GLY A 586 -11.43 -5.32 -21.05
C GLY A 586 -11.80 -4.94 -22.48
N LEU A 587 -12.97 -4.33 -22.69
CA LEU A 587 -13.32 -3.97 -24.05
C LEU A 587 -13.14 -2.46 -24.22
N ASP A 588 -11.88 -2.06 -24.42
CA ASP A 588 -11.41 -0.70 -24.23
C ASP A 588 -12.44 0.34 -24.68
N ASP A 589 -12.83 0.28 -25.96
CA ASP A 589 -13.47 1.43 -26.58
C ASP A 589 -14.83 1.00 -27.15
N TYR A 590 -15.29 -0.16 -26.70
CA TYR A 590 -16.65 -0.52 -27.08
C TYR A 590 -17.56 0.58 -26.57
N PRO A 591 -18.56 1.00 -27.38
CA PRO A 591 -19.39 2.17 -27.07
C PRO A 591 -20.26 1.89 -25.86
N ARG A 592 -20.28 2.86 -24.93
CA ARG A 592 -21.05 2.83 -23.70
C ARG A 592 -21.96 4.06 -23.65
N PRO A 593 -22.89 4.20 -22.68
CA PRO A 593 -23.74 5.40 -22.63
C PRO A 593 -22.84 6.63 -22.64
N GLN A 594 -23.23 7.62 -23.46
CA GLN A 594 -22.66 8.97 -23.48
C GLN A 594 -23.66 9.89 -22.81
N PRO A 595 -23.23 10.82 -21.92
CA PRO A 595 -21.88 10.79 -21.35
C PRO A 595 -21.85 9.75 -20.23
N PRO A 596 -20.66 9.36 -19.71
CA PRO A 596 -20.60 8.39 -18.63
C PRO A 596 -21.34 9.04 -17.46
N HIS A 597 -21.80 8.20 -16.52
CA HIS A 597 -22.77 8.71 -15.59
C HIS A 597 -22.82 7.79 -14.38
N PRO A 598 -22.94 8.32 -13.14
CA PRO A 598 -22.97 7.49 -11.93
C PRO A 598 -24.14 6.52 -11.90
N GLY A 599 -25.17 6.75 -12.73
CA GLY A 599 -26.27 5.80 -12.77
C GLY A 599 -26.13 4.72 -13.86
N GLU A 600 -24.99 4.71 -14.57
CA GLU A 600 -24.73 3.69 -15.56
C GLU A 600 -24.89 2.32 -14.92
N LEU A 601 -25.37 1.35 -15.70
CA LEU A 601 -25.24 -0.07 -15.35
C LEU A 601 -24.73 -0.83 -16.56
N HIS A 602 -23.79 -1.76 -16.32
CA HIS A 602 -23.13 -2.44 -17.40
C HIS A 602 -23.46 -3.93 -17.33
N VAL A 603 -24.05 -4.46 -18.41
CA VAL A 603 -24.61 -5.81 -18.38
C VAL A 603 -23.48 -6.84 -18.37
N ASP A 604 -22.34 -6.50 -19.03
CA ASP A 604 -21.20 -7.41 -18.97
C ASP A 604 -20.74 -7.62 -17.53
N LEU A 605 -20.60 -6.52 -16.76
CA LEU A 605 -20.19 -6.61 -15.37
C LEU A 605 -21.15 -7.48 -14.54
N MET A 606 -22.49 -7.30 -14.66
CA MET A 606 -23.41 -8.11 -13.89
C MET A 606 -23.25 -9.59 -14.22
N SER A 607 -23.06 -9.90 -15.52
CA SER A 607 -22.82 -11.26 -15.99
C SER A 607 -21.57 -11.87 -15.34
N TRP A 608 -20.49 -11.07 -15.23
CA TRP A 608 -19.26 -11.57 -14.63
C TRP A 608 -19.53 -11.97 -13.17
N VAL A 609 -20.34 -11.16 -12.48
CA VAL A 609 -20.72 -11.45 -11.10
C VAL A 609 -21.53 -12.75 -11.06
N GLY A 610 -22.33 -12.97 -12.11
CA GLY A 610 -23.10 -14.19 -12.24
C GLY A 610 -22.17 -15.38 -12.40
N VAL A 611 -21.10 -15.16 -13.20
CA VAL A 611 -20.10 -16.19 -13.36
C VAL A 611 -19.53 -16.55 -11.99
N MET A 612 -19.21 -15.52 -11.20
CA MET A 612 -18.57 -15.71 -9.91
C MET A 612 -19.51 -16.42 -8.92
N VAL A 613 -20.80 -16.01 -8.83
CA VAL A 613 -21.68 -16.70 -7.88
C VAL A 613 -21.70 -18.19 -8.20
N LYS A 614 -21.89 -18.52 -9.48
CA LYS A 614 -22.06 -19.90 -9.88
C LYS A 614 -20.87 -20.72 -9.44
N SER A 615 -19.67 -20.10 -9.47
CA SER A 615 -18.43 -20.78 -9.17
C SER A 615 -18.36 -21.01 -7.67
N LEU A 616 -18.76 -19.97 -6.91
CA LEU A 616 -18.78 -20.01 -5.46
C LEU A 616 -19.79 -21.05 -4.94
N ILE A 617 -20.93 -21.23 -5.64
CA ILE A 617 -21.85 -22.31 -5.36
C ILE A 617 -21.15 -23.68 -5.48
N SER A 618 -20.57 -24.00 -6.64
CA SER A 618 -19.86 -25.27 -6.80
C SER A 618 -18.81 -25.49 -5.71
N ILE A 619 -17.97 -24.48 -5.47
CA ILE A 619 -16.79 -24.71 -4.65
C ILE A 619 -17.22 -24.75 -3.18
N GLY A 620 -18.09 -23.80 -2.82
CA GLY A 620 -18.80 -23.79 -1.54
C GLY A 620 -19.45 -25.14 -1.23
N SER A 621 -20.19 -25.71 -2.18
CA SER A 621 -20.79 -27.01 -1.98
C SER A 621 -19.71 -28.04 -1.70
N LEU A 622 -18.66 -28.08 -2.51
CA LEU A 622 -17.58 -29.05 -2.34
C LEU A 622 -17.00 -28.93 -0.92
N LEU A 623 -17.09 -27.74 -0.30
CA LEU A 623 -16.47 -27.51 0.99
C LEU A 623 -17.49 -27.58 2.14
N GLY A 624 -18.79 -27.65 1.83
CA GLY A 624 -19.85 -27.66 2.82
C GLY A 624 -20.00 -26.32 3.54
N ALA A 625 -19.84 -25.21 2.80
CA ALA A 625 -20.08 -23.90 3.42
C ALA A 625 -21.55 -23.52 3.23
N THR A 626 -22.40 -24.32 3.90
CA THR A 626 -23.84 -24.38 3.73
C THR A 626 -24.47 -22.99 3.78
N GLU A 627 -24.00 -22.17 4.72
CA GLU A 627 -24.54 -20.85 4.96
C GLU A 627 -24.22 -19.92 3.79
N ASP A 628 -22.99 -20.07 3.26
CA ASP A 628 -22.49 -19.31 2.14
C ASP A 628 -23.27 -19.68 0.87
N VAL A 629 -23.48 -20.98 0.64
CA VAL A 629 -24.17 -21.47 -0.54
C VAL A 629 -25.59 -20.90 -0.63
N GLU A 630 -26.26 -20.68 0.51
CA GLU A 630 -27.62 -20.15 0.48
C GLU A 630 -27.63 -18.68 0.06
N PHE A 631 -26.67 -17.91 0.57
CA PHE A 631 -26.51 -16.51 0.18
C PHE A 631 -26.29 -16.43 -1.34
N TYR A 632 -25.28 -17.15 -1.84
CA TYR A 632 -24.99 -17.20 -3.25
C TYR A 632 -26.25 -17.54 -4.04
N THR A 633 -26.98 -18.56 -3.60
CA THR A 633 -28.16 -19.02 -4.30
C THR A 633 -29.14 -17.87 -4.52
N LYS A 634 -29.33 -17.02 -3.48
CA LYS A 634 -30.26 -15.91 -3.57
C LYS A 634 -29.69 -14.80 -4.45
N VAL A 635 -28.36 -14.56 -4.39
CA VAL A 635 -27.73 -13.58 -5.28
C VAL A 635 -27.93 -14.01 -6.75
N LEU A 636 -27.74 -15.28 -7.04
CA LEU A 636 -27.89 -15.76 -8.42
C LEU A 636 -29.33 -15.53 -8.93
N ASP A 637 -30.30 -16.06 -8.17
CA ASP A 637 -31.70 -15.89 -8.49
C ASP A 637 -31.96 -14.40 -8.78
N ALA A 638 -31.37 -13.50 -7.97
CA ALA A 638 -31.59 -12.07 -8.14
C ALA A 638 -30.95 -11.55 -9.45
N ILE A 639 -29.74 -12.02 -9.75
CA ILE A 639 -29.05 -11.56 -10.95
C ILE A 639 -29.83 -12.02 -12.18
N GLU A 640 -30.32 -13.27 -12.13
CA GLU A 640 -31.18 -13.77 -13.19
C GLU A 640 -32.34 -12.82 -13.47
N HIS A 641 -33.10 -12.40 -12.42
CA HIS A 641 -34.25 -11.55 -12.67
C HIS A 641 -33.79 -10.19 -13.15
N ASN A 642 -32.73 -9.68 -12.49
CA ASN A 642 -32.30 -8.30 -12.66
C ASN A 642 -31.62 -8.09 -14.02
N LEU A 643 -30.98 -9.13 -14.55
CA LEU A 643 -30.48 -9.05 -15.93
C LEU A 643 -31.61 -8.66 -16.87
N ASP A 644 -32.76 -9.35 -16.71
CA ASP A 644 -33.94 -9.02 -17.51
C ASP A 644 -34.49 -7.64 -17.14
N ASP A 645 -34.71 -7.38 -15.83
CA ASP A 645 -35.49 -6.21 -15.46
C ASP A 645 -34.70 -4.95 -15.79
N LEU A 646 -33.36 -5.01 -15.71
CA LEU A 646 -32.58 -3.79 -15.91
C LEU A 646 -31.94 -3.74 -17.31
N HIS A 647 -31.77 -4.88 -17.98
CA HIS A 647 -30.88 -4.86 -19.14
C HIS A 647 -31.52 -5.42 -20.41
N TRP A 648 -32.60 -6.22 -20.32
CA TRP A 648 -33.25 -6.77 -21.50
C TRP A 648 -34.00 -5.69 -22.28
N SER A 649 -33.74 -5.61 -23.60
CA SER A 649 -34.51 -4.71 -24.44
C SER A 649 -35.42 -5.52 -25.36
N GLU A 650 -36.74 -5.43 -25.09
CA GLU A 650 -37.70 -6.13 -25.94
C GLU A 650 -37.64 -5.54 -27.35
N LYS A 651 -37.60 -4.20 -27.48
CA LYS A 651 -37.58 -3.47 -28.74
C LYS A 651 -36.43 -3.94 -29.64
N GLU A 652 -35.25 -4.24 -29.05
CA GLU A 652 -34.05 -4.46 -29.84
C GLU A 652 -33.72 -5.96 -29.95
N GLY A 653 -34.32 -6.77 -29.08
CA GLY A 653 -34.03 -8.19 -29.07
C GLY A 653 -32.64 -8.57 -28.52
N CYS A 654 -32.10 -7.79 -27.58
CA CYS A 654 -30.81 -8.13 -26.97
C CYS A 654 -30.64 -7.41 -25.63
N TYR A 655 -29.55 -7.76 -24.90
CA TYR A 655 -29.22 -7.08 -23.65
C TYR A 655 -28.56 -5.74 -23.94
N CYS A 656 -28.78 -4.77 -23.04
CA CYS A 656 -28.14 -3.46 -23.19
C CYS A 656 -27.62 -2.96 -21.83
N ASP A 657 -26.53 -2.18 -21.86
CA ASP A 657 -26.17 -1.30 -20.77
C ASP A 657 -27.29 -0.29 -20.57
N ALA A 658 -27.33 0.36 -19.39
CA ALA A 658 -28.37 1.31 -19.05
C ALA A 658 -27.73 2.58 -18.47
N THR A 659 -28.42 3.73 -18.54
CA THR A 659 -27.98 4.91 -17.82
C THR A 659 -29.18 5.56 -17.11
N ILE A 660 -29.01 6.84 -16.78
CA ILE A 660 -30.20 7.61 -16.52
C ILE A 660 -30.12 8.86 -17.39
N ASP A 661 -31.24 9.15 -18.05
CA ASP A 661 -31.62 10.30 -18.88
C ASP A 661 -31.26 11.65 -18.28
N GLU A 662 -31.29 12.67 -19.15
CA GLU A 662 -31.37 14.09 -18.83
C GLU A 662 -32.63 14.35 -18.00
N PHE A 663 -33.66 13.55 -18.20
CA PHE A 663 -34.91 13.71 -17.49
C PHE A 663 -34.88 12.89 -16.19
N GLU A 664 -33.78 12.19 -15.91
CA GLU A 664 -33.55 11.40 -14.69
C GLU A 664 -34.23 10.02 -14.72
N GLU A 665 -34.62 9.54 -15.90
CA GLU A 665 -35.24 8.21 -15.96
C GLU A 665 -34.22 7.19 -16.50
N HIS A 666 -34.40 5.92 -16.09
CA HIS A 666 -33.69 4.77 -16.61
C HIS A 666 -33.82 4.67 -18.13
N LYS A 667 -32.69 4.61 -18.85
CA LYS A 667 -32.71 4.43 -20.30
C LYS A 667 -31.78 3.29 -20.63
N LEU A 668 -32.21 2.37 -21.51
CA LEU A 668 -31.30 1.42 -22.13
C LEU A 668 -30.56 2.14 -23.25
N VAL A 669 -29.26 1.81 -23.39
CA VAL A 669 -28.46 2.27 -24.52
C VAL A 669 -27.90 1.03 -25.23
N CYS A 670 -28.44 0.75 -26.43
CA CYS A 670 -28.17 -0.52 -27.09
C CYS A 670 -27.14 -0.38 -28.21
N HIS A 671 -26.11 -1.20 -28.17
CA HIS A 671 -25.05 -1.12 -29.17
C HIS A 671 -24.70 -2.56 -29.45
N LYS A 672 -25.15 -3.06 -30.59
CA LYS A 672 -25.24 -4.49 -30.80
C LYS A 672 -23.84 -5.02 -31.07
N GLY A 673 -23.44 -5.97 -30.25
CA GLY A 673 -22.11 -6.51 -30.34
C GLY A 673 -21.87 -7.39 -29.13
N TYR A 674 -20.59 -7.56 -28.77
CA TYR A 674 -20.22 -8.51 -27.75
C TYR A 674 -21.02 -8.28 -26.47
N ILE A 675 -21.07 -7.03 -26.04
CA ILE A 675 -21.68 -6.63 -24.79
C ILE A 675 -23.10 -7.22 -24.77
N SER A 676 -23.78 -7.20 -25.93
CA SER A 676 -25.20 -7.50 -26.11
C SER A 676 -25.51 -8.96 -25.80
N LEU A 677 -24.49 -9.82 -25.99
CA LEU A 677 -24.65 -11.28 -25.87
C LEU A 677 -24.15 -11.75 -24.52
N PHE A 678 -23.76 -10.82 -23.63
CA PHE A 678 -23.02 -11.21 -22.43
C PHE A 678 -23.69 -12.31 -21.60
N PRO A 679 -24.97 -12.21 -21.19
CA PRO A 679 -25.60 -13.27 -20.40
C PRO A 679 -25.49 -14.65 -21.06
N PHE A 680 -25.52 -14.65 -22.41
CA PHE A 680 -25.28 -15.84 -23.19
C PHE A 680 -23.82 -16.30 -23.06
N LEU A 681 -22.84 -15.42 -23.31
CA LEU A 681 -21.44 -15.88 -23.37
C LEU A 681 -21.00 -16.45 -22.03
N THR A 682 -21.58 -15.94 -20.94
CA THR A 682 -21.13 -16.24 -19.58
C THR A 682 -21.91 -17.41 -18.97
N GLY A 683 -22.80 -18.02 -19.78
CA GLY A 683 -23.46 -19.28 -19.43
C GLY A 683 -24.65 -19.15 -18.47
N LEU A 684 -25.40 -18.03 -18.54
CA LEU A 684 -26.38 -17.64 -17.52
C LEU A 684 -27.83 -17.93 -17.98
N LEU A 685 -28.04 -18.18 -19.28
CA LEU A 685 -29.39 -18.34 -19.80
C LEU A 685 -29.76 -19.83 -19.82
N LYS A 686 -31.02 -20.12 -19.49
CA LYS A 686 -31.53 -21.48 -19.60
C LYS A 686 -31.63 -21.82 -21.11
N PRO A 687 -31.31 -23.09 -21.50
CA PRO A 687 -31.35 -23.49 -22.91
C PRO A 687 -32.66 -23.32 -23.70
N ASP A 688 -33.78 -23.10 -22.97
CA ASP A 688 -35.10 -23.00 -23.57
C ASP A 688 -35.49 -21.54 -23.65
N SER A 689 -34.56 -20.64 -23.33
CA SER A 689 -34.93 -19.26 -23.09
C SER A 689 -35.25 -18.56 -24.41
N PRO A 690 -36.46 -17.96 -24.56
CA PRO A 690 -36.76 -17.15 -25.73
C PRO A 690 -35.73 -16.05 -25.99
N LYS A 691 -35.14 -15.55 -24.90
CA LYS A 691 -34.17 -14.47 -25.05
C LYS A 691 -32.94 -15.04 -25.74
N LEU A 692 -32.43 -16.18 -25.24
CA LEU A 692 -31.35 -16.92 -25.88
C LEU A 692 -31.61 -17.03 -27.40
N GLY A 693 -32.79 -17.56 -27.77
CA GLY A 693 -33.19 -17.70 -29.16
C GLY A 693 -33.02 -16.40 -29.96
N LYS A 694 -33.42 -15.26 -29.36
CA LYS A 694 -33.30 -13.97 -30.02
C LYS A 694 -31.82 -13.60 -30.24
N LEU A 695 -30.97 -14.02 -29.29
CA LEU A 695 -29.55 -13.74 -29.32
C LEU A 695 -28.89 -14.61 -30.38
N LEU A 696 -29.43 -15.84 -30.57
CA LEU A 696 -28.88 -16.73 -31.58
C LEU A 696 -29.15 -16.13 -32.95
N ALA A 697 -30.30 -15.46 -33.07
CA ALA A 697 -30.59 -14.77 -34.32
C ALA A 697 -29.62 -13.60 -34.54
N LEU A 698 -29.33 -12.87 -33.46
CA LEU A 698 -28.40 -11.74 -33.56
C LEU A 698 -27.03 -12.31 -33.89
N ILE A 699 -26.64 -13.39 -33.20
CA ILE A 699 -25.33 -13.98 -33.45
C ILE A 699 -25.18 -14.40 -34.91
N GLY A 700 -26.24 -15.00 -35.50
CA GLY A 700 -26.12 -15.57 -36.83
C GLY A 700 -26.30 -14.57 -37.98
N ASP A 701 -26.80 -13.36 -37.65
CA ASP A 701 -27.21 -12.36 -38.62
C ASP A 701 -26.01 -11.68 -39.28
N GLU A 702 -25.81 -11.95 -40.58
CA GLU A 702 -24.63 -11.51 -41.29
C GLU A 702 -24.56 -9.98 -41.34
N SER A 703 -25.70 -9.31 -41.20
CA SER A 703 -25.76 -7.87 -41.43
C SER A 703 -25.51 -7.13 -40.12
N GLU A 704 -25.47 -7.88 -39.00
CA GLU A 704 -25.05 -7.43 -37.67
C GLU A 704 -23.65 -7.94 -37.33
N LEU A 705 -23.57 -9.13 -36.72
CA LEU A 705 -22.37 -9.62 -36.06
C LEU A 705 -21.58 -10.64 -36.86
N TRP A 706 -22.21 -11.37 -37.79
CA TRP A 706 -21.64 -12.61 -38.36
C TRP A 706 -20.82 -12.29 -39.61
N SER A 707 -19.50 -12.46 -39.55
CA SER A 707 -18.68 -12.22 -40.72
C SER A 707 -18.17 -13.58 -41.16
N PRO A 708 -17.62 -13.73 -42.38
CA PRO A 708 -17.04 -15.01 -42.77
C PRO A 708 -15.89 -15.38 -41.84
N TYR A 709 -15.41 -14.40 -41.03
CA TYR A 709 -14.16 -14.58 -40.31
C TYR A 709 -14.36 -14.80 -38.80
N GLY A 710 -15.60 -14.74 -38.31
CA GLY A 710 -15.88 -14.75 -36.89
C GLY A 710 -16.92 -13.69 -36.56
N LEU A 711 -17.26 -13.56 -35.26
CA LEU A 711 -18.23 -12.55 -34.87
C LEU A 711 -17.52 -11.20 -34.72
N ARG A 712 -18.13 -10.14 -35.28
CA ARG A 712 -17.71 -8.76 -35.18
C ARG A 712 -17.95 -8.30 -33.74
N SER A 713 -16.95 -7.58 -33.19
CA SER A 713 -17.03 -7.05 -31.84
C SER A 713 -18.26 -6.15 -31.72
N LEU A 714 -18.56 -5.41 -32.80
CA LEU A 714 -19.68 -4.46 -32.90
C LEU A 714 -20.41 -4.67 -34.24
N SER A 715 -21.74 -4.47 -34.26
CA SER A 715 -22.54 -4.60 -35.47
C SER A 715 -22.24 -3.52 -36.51
N LYS A 716 -22.23 -3.95 -37.79
CA LYS A 716 -22.08 -3.08 -38.94
C LYS A 716 -23.19 -2.04 -38.91
N LYS A 717 -24.28 -2.31 -38.18
CA LYS A 717 -25.42 -1.40 -38.15
C LYS A 717 -25.24 -0.30 -37.11
N ASP A 718 -24.43 -0.55 -36.07
CA ASP A 718 -24.14 0.44 -35.06
C ASP A 718 -23.47 1.70 -35.63
N GLU A 719 -23.96 2.86 -35.21
CA GLU A 719 -23.38 4.13 -35.64
C GLU A 719 -21.89 4.25 -35.25
N PHE A 720 -21.38 3.38 -34.37
CA PHE A 720 -19.98 3.48 -33.94
C PHE A 720 -19.08 2.47 -34.65
N TYR A 721 -19.69 1.62 -35.48
CA TYR A 721 -18.92 0.74 -36.36
C TYR A 721 -17.72 1.45 -37.02
N GLY A 722 -16.52 0.89 -36.80
CA GLY A 722 -15.33 1.35 -37.47
C GLY A 722 -15.05 2.83 -37.21
N THR A 723 -15.34 3.32 -36.00
CA THR A 723 -14.98 4.69 -35.69
C THR A 723 -13.82 4.72 -34.68
N ALA A 724 -13.14 5.88 -34.68
CA ALA A 724 -12.10 6.23 -33.73
C ALA A 724 -11.00 5.21 -33.91
N GLU A 725 -10.55 4.61 -32.80
CA GLU A 725 -9.41 3.72 -32.86
C GLU A 725 -9.86 2.33 -33.29
N ASN A 726 -11.16 2.10 -33.22
CA ASN A 726 -11.75 0.92 -33.84
C ASN A 726 -11.14 -0.35 -33.27
N TYR A 727 -10.98 -0.37 -31.96
CA TYR A 727 -10.31 -1.45 -31.28
C TYR A 727 -11.32 -2.58 -31.04
N TRP A 728 -12.46 -2.22 -30.40
CA TRP A 728 -13.53 -3.16 -30.10
C TRP A 728 -14.80 -2.71 -30.82
N ARG A 729 -14.65 -2.04 -31.96
CA ARG A 729 -15.78 -1.45 -32.66
C ARG A 729 -15.95 -2.05 -34.07
N SER A 730 -15.50 -3.30 -34.26
CA SER A 730 -15.76 -4.07 -35.47
C SER A 730 -14.88 -5.30 -35.50
N PRO A 731 -13.58 -5.23 -35.13
CA PRO A 731 -12.68 -6.37 -35.34
C PRO A 731 -13.11 -7.64 -34.60
N VAL A 732 -12.57 -8.78 -35.07
CA VAL A 732 -12.92 -10.09 -34.53
C VAL A 732 -11.86 -10.50 -33.50
N TRP A 733 -12.34 -10.85 -32.30
CA TRP A 733 -11.48 -11.12 -31.15
C TRP A 733 -11.67 -12.59 -30.75
N ILE A 734 -10.55 -13.31 -30.65
CA ILE A 734 -10.66 -14.75 -30.45
C ILE A 734 -11.23 -15.12 -29.08
N ASN A 735 -11.01 -14.30 -28.03
CA ASN A 735 -11.40 -14.70 -26.68
C ASN A 735 -12.93 -14.74 -26.55
N ILE A 736 -13.59 -13.67 -27.03
CA ILE A 736 -15.04 -13.60 -27.01
C ILE A 736 -15.66 -14.62 -27.98
N ASN A 737 -15.06 -14.80 -29.17
CA ASN A 737 -15.50 -15.83 -30.11
C ASN A 737 -15.40 -17.22 -29.47
N TYR A 738 -14.33 -17.46 -28.70
CA TYR A 738 -14.18 -18.74 -27.97
C TYR A 738 -15.34 -18.94 -27.01
N LEU A 739 -15.77 -17.89 -26.30
CA LEU A 739 -16.86 -18.05 -25.35
C LEU A 739 -18.14 -18.35 -26.13
N ALA A 740 -18.36 -17.63 -27.23
CA ALA A 740 -19.49 -17.91 -28.08
C ALA A 740 -19.46 -19.38 -28.48
N ILE A 741 -18.29 -19.88 -28.88
CA ILE A 741 -18.21 -21.21 -29.46
C ILE A 741 -18.55 -22.25 -28.39
N VAL A 742 -18.08 -22.03 -27.16
CA VAL A 742 -18.27 -22.99 -26.09
C VAL A 742 -19.75 -23.05 -25.72
N GLN A 743 -20.42 -21.88 -25.72
CA GLN A 743 -21.82 -21.82 -25.37
C GLN A 743 -22.71 -22.35 -26.48
N LEU A 744 -22.38 -22.07 -27.74
CA LEU A 744 -23.16 -22.66 -28.82
C LEU A 744 -23.10 -24.18 -28.67
N TYR A 745 -21.91 -24.72 -28.38
CA TYR A 745 -21.71 -26.16 -28.29
C TYR A 745 -22.54 -26.76 -27.15
N ASN A 746 -22.73 -25.96 -26.09
CA ASN A 746 -23.50 -26.36 -24.93
C ASN A 746 -24.98 -26.50 -25.28
N ILE A 747 -25.59 -25.48 -25.93
CA ILE A 747 -26.96 -25.58 -26.42
C ILE A 747 -27.03 -26.75 -27.41
N ALA A 748 -26.00 -26.92 -28.22
CA ALA A 748 -26.06 -27.90 -29.29
C ALA A 748 -26.06 -29.35 -28.77
N THR A 749 -25.69 -29.58 -27.49
CA THR A 749 -25.49 -30.96 -27.08
C THR A 749 -26.47 -31.33 -25.96
N GLN A 750 -27.65 -30.72 -26.03
CA GLN A 750 -28.71 -30.90 -25.05
C GLN A 750 -30.04 -30.88 -25.79
N ASP A 751 -31.00 -31.69 -25.32
CA ASP A 751 -32.39 -31.60 -25.73
C ASP A 751 -32.79 -30.12 -25.54
N GLY A 752 -33.44 -29.51 -26.54
CA GLY A 752 -34.05 -28.19 -26.39
C GLY A 752 -34.47 -27.57 -27.73
N PRO A 753 -35.17 -26.42 -27.72
CA PRO A 753 -35.65 -25.80 -28.97
C PRO A 753 -34.62 -25.17 -29.92
N TYR A 754 -33.36 -25.04 -29.48
CA TYR A 754 -32.39 -24.31 -30.28
C TYR A 754 -31.21 -25.21 -30.59
N LYS A 755 -31.33 -26.48 -30.17
CA LYS A 755 -30.32 -27.49 -30.41
C LYS A 755 -29.71 -27.37 -31.81
N GLU A 756 -30.57 -27.41 -32.85
CA GLU A 756 -30.08 -27.57 -34.23
C GLU A 756 -29.55 -26.23 -34.78
N THR A 757 -30.21 -25.09 -34.47
CA THR A 757 -29.65 -23.77 -34.75
C THR A 757 -28.24 -23.63 -34.13
N ALA A 758 -28.11 -23.96 -32.85
CA ALA A 758 -26.82 -23.85 -32.20
C ALA A 758 -25.81 -24.79 -32.85
N ARG A 759 -26.23 -26.00 -33.21
CA ARG A 759 -25.33 -26.95 -33.82
C ARG A 759 -24.79 -26.38 -35.14
N ASP A 760 -25.63 -25.69 -35.93
CA ASP A 760 -25.17 -25.17 -37.20
C ASP A 760 -24.20 -24.00 -36.96
N LEU A 761 -24.54 -23.10 -36.03
CA LEU A 761 -23.71 -21.92 -35.72
C LEU A 761 -22.35 -22.35 -35.14
N TYR A 762 -22.37 -23.32 -34.20
CA TYR A 762 -21.19 -23.89 -33.60
C TYR A 762 -20.24 -24.37 -34.69
N THR A 763 -20.76 -25.21 -35.59
CA THR A 763 -20.01 -25.82 -36.69
C THR A 763 -19.32 -24.74 -37.51
N ARG A 764 -20.10 -23.74 -37.93
CA ARG A 764 -19.63 -22.68 -38.81
C ARG A 764 -18.62 -21.76 -38.10
N LEU A 765 -18.92 -21.36 -36.84
CA LEU A 765 -18.06 -20.42 -36.14
C LEU A 765 -16.74 -21.09 -35.79
N ARG A 766 -16.76 -22.34 -35.31
CA ARG A 766 -15.51 -23.04 -35.05
C ARG A 766 -14.64 -23.00 -36.30
N LYS A 767 -15.29 -23.26 -37.44
CA LYS A 767 -14.63 -23.39 -38.71
C LYS A 767 -14.07 -22.02 -39.09
N ASN A 768 -14.91 -20.97 -39.01
CA ASN A 768 -14.52 -19.63 -39.39
C ASN A 768 -13.30 -19.13 -38.60
N ILE A 769 -13.39 -19.20 -37.26
CA ILE A 769 -12.37 -18.74 -36.34
C ILE A 769 -11.09 -19.53 -36.56
N VAL A 770 -11.18 -20.87 -36.55
CA VAL A 770 -9.96 -21.63 -36.75
C VAL A 770 -9.29 -21.28 -38.08
N GLU A 771 -10.05 -21.25 -39.17
CA GLU A 771 -9.47 -21.04 -40.49
C GLU A 771 -8.85 -19.64 -40.64
N THR A 772 -9.45 -18.62 -40.01
CA THR A 772 -8.89 -17.27 -40.08
C THR A 772 -7.54 -17.19 -39.37
N VAL A 773 -7.49 -17.81 -38.18
CA VAL A 773 -6.27 -17.77 -37.40
C VAL A 773 -5.22 -18.60 -38.13
N TYR A 774 -5.62 -19.78 -38.60
CA TYR A 774 -4.70 -20.63 -39.34
C TYR A 774 -4.14 -19.95 -40.59
N ARG A 775 -5.00 -19.38 -41.47
CA ARG A 775 -4.54 -18.79 -42.73
C ARG A 775 -3.51 -17.70 -42.44
N ASN A 776 -3.76 -16.91 -41.37
CA ASN A 776 -2.89 -15.78 -41.07
C ASN A 776 -1.53 -16.31 -40.64
N TRP A 777 -1.55 -17.38 -39.84
CA TRP A 777 -0.33 -17.99 -39.33
C TRP A 777 0.48 -18.52 -40.49
N GLU A 778 -0.21 -19.19 -41.42
CA GLU A 778 0.42 -19.75 -42.61
C GLU A 778 1.14 -18.62 -43.37
N GLU A 779 0.43 -17.53 -43.63
CA GLU A 779 0.98 -16.45 -44.43
C GLU A 779 2.08 -15.71 -43.67
N THR A 780 1.88 -15.46 -42.35
CA THR A 780 2.69 -14.45 -41.67
C THR A 780 3.64 -15.05 -40.62
N GLY A 781 3.41 -16.31 -40.22
CA GLY A 781 4.08 -16.90 -39.06
C GLY A 781 3.52 -16.47 -37.68
N PHE A 782 2.54 -15.54 -37.65
CA PHE A 782 2.13 -14.92 -36.38
C PHE A 782 0.69 -15.27 -35.97
N ALA A 783 0.50 -15.37 -34.63
CA ALA A 783 -0.80 -15.14 -34.02
C ALA A 783 -1.04 -13.64 -33.95
N TRP A 784 -2.22 -13.17 -34.34
CA TRP A 784 -2.54 -11.75 -34.15
C TRP A 784 -3.57 -11.52 -33.03
N GLU A 785 -3.65 -10.26 -32.60
CA GLU A 785 -4.43 -9.75 -31.48
C GLU A 785 -5.91 -9.74 -31.84
N GLN A 786 -6.19 -9.43 -33.11
CA GLN A 786 -7.57 -9.39 -33.60
C GLN A 786 -7.56 -9.58 -35.11
N TYR A 787 -8.74 -9.80 -35.68
CA TYR A 787 -8.82 -10.05 -37.11
C TYR A 787 -9.88 -9.18 -37.77
N ASN A 788 -9.56 -8.79 -39.00
CA ASN A 788 -10.36 -7.82 -39.73
C ASN A 788 -11.58 -8.52 -40.33
N PRO A 789 -12.83 -8.11 -40.02
CA PRO A 789 -13.99 -8.85 -40.53
C PRO A 789 -14.30 -8.68 -42.02
N GLU A 790 -13.76 -7.64 -42.69
CA GLU A 790 -13.92 -7.48 -44.13
C GLU A 790 -12.89 -8.31 -44.92
N THR A 791 -11.65 -8.42 -44.40
CA THR A 791 -10.57 -8.97 -45.21
C THR A 791 -10.05 -10.25 -44.59
N GLY A 792 -10.33 -10.48 -43.31
CA GLY A 792 -9.81 -11.62 -42.58
C GLY A 792 -8.35 -11.47 -42.16
N LYS A 793 -7.73 -10.31 -42.45
CA LYS A 793 -6.31 -10.12 -42.14
C LYS A 793 -6.12 -9.89 -40.64
N GLY A 794 -5.07 -10.53 -40.11
CA GLY A 794 -4.65 -10.19 -38.76
C GLY A 794 -4.17 -8.73 -38.73
N GLN A 795 -4.54 -8.03 -37.66
CA GLN A 795 -4.15 -6.64 -37.51
C GLN A 795 -3.89 -6.37 -36.03
N ARG A 796 -3.46 -5.14 -35.69
CA ARG A 796 -2.83 -4.82 -34.43
C ARG A 796 -1.64 -5.73 -34.24
N THR A 797 -1.46 -6.15 -32.99
CA THR A 797 -0.23 -6.72 -32.49
C THR A 797 -0.04 -8.18 -32.90
N GLN A 798 1.17 -8.51 -33.35
CA GLN A 798 1.64 -9.86 -33.60
C GLN A 798 2.15 -10.50 -32.30
N HIS A 799 2.50 -11.79 -32.39
CA HIS A 799 3.00 -12.57 -31.27
C HIS A 799 1.99 -12.54 -30.14
N PHE A 800 0.70 -12.49 -30.47
CA PHE A 800 -0.31 -12.40 -29.44
C PHE A 800 -0.69 -13.80 -28.97
N THR A 801 0.15 -14.40 -28.11
CA THR A 801 -0.17 -15.71 -27.57
C THR A 801 -0.02 -15.71 -26.04
N GLY A 802 -0.99 -15.12 -25.32
CA GLY A 802 -2.10 -14.38 -25.89
C GLY A 802 -3.28 -15.30 -26.16
N TRP A 803 -4.51 -14.79 -25.98
CA TRP A 803 -5.68 -15.66 -25.99
C TRP A 803 -5.99 -16.14 -27.41
N THR A 804 -5.30 -15.60 -28.44
CA THR A 804 -5.51 -16.11 -29.76
C THR A 804 -5.28 -17.63 -29.78
N SER A 805 -4.35 -18.09 -28.93
CA SER A 805 -3.99 -19.49 -28.84
C SER A 805 -5.17 -20.38 -28.38
N LEU A 806 -6.30 -19.79 -27.93
CA LEU A 806 -7.48 -20.58 -27.58
C LEU A 806 -7.87 -21.52 -28.73
N VAL A 807 -7.38 -21.14 -29.91
CA VAL A 807 -7.69 -21.84 -31.15
CA VAL A 807 -7.67 -21.83 -31.16
C VAL A 807 -7.34 -23.33 -31.03
N VAL A 808 -6.33 -23.68 -30.23
CA VAL A 808 -5.99 -25.08 -30.05
CA VAL A 808 -5.99 -25.08 -30.05
C VAL A 808 -7.13 -25.80 -29.35
N LYS A 809 -7.76 -25.15 -28.37
CA LYS A 809 -8.87 -25.79 -27.69
C LYS A 809 -10.09 -25.86 -28.60
N ILE A 810 -10.29 -24.83 -29.44
CA ILE A 810 -11.43 -24.83 -30.32
C ILE A 810 -11.32 -26.03 -31.28
N MET A 811 -10.10 -26.30 -31.76
CA MET A 811 -9.90 -27.37 -32.71
C MET A 811 -10.12 -28.72 -32.03
N SER A 812 -9.64 -28.86 -30.78
CA SER A 812 -9.64 -30.16 -30.13
C SER A 812 -11.04 -30.52 -29.63
N GLY A 813 -11.87 -29.50 -29.35
CA GLY A 813 -13.31 -29.66 -29.11
C GLY A 813 -13.68 -30.46 -27.86
N HIS A 814 -14.81 -31.19 -27.95
CA HIS A 814 -15.43 -31.96 -26.87
C HIS A 814 -15.37 -31.17 -25.55
N HIS A 815 -16.21 -30.12 -25.43
CA HIS A 815 -16.23 -29.21 -24.29
C HIS A 815 -16.95 -29.81 -23.05
N GLU B 35 -9.52 41.28 19.70
CA GLU B 35 -10.52 42.44 19.51
C GLU B 35 -10.26 43.65 20.44
N SER B 36 -10.14 43.47 21.76
CA SER B 36 -9.42 44.46 22.55
C SER B 36 -7.94 44.48 22.14
N ILE B 37 -7.34 45.66 22.22
CA ILE B 37 -5.94 45.87 21.92
C ILE B 37 -5.09 44.89 22.75
N LEU B 38 -5.46 44.71 24.02
CA LEU B 38 -4.67 43.88 24.91
C LEU B 38 -4.74 42.42 24.48
N HIS B 39 -5.96 41.90 24.32
CA HIS B 39 -6.18 40.50 24.00
C HIS B 39 -5.47 40.16 22.68
N SER B 40 -5.63 41.07 21.74
CA SER B 40 -5.03 40.94 20.42
C SER B 40 -3.50 40.86 20.56
N GLU B 41 -2.92 41.72 21.44
CA GLU B 41 -1.47 41.80 21.63
C GLU B 41 -0.97 40.51 22.29
N ILE B 42 -1.67 40.06 23.32
CA ILE B 42 -1.26 38.80 23.93
C ILE B 42 -1.31 37.70 22.88
N GLY B 43 -2.35 37.75 22.04
CA GLY B 43 -2.51 36.78 20.96
C GLY B 43 -1.28 36.76 20.05
N ARG B 44 -0.82 37.95 19.63
CA ARG B 44 0.38 38.09 18.79
C ARG B 44 1.61 37.53 19.50
N LEU B 45 1.70 37.68 20.84
CA LEU B 45 2.93 37.32 21.55
C LEU B 45 2.99 35.80 21.74
N ASN B 46 1.81 35.21 21.94
CA ASN B 46 1.67 33.76 22.00
C ASN B 46 2.02 33.12 20.66
N ASN B 47 1.52 33.76 19.60
CA ASN B 47 1.71 33.36 18.22
C ASN B 47 3.22 33.31 17.93
N GLN B 48 3.93 34.41 18.17
CA GLN B 48 5.37 34.48 17.92
C GLN B 48 6.13 33.51 18.83
N SER B 49 5.68 33.38 20.08
N SER B 49 5.71 33.39 20.09
CA SER B 49 6.32 32.51 21.05
CA SER B 49 6.41 32.49 21.00
C SER B 49 6.28 31.05 20.59
C SER B 49 6.32 31.04 20.53
N LEU B 50 5.15 30.63 19.98
CA LEU B 50 4.85 29.21 19.77
C LEU B 50 5.05 28.76 18.31
N LEU B 51 5.32 29.71 17.41
CA LEU B 51 5.38 29.47 15.97
C LEU B 51 6.26 28.26 15.60
N TRP B 52 7.51 28.19 16.10
CA TRP B 52 8.42 27.10 15.79
C TRP B 52 8.34 25.99 16.81
N GLY B 53 8.50 24.74 16.35
CA GLY B 53 8.92 23.70 17.26
C GLY B 53 9.16 22.42 16.48
N PRO B 54 9.45 21.27 17.15
CA PRO B 54 9.56 20.00 16.44
C PRO B 54 8.14 19.44 16.27
N TYR B 55 7.29 20.19 15.56
CA TYR B 55 5.86 19.97 15.56
C TYR B 55 5.44 18.81 14.63
N ARG B 56 6.31 17.80 14.51
CA ARG B 56 6.04 16.68 13.63
C ARG B 56 6.19 15.41 14.46
N PRO B 57 5.26 15.15 15.38
CA PRO B 57 5.42 14.01 16.30
C PRO B 57 5.42 12.66 15.58
N ASN B 58 4.97 12.63 14.31
CA ASN B 58 4.82 11.38 13.56
C ASN B 58 6.19 10.84 13.14
N ILE B 59 7.21 11.72 13.11
CA ILE B 59 8.55 11.24 12.82
C ILE B 59 9.45 11.34 14.07
N TYR B 60 10.52 10.54 14.11
CA TYR B 60 11.59 10.66 15.09
C TYR B 60 12.03 12.10 15.31
N PHE B 61 12.35 12.84 14.26
CA PHE B 61 12.81 14.21 14.47
C PHE B 61 12.71 15.06 13.22
N GLY B 62 12.03 16.21 13.37
CA GLY B 62 11.98 17.22 12.32
C GLY B 62 11.23 18.44 12.86
N THR B 63 11.20 19.52 12.07
CA THR B 63 10.57 20.72 12.57
C THR B 63 9.65 21.29 11.50
N ARG B 64 8.69 22.12 11.94
CA ARG B 64 7.93 23.02 11.07
C ARG B 64 7.36 24.15 11.92
N PRO B 65 6.99 25.30 11.33
CA PRO B 65 6.24 26.31 12.08
C PRO B 65 4.74 26.07 11.96
N ARG B 66 3.94 26.82 12.73
CA ARG B 66 2.51 26.66 12.74
C ARG B 66 1.98 27.41 11.52
N ILE B 67 2.38 26.96 10.33
CA ILE B 67 1.93 27.57 9.09
C ILE B 67 1.71 26.42 8.11
N GLY B 68 0.52 26.42 7.51
CA GLY B 68 0.11 25.42 6.54
C GLY B 68 1.21 25.09 5.52
N LYS B 69 1.65 26.11 4.78
CA LYS B 69 2.57 25.91 3.67
C LYS B 69 3.83 26.68 3.97
N SER B 70 4.91 25.96 4.27
CA SER B 70 6.11 26.62 4.73
C SER B 70 7.25 25.61 4.78
N LEU B 71 8.27 25.96 5.55
CA LEU B 71 9.52 25.23 5.58
C LEU B 71 9.39 24.11 6.60
N MET B 72 9.71 22.85 6.20
CA MET B 72 9.68 21.71 7.11
C MET B 72 11.03 21.00 7.10
N THR B 73 11.41 20.34 8.21
CA THR B 73 12.62 19.54 8.17
C THR B 73 12.33 18.14 8.65
N GLY B 74 13.24 17.19 8.40
CA GLY B 74 13.18 15.82 8.89
C GLY B 74 14.53 15.10 8.84
N LEU B 75 14.71 14.16 9.78
CA LEU B 75 15.95 13.45 10.03
C LEU B 75 15.81 11.97 9.64
N MET B 76 16.76 11.46 8.87
CA MET B 76 16.74 10.02 8.66
C MET B 76 18.17 9.52 8.91
N TRP B 77 18.30 8.25 9.32
CA TRP B 77 19.60 7.64 9.56
C TRP B 77 19.44 6.14 9.36
N GLY B 78 20.54 5.49 8.97
CA GLY B 78 20.52 4.02 9.01
C GLY B 78 21.92 3.49 8.76
N LYS B 79 22.13 2.23 9.18
CA LYS B 79 23.42 1.58 8.97
C LYS B 79 23.49 1.13 7.50
N ILE B 80 24.70 1.01 6.94
CA ILE B 80 24.84 0.43 5.60
C ILE B 80 25.99 -0.59 5.56
N GLU B 81 25.63 -1.84 5.27
CA GLU B 81 26.59 -2.92 5.21
C GLU B 81 26.57 -3.61 3.84
N SER B 82 25.54 -3.36 3.02
CA SER B 82 25.40 -4.11 1.78
C SER B 82 24.73 -3.22 0.74
N TYR B 83 24.54 -3.75 -0.46
CA TYR B 83 24.00 -2.99 -1.56
C TYR B 83 22.48 -2.91 -1.45
N THR B 84 21.89 -3.66 -0.50
CA THR B 84 20.45 -3.80 -0.46
C THR B 84 19.83 -3.61 0.93
N ASP B 85 20.61 -3.24 1.97
CA ASP B 85 20.13 -3.27 3.35
C ASP B 85 19.53 -1.92 3.79
N PHE B 86 20.08 -0.82 3.27
CA PHE B 86 19.74 0.49 3.78
C PHE B 86 18.23 0.70 3.76
N GLN B 87 17.53 0.13 2.78
CA GLN B 87 16.10 0.31 2.62
C GLN B 87 15.36 -0.27 3.84
N HIS B 88 15.94 -1.27 4.50
CA HIS B 88 15.34 -1.93 5.66
C HIS B 88 15.78 -1.29 6.98
N THR B 89 16.91 -0.56 6.96
CA THR B 89 17.50 -0.08 8.21
C THR B 89 17.08 1.37 8.44
N VAL B 90 16.82 2.10 7.34
CA VAL B 90 16.61 3.54 7.44
C VAL B 90 15.44 3.83 8.40
N ARG B 91 15.55 4.93 9.15
CA ARG B 91 14.52 5.37 10.09
C ARG B 91 14.02 6.74 9.66
N TYR B 92 12.70 6.92 9.79
CA TYR B 92 12.10 8.22 9.48
C TYR B 92 10.84 8.41 10.34
N THR B 93 9.74 7.71 9.99
CA THR B 93 8.47 7.77 10.69
C THR B 93 8.56 6.91 11.95
N CYS B 94 7.91 7.39 13.03
CA CYS B 94 7.86 6.65 14.28
C CYS B 94 7.22 5.28 14.13
N GLU B 95 7.87 4.25 14.70
CA GLU B 95 7.31 2.90 14.87
C GLU B 95 7.63 2.40 16.28
N GLN B 96 7.15 1.20 16.62
CA GLN B 96 7.68 0.53 17.80
C GLN B 96 7.63 -0.97 17.58
N ASN B 97 8.79 -1.64 17.64
CA ASN B 97 8.98 -3.06 17.34
C ASN B 97 10.28 -3.52 18.01
N GLU B 98 10.50 -4.85 18.04
CA GLU B 98 11.69 -5.58 18.46
C GLU B 98 12.97 -4.79 18.20
N GLY B 99 13.06 -4.09 17.05
CA GLY B 99 14.29 -3.44 16.60
C GLY B 99 14.52 -2.07 17.23
N MET B 100 13.52 -1.58 17.97
CA MET B 100 13.67 -0.31 18.69
C MET B 100 13.47 -0.55 20.19
N LYS B 101 14.46 -0.17 21.03
CA LYS B 101 14.36 -0.35 22.49
C LYS B 101 13.26 0.57 23.00
N GLY B 102 13.40 1.88 22.69
CA GLY B 102 12.46 2.95 22.99
C GLY B 102 12.98 4.30 22.49
N TYR B 103 12.19 5.36 22.73
CA TYR B 103 12.58 6.74 22.42
C TYR B 103 11.53 7.65 23.06
N GLY B 104 11.87 8.93 23.16
CA GLY B 104 11.01 9.89 23.83
C GLY B 104 11.76 11.17 24.24
N TRP B 105 11.00 12.13 24.77
CA TRP B 105 11.57 13.39 25.22
C TRP B 105 11.89 13.27 26.69
N ASP B 106 13.16 13.51 27.08
CA ASP B 106 13.57 13.35 28.47
C ASP B 106 13.06 14.58 29.21
N GLU B 107 12.97 15.64 28.42
CA GLU B 107 12.55 16.94 28.89
C GLU B 107 12.08 17.73 27.67
N TYR B 108 11.05 18.55 27.86
CA TYR B 108 10.58 19.38 26.79
C TYR B 108 9.62 20.44 27.32
N ASP B 109 9.73 21.62 26.72
CA ASP B 109 8.77 22.68 26.84
C ASP B 109 8.68 23.35 25.47
N PRO B 110 7.46 23.50 24.90
CA PRO B 110 7.25 24.08 23.56
C PRO B 110 7.79 25.49 23.32
N ARG B 111 7.91 26.29 24.39
CA ARG B 111 8.39 27.66 24.26
C ARG B 111 9.91 27.71 24.19
N ARG B 112 10.59 26.66 24.65
CA ARG B 112 12.00 26.77 24.89
C ARG B 112 12.75 25.66 24.15
N GLY B 113 12.15 24.45 24.16
CA GLY B 113 12.77 23.30 23.54
C GLY B 113 12.90 22.12 24.51
N GLY B 114 13.89 21.27 24.24
CA GLY B 114 14.08 20.06 25.01
C GLY B 114 15.04 19.14 24.27
N ILE B 115 15.00 17.87 24.66
CA ILE B 115 15.99 16.88 24.28
C ILE B 115 15.25 15.56 24.20
N GLN B 116 15.49 14.85 23.11
CA GLN B 116 14.83 13.58 22.90
C GLN B 116 15.93 12.55 22.84
N SER B 117 15.64 11.34 23.29
CA SER B 117 16.58 10.24 23.29
C SER B 117 15.97 9.10 22.48
N ILE B 118 16.77 8.49 21.60
CA ILE B 118 16.34 7.39 20.75
C ILE B 118 17.32 6.22 20.94
N HIS B 119 16.82 5.02 21.27
CA HIS B 119 17.61 3.80 21.46
C HIS B 119 17.22 2.79 20.39
N ASP B 120 18.03 2.82 19.33
CA ASP B 120 17.82 2.02 18.14
C ASP B 120 18.68 0.76 18.26
N ILE B 121 18.02 -0.38 18.48
CA ILE B 121 18.72 -1.65 18.59
C ILE B 121 19.23 -2.04 17.20
N GLN B 122 18.36 -1.91 16.19
CA GLN B 122 18.68 -2.42 14.87
C GLN B 122 19.92 -1.72 14.30
N ASN B 123 20.04 -0.39 14.51
CA ASN B 123 21.11 0.36 13.90
C ASN B 123 22.27 0.57 14.88
N GLY B 124 22.15 -0.05 16.07
CA GLY B 124 23.23 -0.11 17.05
C GLY B 124 23.60 1.26 17.59
N LEU B 125 22.61 2.14 17.72
CA LEU B 125 22.86 3.56 17.93
C LEU B 125 21.97 4.11 19.05
N ASP B 126 22.57 4.91 19.93
CA ASP B 126 21.84 5.72 20.90
C ASP B 126 21.99 7.16 20.45
N ILE B 127 20.86 7.83 20.23
CA ILE B 127 20.89 9.12 19.58
C ILE B 127 20.20 10.14 20.49
N THR B 128 20.60 11.39 20.29
CA THR B 128 20.11 12.50 21.07
C THR B 128 19.77 13.63 20.10
N THR B 129 18.55 14.13 20.20
CA THR B 129 18.19 15.28 19.38
C THR B 129 17.90 16.40 20.38
N SER B 130 18.70 17.46 20.34
CA SER B 130 18.50 18.62 21.19
C SER B 130 17.91 19.73 20.33
N PHE B 131 16.87 20.37 20.85
CA PHE B 131 16.20 21.42 20.10
C PHE B 131 16.06 22.62 21.03
N VAL B 132 16.42 23.81 20.53
CA VAL B 132 16.29 25.02 21.33
C VAL B 132 15.75 26.12 20.43
N LYS B 133 14.95 27.00 21.04
CA LYS B 133 14.42 28.20 20.43
C LYS B 133 15.10 29.44 21.00
N ILE B 134 15.29 30.45 20.15
CA ILE B 134 15.98 31.69 20.49
C ILE B 134 15.10 32.80 19.95
N PRO B 135 14.36 33.53 20.82
CA PRO B 135 13.47 34.60 20.37
C PRO B 135 14.31 35.73 19.78
N GLY B 136 13.69 36.51 18.90
CA GLY B 136 14.36 37.51 18.09
C GLY B 136 13.61 37.81 16.79
N GLY B 137 13.33 39.10 16.56
CA GLY B 137 12.77 39.55 15.29
C GLY B 137 11.26 39.39 15.21
N ALA B 138 10.75 39.45 13.96
CA ALA B 138 9.33 39.61 13.69
C ALA B 138 8.66 38.32 13.22
N HIS B 139 9.39 37.20 13.16
CA HIS B 139 8.94 36.06 12.37
C HIS B 139 9.00 34.77 13.19
N GLY B 140 8.89 34.87 14.54
CA GLY B 140 8.84 33.70 15.37
C GLY B 140 10.21 33.22 15.81
N GLY B 141 11.26 34.02 15.53
CA GLY B 141 12.55 33.81 16.18
C GLY B 141 13.37 32.72 15.47
N SER B 142 14.39 32.19 16.15
CA SER B 142 15.32 31.26 15.53
C SER B 142 15.31 29.97 16.32
N TRP B 143 16.04 28.97 15.80
CA TRP B 143 16.15 27.70 16.50
C TRP B 143 17.41 26.96 16.08
N ALA B 144 17.78 25.95 16.85
CA ALA B 144 18.93 25.13 16.56
C ALA B 144 18.67 23.73 17.10
N ALA B 145 19.43 22.74 16.62
CA ALA B 145 19.31 21.36 17.07
C ALA B 145 20.69 20.73 16.99
N ARG B 146 20.99 19.89 17.97
CA ARG B 146 22.20 19.08 17.87
C ARG B 146 21.72 17.66 17.76
N ILE B 147 22.29 16.97 16.77
CA ILE B 147 22.07 15.56 16.52
C ILE B 147 23.34 14.77 16.84
N LYS B 148 23.22 13.87 17.84
CA LYS B 148 24.36 13.14 18.34
C LYS B 148 24.11 11.63 18.30
N GLY B 149 25.00 10.91 17.63
CA GLY B 149 24.92 9.46 17.62
C GLY B 149 26.15 8.79 18.23
N THR B 150 25.87 7.83 19.11
CA THR B 150 26.86 7.07 19.84
C THR B 150 26.51 5.61 19.69
N LEU B 151 27.43 4.82 19.10
CA LEU B 151 27.21 3.40 18.85
C LEU B 151 27.23 2.70 20.20
N ASN B 152 26.32 1.72 20.39
CA ASN B 152 26.21 0.90 21.58
C ASN B 152 27.37 -0.10 21.57
N ASP B 153 27.50 -0.93 22.61
CA ASP B 153 28.67 -1.79 22.75
C ASP B 153 28.62 -2.97 21.76
N ASP B 154 27.40 -3.33 21.33
CA ASP B 154 27.12 -4.47 20.46
C ASP B 154 27.41 -4.19 18.98
N ALA B 155 27.61 -2.93 18.60
CA ALA B 155 27.70 -2.53 17.20
C ALA B 155 29.15 -2.59 16.75
N PRO B 156 29.42 -2.92 15.48
CA PRO B 156 30.79 -2.93 14.96
C PRO B 156 31.38 -1.53 15.01
N LYS B 157 32.55 -1.37 15.64
CA LYS B 157 33.08 -0.07 15.97
C LYS B 157 33.30 0.77 14.69
N ASP B 158 33.34 0.10 13.53
CA ASP B 158 33.63 0.76 12.27
C ASP B 158 32.35 0.88 11.44
N GLN B 159 31.17 0.65 12.05
CA GLN B 159 29.90 0.74 11.36
C GLN B 159 29.76 2.07 10.60
N LYS B 160 29.29 1.96 9.36
CA LYS B 160 29.04 3.17 8.60
C LYS B 160 27.55 3.51 8.73
N THR B 161 27.28 4.74 9.16
CA THR B 161 25.91 5.20 9.34
C THR B 161 25.65 6.33 8.37
N ILE B 162 24.56 6.19 7.61
CA ILE B 162 24.12 7.30 6.76
C ILE B 162 23.14 8.13 7.59
N VAL B 163 23.28 9.44 7.47
CA VAL B 163 22.35 10.38 8.06
C VAL B 163 21.88 11.37 6.99
N VAL B 164 20.56 11.60 6.90
CA VAL B 164 19.99 12.60 6.02
C VAL B 164 19.23 13.64 6.84
N PHE B 165 19.54 14.92 6.56
CA PHE B 165 18.67 16.01 6.92
C PHE B 165 17.94 16.50 5.65
N TYR B 166 16.64 16.28 5.62
CA TYR B 166 15.73 16.60 4.53
C TYR B 166 15.03 17.93 4.82
N VAL B 167 15.04 18.84 3.85
CA VAL B 167 14.41 20.14 4.03
C VAL B 167 13.48 20.37 2.85
N SER B 168 12.29 20.89 3.11
CA SER B 168 11.35 21.18 2.03
C SER B 168 10.68 22.52 2.30
N GLN B 169 10.14 23.15 1.24
CA GLN B 169 9.40 24.40 1.43
C GLN B 169 8.23 24.52 0.45
N GLU B 170 7.05 24.73 1.02
CA GLU B 170 5.85 24.86 0.22
C GLU B 170 5.35 26.32 0.25
N GLY B 171 4.58 26.70 -0.78
CA GLY B 171 3.80 27.92 -0.74
C GLY B 171 4.37 28.94 -1.71
N GLU B 172 3.52 29.87 -2.18
CA GLU B 172 3.88 30.80 -3.24
C GLU B 172 4.90 31.82 -2.73
N ASN B 173 5.66 32.38 -3.69
CA ASN B 173 6.53 33.53 -3.50
C ASN B 173 7.54 33.22 -2.40
N SER B 174 8.35 32.19 -2.65
CA SER B 174 9.20 31.68 -1.60
C SER B 174 10.39 30.94 -2.19
N GLU B 175 11.60 31.34 -1.79
CA GLU B 175 12.81 30.81 -2.39
C GLU B 175 13.54 29.95 -1.36
N LEU B 176 14.41 29.08 -1.89
CA LEU B 176 15.32 28.36 -1.03
C LEU B 176 16.43 27.84 -1.93
N GLU B 177 17.66 27.94 -1.43
CA GLU B 177 18.84 27.79 -2.24
C GLU B 177 20.01 27.35 -1.37
N ALA B 178 20.70 26.28 -1.77
CA ALA B 178 21.91 25.83 -1.11
C ALA B 178 23.09 26.57 -1.75
N VAL B 179 23.96 27.13 -0.90
CA VAL B 179 25.13 27.82 -1.37
C VAL B 179 26.13 26.76 -1.86
N PRO B 180 26.72 26.88 -3.09
CA PRO B 180 27.73 25.93 -3.54
C PRO B 180 28.90 25.82 -2.58
N SER B 181 29.29 24.57 -2.36
CA SER B 181 30.59 24.10 -1.96
C SER B 181 31.73 24.82 -2.69
N GLU B 182 32.90 24.90 -2.05
CA GLU B 182 34.08 25.48 -2.68
C GLU B 182 34.88 24.35 -3.33
N ASN B 183 34.52 23.09 -3.03
CA ASN B 183 35.28 21.90 -3.45
C ASN B 183 34.50 21.11 -4.50
N GLU B 184 35.16 20.06 -5.02
CA GLU B 184 34.78 19.44 -6.29
C GLU B 184 33.49 18.61 -6.14
N PHE B 185 33.47 17.70 -5.14
CA PHE B 185 32.52 16.61 -5.13
C PHE B 185 31.53 16.74 -3.96
N GLY B 186 31.61 17.85 -3.20
CA GLY B 186 30.78 17.99 -2.01
C GLY B 186 31.39 19.02 -1.06
N TYR B 187 30.98 18.96 0.21
CA TYR B 187 31.33 19.99 1.18
C TYR B 187 32.32 19.42 2.19
N GLU B 188 33.35 20.23 2.43
CA GLU B 188 34.31 19.99 3.51
C GLU B 188 33.80 20.65 4.79
N GLY B 189 33.04 21.75 4.63
CA GLY B 189 32.58 22.54 5.76
C GLY B 189 31.08 22.43 6.06
N ASP B 190 30.48 23.61 6.24
CA ASP B 190 29.07 23.75 6.56
C ASP B 190 28.31 23.81 5.24
N VAL B 191 27.09 23.30 5.24
CA VAL B 191 26.14 23.57 4.16
C VAL B 191 25.26 24.68 4.69
N ILE B 192 25.04 25.66 3.82
CA ILE B 192 24.22 26.81 4.08
C ILE B 192 23.07 26.87 3.08
N LEU B 193 21.83 26.84 3.58
CA LEU B 193 20.71 27.18 2.73
C LEU B 193 20.25 28.60 3.09
N LYS B 194 19.96 29.42 2.07
CA LYS B 194 19.33 30.72 2.21
C LYS B 194 17.93 30.67 1.58
N GLY B 195 16.95 31.15 2.35
CA GLY B 195 15.55 31.11 1.96
C GLY B 195 14.84 32.41 2.32
N ARG B 196 13.66 32.57 1.69
CA ARG B 196 12.77 33.70 1.93
C ARG B 196 11.34 33.19 1.84
N SER B 197 10.46 33.61 2.75
CA SER B 197 9.03 33.53 2.42
C SER B 197 8.33 34.74 3.03
N GLU B 198 7.04 34.92 2.70
CA GLU B 198 6.26 35.98 3.30
C GLU B 198 6.17 35.71 4.82
N ALA B 199 5.84 34.47 5.18
CA ALA B 199 5.67 34.13 6.58
C ALA B 199 6.99 34.24 7.35
N LEU B 200 8.12 33.82 6.74
CA LEU B 200 9.33 33.74 7.54
C LEU B 200 10.34 34.88 7.28
N GLY B 201 10.03 35.83 6.37
CA GLY B 201 11.04 36.76 5.83
C GLY B 201 12.31 36.02 5.38
N ASN B 202 13.50 36.63 5.54
CA ASN B 202 14.71 35.96 5.11
C ASN B 202 15.26 35.12 6.24
N TYR B 203 15.98 34.06 5.90
CA TYR B 203 16.50 33.23 6.95
C TYR B 203 17.65 32.42 6.38
N LYS B 204 18.41 31.81 7.28
CA LYS B 204 19.57 31.03 6.95
C LYS B 204 19.39 29.70 7.67
N LEU B 205 19.67 28.61 7.00
CA LEU B 205 19.57 27.29 7.64
C LEU B 205 20.87 26.57 7.36
N VAL B 206 21.62 26.28 8.42
CA VAL B 206 22.97 25.75 8.32
C VAL B 206 22.98 24.31 8.82
N VAL B 207 23.59 23.39 8.03
CA VAL B 207 23.93 22.08 8.55
C VAL B 207 25.45 22.02 8.72
N THR B 208 25.95 21.87 9.95
CA THR B 208 27.36 22.10 10.26
C THR B 208 28.15 20.86 9.86
N LYS B 209 29.48 21.05 9.73
CA LYS B 209 30.39 20.01 9.28
C LYS B 209 30.25 18.78 10.16
N GLY B 210 30.24 19.05 11.47
CA GLY B 210 30.05 18.08 12.54
C GLY B 210 31.38 17.47 12.97
N LYS B 211 31.30 16.57 13.94
CA LYS B 211 32.44 15.87 14.48
C LYS B 211 32.17 14.39 14.16
N GLY B 212 33.24 13.67 13.83
CA GLY B 212 33.28 12.23 13.62
C GLY B 212 34.00 11.89 12.29
N VAL B 213 34.44 10.63 12.20
CA VAL B 213 35.19 10.10 11.08
C VAL B 213 34.30 9.94 9.84
N ILE B 214 34.80 10.48 8.72
CA ILE B 214 34.20 10.35 7.40
C ILE B 214 34.98 9.29 6.61
N PRO B 215 34.38 8.11 6.30
CA PRO B 215 35.13 7.03 5.65
C PRO B 215 35.57 7.48 4.26
N GLN B 216 36.68 6.93 3.80
CA GLN B 216 37.23 7.40 2.53
C GLN B 216 37.32 6.20 1.59
N SER B 217 37.09 6.49 0.30
CA SER B 217 37.17 5.40 -0.68
C SER B 217 38.33 5.60 -1.65
N ASP B 218 39.10 4.52 -1.85
CA ASP B 218 40.15 4.58 -2.87
C ASP B 218 39.74 3.78 -4.12
N HIS B 219 38.45 3.44 -4.22
CA HIS B 219 37.83 2.86 -5.40
C HIS B 219 37.83 3.89 -6.53
N ASP B 220 37.87 3.37 -7.76
CA ASP B 220 37.91 4.20 -8.96
C ASP B 220 36.66 5.07 -9.09
N LEU B 221 35.56 4.69 -8.42
CA LEU B 221 34.35 5.51 -8.42
C LEU B 221 34.63 6.92 -7.87
N SER B 222 35.61 7.00 -6.95
CA SER B 222 36.01 8.23 -6.27
C SER B 222 36.35 9.31 -7.27
N ARG B 223 36.75 8.92 -8.49
CA ARG B 223 37.19 9.88 -9.49
C ARG B 223 35.97 10.64 -9.99
N LEU B 224 34.79 10.03 -9.83
CA LEU B 224 33.57 10.64 -10.34
C LEU B 224 32.72 11.19 -9.18
N ARG B 225 32.86 10.61 -7.98
CA ARG B 225 31.95 10.88 -6.87
C ARG B 225 32.68 11.37 -5.61
N GLY B 226 34.00 11.65 -5.75
CA GLY B 226 34.85 12.08 -4.65
C GLY B 226 35.17 10.92 -3.71
N PRO B 227 36.16 11.07 -2.80
CA PRO B 227 36.52 9.99 -1.86
C PRO B 227 35.47 9.73 -0.78
N GLY B 228 34.52 10.67 -0.64
CA GLY B 228 33.53 10.61 0.42
C GLY B 228 33.44 11.93 1.17
N GLN B 229 32.23 12.50 1.20
CA GLN B 229 32.05 13.85 1.71
C GLN B 229 30.56 14.11 1.89
N THR B 230 30.26 15.19 2.62
CA THR B 230 28.93 15.73 2.76
C THR B 230 28.46 16.19 1.39
N VAL B 231 27.21 15.82 1.03
CA VAL B 231 26.68 16.25 -0.28
C VAL B 231 25.31 16.89 -0.07
N VAL B 232 24.91 17.71 -1.04
CA VAL B 232 23.57 18.27 -1.09
C VAL B 232 22.99 18.06 -2.49
N GLN B 233 21.72 17.60 -2.54
CA GLN B 233 20.91 17.69 -3.76
C GLN B 233 19.72 18.61 -3.53
N SER B 234 19.61 19.61 -4.41
CA SER B 234 18.53 20.58 -4.46
C SER B 234 17.63 20.26 -5.63
N LEU B 235 16.34 20.03 -5.34
CA LEU B 235 15.39 19.46 -6.27
C LEU B 235 14.09 20.24 -6.22
N THR B 236 13.29 20.13 -7.27
CA THR B 236 11.94 20.66 -7.30
C THR B 236 10.96 19.49 -7.46
N TYR B 237 9.99 19.35 -6.56
CA TYR B 237 8.93 18.36 -6.72
C TYR B 237 7.61 19.10 -6.70
N PRO B 238 6.48 18.46 -7.06
CA PRO B 238 5.17 19.09 -6.90
C PRO B 238 4.86 19.15 -5.40
N ASP B 239 4.15 20.21 -4.99
CA ASP B 239 3.78 20.47 -3.60
C ASP B 239 3.15 19.25 -2.91
N GLU B 240 2.40 18.43 -3.66
CA GLU B 240 1.58 17.38 -3.07
C GLU B 240 2.45 16.21 -2.61
N VAL B 241 3.71 16.17 -3.08
CA VAL B 241 4.53 15.04 -2.70
C VAL B 241 5.66 15.43 -1.74
N LEU B 242 5.78 16.72 -1.35
CA LEU B 242 6.89 17.16 -0.46
C LEU B 242 6.96 16.35 0.83
N TRP B 243 5.82 15.85 1.33
CA TRP B 243 5.82 15.14 2.60
C TRP B 243 6.38 13.71 2.44
N GLN B 244 6.38 13.18 1.21
CA GLN B 244 6.82 11.80 0.97
C GLN B 244 8.36 11.79 0.92
N ALA B 245 8.98 12.11 2.05
CA ALA B 245 10.41 12.34 2.10
C ALA B 245 11.22 11.06 1.82
N LYS B 246 10.80 9.93 2.38
CA LYS B 246 11.58 8.72 2.21
C LYS B 246 11.47 8.26 0.76
N PRO B 247 10.26 8.25 0.16
CA PRO B 247 10.15 7.92 -1.26
C PRO B 247 11.00 8.81 -2.14
N ILE B 248 11.14 10.09 -1.77
CA ILE B 248 11.97 11.01 -2.53
C ILE B 248 13.45 10.66 -2.37
N LEU B 249 13.88 10.31 -1.14
CA LEU B 249 15.26 9.91 -0.94
C LEU B 249 15.55 8.67 -1.78
N PHE B 250 14.65 7.68 -1.73
CA PHE B 250 14.91 6.40 -2.36
C PHE B 250 14.99 6.52 -3.89
N GLN B 251 14.21 7.45 -4.43
CA GLN B 251 14.21 7.76 -5.84
C GLN B 251 15.56 8.34 -6.22
N GLN B 252 16.11 9.17 -5.34
CA GLN B 252 17.38 9.81 -5.61
C GLN B 252 18.49 8.77 -5.49
N LEU B 253 18.38 7.86 -4.51
CA LEU B 253 19.43 6.89 -4.33
C LEU B 253 19.44 5.96 -5.54
N LYS B 254 18.24 5.50 -5.94
CA LYS B 254 18.04 4.58 -7.06
C LYS B 254 18.54 5.23 -8.33
N ALA B 255 18.31 6.54 -8.50
CA ALA B 255 18.77 7.20 -9.72
C ALA B 255 20.29 7.26 -9.76
N GLY B 256 20.92 7.46 -8.59
CA GLY B 256 22.36 7.58 -8.48
C GLY B 256 23.04 6.23 -8.69
N ILE B 257 22.26 5.15 -8.55
CA ILE B 257 22.72 3.80 -8.80
C ILE B 257 22.57 3.46 -10.29
N ASP B 258 21.51 3.96 -10.96
CA ASP B 258 21.30 3.70 -12.37
C ASP B 258 22.41 4.33 -13.18
N TRP B 259 22.88 5.47 -12.67
CA TRP B 259 23.90 6.31 -13.28
C TRP B 259 25.24 5.55 -13.39
N LEU B 260 25.43 4.52 -12.57
CA LEU B 260 26.65 3.74 -12.55
C LEU B 260 26.88 3.00 -13.88
N VAL B 261 25.81 2.45 -14.45
CA VAL B 261 25.90 1.62 -15.65
C VAL B 261 26.03 2.48 -16.91
N GLU B 262 26.01 3.82 -16.77
CA GLU B 262 26.12 4.71 -17.91
C GLU B 262 27.38 5.55 -17.81
N ASN B 263 28.27 5.24 -16.84
CA ASN B 263 29.41 6.11 -16.59
C ASN B 263 30.69 5.30 -16.38
N LYS B 264 31.82 5.89 -16.80
CA LYS B 264 33.10 5.24 -17.00
C LYS B 264 33.89 5.23 -15.69
N TYR B 265 33.85 4.08 -15.01
CA TYR B 265 34.80 3.78 -13.93
C TYR B 265 34.96 2.25 -13.92
N ASP B 266 36.00 1.72 -13.26
CA ASP B 266 36.34 0.31 -13.21
C ASP B 266 35.44 -0.43 -12.22
N VAL B 267 34.88 -1.56 -12.67
CA VAL B 267 33.83 -2.26 -11.94
C VAL B 267 34.27 -3.67 -11.63
N ALA B 268 35.59 -3.92 -11.70
CA ALA B 268 36.13 -5.24 -11.36
C ALA B 268 36.02 -5.48 -9.86
N ASP B 269 36.32 -4.44 -9.07
CA ASP B 269 36.26 -4.57 -7.62
C ASP B 269 34.93 -4.00 -7.10
N PRO B 270 34.31 -4.67 -6.09
CA PRO B 270 33.11 -4.14 -5.45
C PRO B 270 33.40 -2.79 -4.81
N PRO B 271 32.61 -1.73 -5.11
CA PRO B 271 32.79 -0.44 -4.44
C PRO B 271 32.20 -0.53 -3.05
N PRO B 272 32.52 0.37 -2.09
CA PRO B 272 31.89 0.31 -0.76
C PRO B 272 30.40 0.64 -0.85
N PRO B 273 29.50 -0.10 -0.16
CA PRO B 273 28.06 0.24 -0.15
C PRO B 273 27.78 1.69 0.22
N TRP B 274 28.47 2.21 1.22
CA TRP B 274 28.22 3.57 1.62
C TRP B 274 28.47 4.54 0.48
N GLN B 275 29.45 4.27 -0.39
CA GLN B 275 29.79 5.21 -1.46
C GLN B 275 28.76 5.10 -2.59
N VAL B 276 28.20 3.92 -2.75
CA VAL B 276 27.25 3.66 -3.83
C VAL B 276 25.91 4.29 -3.48
N TYR B 277 25.66 4.40 -2.16
CA TYR B 277 24.53 5.09 -1.56
C TYR B 277 24.85 6.54 -1.21
N LEU B 278 26.00 7.08 -1.65
CA LEU B 278 26.25 8.50 -1.44
C LEU B 278 25.77 9.32 -2.64
N LEU B 279 24.76 10.17 -2.44
CA LEU B 279 24.23 10.94 -3.57
C LEU B 279 25.32 11.78 -4.22
N ALA B 280 25.12 12.12 -5.49
CA ALA B 280 26.02 13.03 -6.19
C ALA B 280 25.61 14.45 -5.82
N ASN B 281 26.64 15.28 -5.58
CA ASN B 281 26.44 16.63 -5.12
C ASN B 281 25.89 17.49 -6.25
N LYS B 282 24.71 18.08 -5.99
CA LYS B 282 23.98 18.93 -6.91
C LYS B 282 23.27 20.04 -6.16
N PRO B 283 24.01 20.93 -5.45
CA PRO B 283 23.41 22.06 -4.71
C PRO B 283 22.86 23.05 -5.72
N GLY B 284 21.87 23.84 -5.27
CA GLY B 284 21.26 24.90 -6.04
C GLY B 284 19.91 25.28 -5.44
N SER B 285 19.10 25.89 -6.30
CA SER B 285 17.79 26.34 -5.89
C SER B 285 16.81 25.17 -6.06
N GLY B 286 15.82 25.09 -5.18
CA GLY B 286 14.79 24.06 -5.20
C GLY B 286 13.86 24.16 -3.98
N ASN B 287 12.83 23.29 -3.93
CA ASN B 287 11.88 23.27 -2.84
C ASN B 287 12.10 22.00 -2.01
N VAL B 288 13.16 21.25 -2.38
CA VAL B 288 13.62 20.11 -1.62
C VAL B 288 15.15 20.16 -1.61
N HIS B 289 15.73 20.02 -0.41
CA HIS B 289 17.16 19.88 -0.26
C HIS B 289 17.44 18.67 0.64
N ILE B 290 18.27 17.75 0.12
CA ILE B 290 18.67 16.56 0.84
C ILE B 290 20.15 16.76 1.16
N VAL B 291 20.44 16.88 2.46
CA VAL B 291 21.79 17.01 2.95
C VAL B 291 22.17 15.64 3.51
N GLN B 292 23.24 15.06 2.98
CA GLN B 292 23.58 13.70 3.37
C GLN B 292 25.04 13.65 3.85
N LYS B 293 25.26 12.83 4.89
CA LYS B 293 26.53 12.59 5.55
C LYS B 293 26.66 11.09 5.77
N VAL B 294 27.90 10.63 5.68
CA VAL B 294 28.24 9.27 6.06
C VAL B 294 29.32 9.39 7.14
N PHE B 295 29.10 8.65 8.21
CA PHE B 295 29.97 8.68 9.35
C PHE B 295 30.45 7.25 9.61
N GLU B 296 31.69 7.17 10.12
CA GLU B 296 32.21 5.92 10.66
C GLU B 296 32.39 6.10 12.16
N GLY B 297 31.79 5.19 12.95
CA GLY B 297 31.69 5.31 14.39
C GLY B 297 30.74 6.42 14.84
N ASP B 298 31.04 7.03 15.99
CA ASP B 298 30.23 8.06 16.63
C ASP B 298 30.25 9.36 15.81
N PHE B 299 29.18 10.16 15.92
CA PHE B 299 29.06 11.37 15.11
C PHE B 299 28.20 12.37 15.87
N GLU B 300 28.38 13.62 15.50
CA GLU B 300 27.43 14.66 15.85
C GLU B 300 27.51 15.76 14.78
N PHE B 301 26.40 16.46 14.60
CA PHE B 301 26.39 17.71 13.83
C PHE B 301 25.19 18.51 14.32
N ASP B 302 25.14 19.78 13.88
CA ASP B 302 24.19 20.77 14.34
C ASP B 302 23.39 21.30 13.15
N ILE B 303 22.15 21.68 13.43
CA ILE B 303 21.32 22.45 12.51
C ILE B 303 21.10 23.82 13.15
N LEU B 304 21.41 24.88 12.40
CA LEU B 304 21.27 26.23 12.92
C LEU B 304 20.32 27.01 12.02
N PHE B 305 19.19 27.47 12.59
CA PHE B 305 18.23 28.26 11.85
C PHE B 305 18.24 29.69 12.42
N SER B 306 18.65 30.65 11.58
CA SER B 306 18.78 32.05 11.94
C SER B 306 17.76 32.90 11.18
N SER B 307 16.80 33.45 11.91
CA SER B 307 15.80 34.35 11.37
C SER B 307 16.49 35.68 11.07
N GLU B 308 16.36 36.21 9.84
CA GLU B 308 17.14 37.39 9.54
C GLU B 308 16.77 38.57 10.44
N SER B 309 15.48 38.71 10.75
CA SER B 309 14.97 39.85 11.52
C SER B 309 15.43 39.82 12.97
N ALA B 310 16.02 38.71 13.46
CA ALA B 310 16.60 38.64 14.80
C ALA B 310 17.89 39.47 14.89
N GLY B 311 18.38 39.92 13.74
CA GLY B 311 19.55 40.78 13.63
C GLY B 311 20.81 40.12 14.16
N LYS B 312 20.74 38.80 14.38
CA LYS B 312 21.83 38.01 14.94
C LYS B 312 21.76 36.61 14.35
N GLU B 313 22.92 36.01 14.14
CA GLU B 313 23.03 34.67 13.59
C GLU B 313 23.33 33.68 14.72
N VAL B 314 22.62 32.53 14.71
CA VAL B 314 22.73 31.52 15.74
C VAL B 314 23.99 30.70 15.48
N THR B 315 24.73 30.40 16.57
CA THR B 315 25.98 29.67 16.46
C THR B 315 25.84 28.37 17.26
N SER B 316 26.77 27.45 17.01
CA SER B 316 26.85 26.28 17.85
C SER B 316 26.99 26.60 19.34
N LYS B 317 27.68 27.73 19.68
CA LYS B 317 27.95 28.07 21.08
C LYS B 317 26.64 28.57 21.71
N ASP B 318 25.90 29.39 20.96
CA ASP B 318 24.54 29.76 21.27
C ASP B 318 23.67 28.52 21.56
N LEU B 319 23.77 27.49 20.70
CA LEU B 319 23.01 26.27 20.90
C LEU B 319 23.38 25.60 22.21
N GLU B 320 24.70 25.45 22.50
CA GLU B 320 25.15 24.74 23.70
C GLU B 320 24.69 25.48 24.96
N ARG B 321 24.77 26.82 24.91
CA ARG B 321 24.44 27.65 26.05
C ARG B 321 22.94 27.55 26.34
N GLU B 322 22.10 27.58 25.29
CA GLU B 322 20.64 27.62 25.42
C GLU B 322 20.08 26.25 25.85
N VAL B 323 20.67 25.18 25.36
CA VAL B 323 20.26 23.87 25.83
C VAL B 323 20.38 23.84 27.35
N LYS B 324 21.55 24.26 27.88
CA LYS B 324 21.90 24.15 29.30
C LYS B 324 20.94 25.01 30.14
N GLN B 325 20.61 26.20 29.65
CA GLN B 325 19.66 27.14 30.24
C GLN B 325 18.25 26.53 30.28
N ALA B 326 17.73 26.10 29.12
CA ALA B 326 16.40 25.49 29.07
C ALA B 326 16.28 24.31 30.04
N THR B 327 17.34 23.50 30.18
CA THR B 327 17.36 22.38 31.10
C THR B 327 17.18 22.84 32.55
N GLU B 328 17.88 23.92 32.93
CA GLU B 328 17.76 24.51 34.26
C GLU B 328 16.32 25.00 34.46
N VAL B 329 15.78 25.77 33.52
CA VAL B 329 14.44 26.36 33.69
C VAL B 329 13.39 25.24 33.82
N PHE B 330 13.60 24.15 33.08
CA PHE B 330 12.64 23.06 33.03
C PHE B 330 12.56 22.36 34.39
N GLY B 331 13.74 22.09 35.01
CA GLY B 331 13.81 21.47 36.33
C GLY B 331 13.12 22.30 37.42
N GLU B 332 13.32 23.62 37.38
CA GLU B 332 12.71 24.52 38.36
C GLU B 332 11.19 24.49 38.17
N ARG B 333 10.73 24.70 36.91
CA ARG B 333 9.31 24.75 36.58
C ARG B 333 8.61 23.45 37.02
N PHE B 334 9.21 22.30 36.75
CA PHE B 334 8.64 21.01 37.14
C PHE B 334 8.48 20.87 38.65
N ALA B 335 9.44 21.38 39.42
CA ALA B 335 9.44 21.28 40.88
C ALA B 335 8.30 22.14 41.48
N ARG B 336 8.03 23.28 40.88
CA ARG B 336 6.95 24.18 41.28
C ARG B 336 5.59 23.60 40.81
N VAL B 337 5.49 23.10 39.57
CA VAL B 337 4.19 22.83 38.96
C VAL B 337 3.72 21.43 39.31
N PHE B 338 4.63 20.45 39.34
CA PHE B 338 4.30 19.09 39.78
C PHE B 338 5.10 18.75 41.04
N ASP B 339 4.72 19.38 42.18
CA ASP B 339 5.27 19.12 43.50
C ASP B 339 4.77 17.74 43.92
N LEU B 340 5.54 16.69 43.58
CA LEU B 340 5.07 15.34 43.81
C LEU B 340 4.84 15.18 45.31
N LYS B 341 3.85 14.35 45.69
CA LYS B 341 3.54 14.22 47.10
C LYS B 341 3.79 12.78 47.54
N ALA B 342 3.88 12.59 48.87
CA ALA B 342 4.17 11.29 49.44
C ALA B 342 3.14 10.28 48.97
N PRO B 343 3.53 9.02 48.72
CA PRO B 343 4.91 8.57 48.96
C PRO B 343 5.79 8.57 47.72
N PHE B 344 5.60 9.56 46.83
CA PHE B 344 6.31 9.55 45.56
C PHE B 344 7.21 10.77 45.45
N GLN B 345 7.81 11.14 46.59
CA GLN B 345 8.65 12.32 46.66
C GLN B 345 10.07 11.94 46.20
N GLY B 346 10.33 10.62 46.02
CA GLY B 346 11.61 10.06 45.62
C GLY B 346 12.10 10.52 44.25
N ASP B 347 13.43 10.45 44.03
CA ASP B 347 14.06 10.84 42.77
C ASP B 347 13.62 9.90 41.65
N ASN B 348 13.28 8.65 41.99
CA ASN B 348 12.90 7.68 40.98
C ASN B 348 11.57 8.10 40.36
N TYR B 349 10.69 8.67 41.19
CA TYR B 349 9.38 9.14 40.77
C TYR B 349 9.47 10.50 40.08
N LYS B 350 10.36 11.39 40.55
CA LYS B 350 10.59 12.65 39.84
C LYS B 350 10.98 12.35 38.39
N LYS B 351 11.89 11.37 38.19
CA LYS B 351 12.41 11.01 36.87
C LYS B 351 11.25 10.48 36.02
N PHE B 352 10.44 9.58 36.62
CA PHE B 352 9.26 9.00 35.99
C PHE B 352 8.27 10.11 35.62
N GLY B 353 8.05 11.06 36.53
CA GLY B 353 7.15 12.16 36.24
C GLY B 353 7.65 13.04 35.10
N LYS B 354 8.97 13.28 35.03
CA LYS B 354 9.51 14.16 34.02
C LYS B 354 9.37 13.50 32.64
N SER B 355 9.43 12.18 32.63
CA SER B 355 9.36 11.41 31.40
C SER B 355 7.92 11.38 30.87
N MET B 356 6.98 10.92 31.68
CA MET B 356 5.56 10.93 31.38
C MET B 356 5.10 12.29 30.85
N PHE B 357 5.51 13.35 31.54
CA PHE B 357 5.04 14.68 31.23
C PHE B 357 5.70 15.21 29.97
N SER B 358 7.03 15.05 29.89
CA SER B 358 7.74 15.56 28.71
C SER B 358 7.27 14.86 27.44
N ASN B 359 6.98 13.55 27.53
CA ASN B 359 6.50 12.85 26.35
C ASN B 359 5.12 13.39 25.96
N LEU B 360 4.30 13.76 26.95
CA LEU B 360 2.94 14.23 26.69
C LEU B 360 3.01 15.56 25.96
N ILE B 361 3.84 16.49 26.42
CA ILE B 361 3.79 17.83 25.89
C ILE B 361 4.64 17.86 24.62
N GLY B 362 5.56 16.90 24.53
CA GLY B 362 6.44 16.79 23.39
C GLY B 362 5.71 16.23 22.17
N GLY B 363 4.58 15.54 22.40
CA GLY B 363 3.73 15.03 21.34
C GLY B 363 3.04 16.15 20.55
N ILE B 364 3.12 17.39 21.03
CA ILE B 364 2.34 18.42 20.36
C ILE B 364 2.71 18.46 18.87
N GLY B 365 1.69 18.48 18.00
CA GLY B 365 1.95 18.64 16.58
C GLY B 365 1.17 19.79 15.95
N TYR B 366 1.68 20.29 14.83
CA TYR B 366 0.88 21.15 13.99
C TYR B 366 0.48 20.40 12.72
N PHE B 367 -0.84 20.36 12.44
CA PHE B 367 -1.38 19.61 11.33
C PHE B 367 -2.13 20.53 10.39
N TYR B 368 -1.99 20.29 9.08
CA TYR B 368 -2.67 21.14 8.12
C TYR B 368 -3.10 20.39 6.88
N GLY B 369 -4.31 20.70 6.38
CA GLY B 369 -4.79 20.19 5.10
C GLY B 369 -6.28 19.90 5.16
N HIS B 370 -6.74 19.10 4.20
CA HIS B 370 -8.16 18.88 4.11
C HIS B 370 -8.56 17.71 4.98
N SER B 371 -9.85 17.66 5.28
CA SER B 371 -10.41 16.61 6.09
C SER B 371 -11.48 15.92 5.23
N LEU B 372 -11.75 14.64 5.50
CA LEU B 372 -12.77 13.87 4.77
C LEU B 372 -14.08 13.82 5.57
N VAL B 373 -15.12 14.43 5.01
CA VAL B 373 -16.41 14.50 5.68
C VAL B 373 -17.53 14.09 4.74
N ASP B 374 -18.48 13.30 5.27
CA ASP B 374 -19.77 13.05 4.61
C ASP B 374 -20.71 14.19 5.00
N ARG B 375 -21.04 15.06 4.04
CA ARG B 375 -21.92 16.19 4.31
C ARG B 375 -23.30 15.97 3.69
N SER B 376 -23.77 14.72 3.59
CA SER B 376 -25.04 14.43 2.91
C SER B 376 -26.23 14.65 3.86
N TYR B 377 -26.01 14.38 5.16
CA TYR B 377 -27.07 14.41 6.16
C TYR B 377 -28.21 13.50 5.72
N ALA B 378 -27.82 12.39 5.09
CA ALA B 378 -28.71 11.26 4.84
C ALA B 378 -29.73 11.08 5.99
N PRO B 379 -31.03 10.83 5.69
CA PRO B 379 -32.04 10.58 6.72
C PRO B 379 -31.78 9.28 7.46
N GLU B 380 -30.97 8.39 6.87
CA GLU B 380 -30.53 7.18 7.54
C GLU B 380 -29.79 7.53 8.83
N TYR B 381 -29.04 8.65 8.80
CA TYR B 381 -28.18 9.08 9.90
C TYR B 381 -28.99 9.56 11.12
N ASP B 382 -30.30 9.84 10.92
CA ASP B 382 -31.24 10.16 11.98
C ASP B 382 -31.41 8.96 12.91
N GLU B 383 -31.09 7.75 12.45
CA GLU B 383 -31.13 6.59 13.32
C GLU B 383 -32.53 6.39 13.95
N GLU B 384 -33.60 6.65 13.20
CA GLU B 384 -34.95 6.56 13.72
C GLU B 384 -35.46 5.14 13.90
N ASN B 385 -35.13 4.20 13.01
CA ASN B 385 -35.78 2.89 13.10
C ASN B 385 -34.85 1.81 13.67
N GLU B 386 -35.45 0.66 13.98
CA GLU B 386 -34.75 -0.56 14.39
C GLU B 386 -33.83 -0.96 13.25
N GLY B 387 -32.67 -1.56 13.57
CA GLY B 387 -31.67 -1.91 12.56
C GLY B 387 -31.13 -0.69 11.79
N PHE B 388 -31.13 0.51 12.42
CA PHE B 388 -30.58 1.76 11.90
C PHE B 388 -29.13 1.59 11.43
N TRP B 389 -28.39 0.62 12.01
CA TRP B 389 -27.00 0.44 11.63
C TRP B 389 -26.88 -0.02 10.18
N GLU B 390 -27.84 -0.82 9.73
CA GLU B 390 -27.94 -1.25 8.33
C GLU B 390 -28.25 -0.05 7.45
N ASP B 391 -29.19 0.78 7.88
CA ASP B 391 -29.54 1.99 7.15
C ASP B 391 -28.28 2.85 6.97
N ALA B 392 -27.44 2.88 8.01
CA ALA B 392 -26.27 3.74 8.02
C ALA B 392 -25.29 3.21 6.97
N ALA B 393 -25.10 1.88 6.94
CA ALA B 393 -24.19 1.20 6.01
C ALA B 393 -24.59 1.42 4.55
N GLU B 394 -25.90 1.49 4.29
CA GLU B 394 -26.43 1.83 2.96
C GLU B 394 -26.08 3.27 2.62
N ALA B 395 -26.28 4.20 3.56
CA ALA B 395 -26.02 5.60 3.27
C ALA B 395 -24.54 5.81 2.98
N ARG B 396 -23.66 5.08 3.69
CA ARG B 396 -22.22 5.21 3.50
C ARG B 396 -21.89 4.66 2.12
N ALA B 397 -22.58 3.57 1.75
CA ALA B 397 -22.33 2.92 0.46
C ALA B 397 -22.66 3.88 -0.68
N ARG B 398 -23.28 5.03 -0.39
CA ARG B 398 -23.54 5.98 -1.46
C ARG B 398 -22.35 6.92 -1.64
N HIS B 399 -21.32 6.79 -0.80
CA HIS B 399 -20.06 7.52 -0.95
C HIS B 399 -20.22 8.99 -1.32
N GLN B 400 -20.90 9.79 -0.46
CA GLN B 400 -21.06 11.23 -0.70
C GLN B 400 -19.90 12.03 -0.07
N GLU B 401 -19.05 11.38 0.73
CA GLU B 401 -17.99 12.15 1.39
C GLU B 401 -17.12 12.88 0.36
N ALA B 402 -16.65 14.07 0.76
CA ALA B 402 -15.68 14.82 -0.01
C ALA B 402 -14.63 15.42 0.94
N LEU B 403 -13.47 15.75 0.35
CA LEU B 403 -12.46 16.52 1.05
C LEU B 403 -12.94 17.95 1.26
N GLU B 404 -12.73 18.48 2.46
CA GLU B 404 -13.08 19.87 2.73
C GLU B 404 -11.99 20.49 3.61
N GLY B 405 -11.99 21.83 3.63
CA GLY B 405 -10.96 22.62 4.28
C GLY B 405 -10.28 23.55 3.28
N PRO B 406 -8.95 23.79 3.35
CA PRO B 406 -8.06 23.08 4.28
C PRO B 406 -8.26 23.59 5.72
N TYR B 407 -7.82 22.81 6.71
CA TYR B 407 -7.95 23.20 8.10
C TYR B 407 -6.59 23.10 8.77
N GLU B 408 -6.45 23.71 9.95
CA GLU B 408 -5.23 23.50 10.75
C GLU B 408 -5.60 23.00 12.15
N LEU B 409 -4.68 22.32 12.82
CA LEU B 409 -4.87 21.96 14.22
C LEU B 409 -3.52 21.92 14.90
N PHE B 410 -3.43 22.59 16.06
CA PHE B 410 -2.29 22.53 16.97
C PHE B 410 -2.74 21.75 18.20
N THR B 411 -2.20 20.55 18.44
CA THR B 411 -2.81 19.65 19.40
C THR B 411 -1.80 18.63 19.90
N SER B 412 -1.96 18.18 21.15
CA SER B 412 -1.17 17.03 21.52
C SER B 412 -1.88 15.78 20.97
N ILE B 413 -1.27 14.60 21.16
CA ILE B 413 -1.71 13.41 20.46
C ILE B 413 -1.58 12.24 21.42
N PRO B 414 -2.32 11.13 21.18
CA PRO B 414 -2.18 9.92 21.99
C PRO B 414 -0.89 9.13 21.82
N SER B 415 -0.38 9.04 20.59
CA SER B 415 0.68 8.08 20.32
C SER B 415 1.46 8.43 19.06
N ARG B 416 2.76 8.73 19.21
CA ARG B 416 3.53 9.12 18.03
C ARG B 416 3.51 7.99 17.00
N PRO B 417 3.81 6.74 17.39
CA PRO B 417 3.92 5.65 16.42
C PRO B 417 2.58 5.16 15.86
N PHE B 418 1.54 5.12 16.70
CA PHE B 418 0.29 4.52 16.26
C PHE B 418 -0.80 5.53 15.90
N PHE B 419 -0.97 6.64 16.64
CA PHE B 419 -2.08 7.55 16.35
C PHE B 419 -1.59 8.98 16.46
N PRO B 420 -0.69 9.43 15.56
CA PRO B 420 -0.14 10.78 15.68
C PRO B 420 -1.13 11.79 15.10
N ARG B 421 -2.28 11.99 15.77
CA ARG B 421 -3.20 13.04 15.34
C ARG B 421 -4.19 13.37 16.46
N GLY B 422 -5.07 14.37 16.22
CA GLY B 422 -5.96 14.87 17.25
C GLY B 422 -7.17 13.94 17.51
N PHE B 423 -7.43 13.59 18.77
CA PHE B 423 -8.67 12.91 19.17
C PHE B 423 -9.42 13.76 20.19
N LEU B 424 -10.74 13.92 19.99
CA LEU B 424 -11.51 14.97 20.64
C LEU B 424 -11.57 14.77 22.16
N TRP B 425 -11.98 13.60 22.64
CA TRP B 425 -12.09 13.44 24.09
C TRP B 425 -10.71 13.16 24.73
N ASP B 426 -9.75 12.63 23.94
CA ASP B 426 -8.40 12.45 24.47
C ASP B 426 -7.80 13.78 24.88
N GLU B 427 -8.09 14.82 24.10
CA GLU B 427 -7.39 16.09 24.29
C GLU B 427 -7.81 16.74 25.61
N GLY B 428 -9.07 16.53 26.03
CA GLY B 428 -9.53 17.01 27.32
C GLY B 428 -8.66 16.45 28.44
N PHE B 429 -8.24 15.20 28.33
CA PHE B 429 -7.33 14.59 29.29
C PHE B 429 -5.90 15.12 29.14
N HIS B 430 -5.37 15.19 27.91
CA HIS B 430 -4.02 15.66 27.62
C HIS B 430 -3.79 17.03 28.23
N LEU B 431 -4.79 17.89 28.10
CA LEU B 431 -4.61 19.28 28.48
C LEU B 431 -4.71 19.51 29.99
N LEU B 432 -5.12 18.48 30.79
CA LEU B 432 -5.15 18.71 32.24
C LEU B 432 -3.73 18.93 32.78
N PRO B 433 -2.72 18.05 32.49
CA PRO B 433 -1.35 18.33 32.88
C PRO B 433 -0.73 19.51 32.13
N ILE B 434 -1.01 19.61 30.83
CA ILE B 434 -0.45 20.70 30.07
C ILE B 434 -0.96 22.05 30.60
N ALA B 435 -2.24 22.13 30.99
CA ALA B 435 -2.76 23.41 31.50
C ALA B 435 -2.05 23.86 32.77
N ASP B 436 -1.69 22.90 33.65
CA ASP B 436 -0.96 23.13 34.88
C ASP B 436 0.39 23.74 34.54
N TRP B 437 1.05 23.19 33.51
CA TRP B 437 2.34 23.69 33.08
C TRP B 437 2.27 25.07 32.46
N ASP B 438 1.23 25.37 31.66
CA ASP B 438 1.28 26.52 30.77
C ASP B 438 -0.14 26.78 30.27
N ILE B 439 -0.92 27.50 31.07
CA ILE B 439 -2.34 27.68 30.83
C ILE B 439 -2.53 28.28 29.43
N ASP B 440 -1.62 29.20 29.03
CA ASP B 440 -1.81 29.91 27.76
C ASP B 440 -1.68 28.95 26.58
N LEU B 441 -0.73 27.98 26.67
CA LEU B 441 -0.56 26.94 25.65
C LEU B 441 -1.85 26.14 25.50
N ALA B 442 -2.44 25.76 26.65
CA ALA B 442 -3.63 24.91 26.59
C ALA B 442 -4.77 25.72 25.98
N LEU B 443 -4.73 27.04 26.16
CA LEU B 443 -5.84 27.84 25.66
C LEU B 443 -5.75 27.94 24.14
N GLU B 444 -4.51 27.90 23.63
CA GLU B 444 -4.28 27.93 22.19
C GLU B 444 -4.78 26.64 21.57
N ILE B 445 -4.56 25.52 22.30
CA ILE B 445 -4.94 24.22 21.78
C ILE B 445 -6.48 24.14 21.79
N ILE B 446 -7.12 24.69 22.82
CA ILE B 446 -8.57 24.69 22.89
C ILE B 446 -9.13 25.60 21.80
N LYS B 447 -8.46 26.72 21.53
CA LYS B 447 -8.92 27.64 20.52
C LYS B 447 -8.79 26.96 19.16
N SER B 448 -7.69 26.21 18.98
CA SER B 448 -7.44 25.50 17.74
C SER B 448 -8.57 24.50 17.47
N TRP B 449 -8.90 23.67 18.45
CA TRP B 449 -9.97 22.71 18.29
C TRP B 449 -11.31 23.39 18.00
N TYR B 450 -11.69 24.39 18.82
CA TYR B 450 -12.98 25.01 18.65
C TYR B 450 -13.07 25.77 17.33
N ASN B 451 -11.90 26.07 16.76
CA ASN B 451 -11.90 26.70 15.45
C ASN B 451 -12.31 25.69 14.36
N LEU B 452 -12.28 24.38 14.68
CA LEU B 452 -12.73 23.40 13.72
C LEU B 452 -14.26 23.25 13.76
N MET B 453 -14.93 23.82 14.77
CA MET B 453 -16.36 23.63 14.90
C MET B 453 -17.10 24.19 13.69
N ASP B 454 -18.00 23.39 13.10
CA ASP B 454 -18.80 23.87 11.98
C ASP B 454 -19.94 24.75 12.51
N GLU B 455 -20.86 25.09 11.61
CA GLU B 455 -21.87 26.10 11.87
C GLU B 455 -22.99 25.51 12.73
N ASP B 456 -23.06 24.18 12.90
CA ASP B 456 -24.11 23.58 13.72
C ASP B 456 -23.60 23.21 15.11
N GLY B 457 -22.25 23.24 15.25
CA GLY B 457 -21.66 22.93 16.54
C GLY B 457 -21.00 21.56 16.63
N TRP B 458 -20.61 21.00 15.47
CA TRP B 458 -19.96 19.70 15.36
C TRP B 458 -18.47 19.88 15.12
N ILE B 459 -17.69 19.10 15.88
CA ILE B 459 -16.25 18.98 15.67
C ILE B 459 -16.04 17.48 15.45
N ALA B 460 -15.37 17.10 14.33
CA ALA B 460 -15.09 15.69 14.11
C ALA B 460 -14.22 15.17 15.26
N ARG B 461 -14.45 13.91 15.63
CA ARG B 461 -13.87 13.28 16.81
C ARG B 461 -12.44 12.88 16.49
N GLU B 462 -12.12 12.81 15.20
CA GLU B 462 -10.81 12.36 14.80
C GLU B 462 -10.35 13.27 13.69
N GLN B 463 -9.27 14.02 13.92
CA GLN B 463 -8.87 15.07 13.00
C GLN B 463 -7.70 14.56 12.18
N ILE B 464 -7.99 14.17 10.94
CA ILE B 464 -7.00 13.64 10.03
C ILE B 464 -6.79 14.70 8.95
N LEU B 465 -5.78 15.59 9.11
CA LEU B 465 -5.68 16.76 8.24
C LEU B 465 -4.43 16.66 7.37
N GLY B 466 -4.64 16.63 6.05
CA GLY B 466 -3.58 16.54 5.07
C GLY B 466 -3.20 15.12 4.68
N ALA B 467 -2.55 15.03 3.50
CA ALA B 467 -2.27 13.73 2.90
C ALA B 467 -1.25 12.98 3.77
N GLU B 468 -0.33 13.74 4.37
CA GLU B 468 0.65 13.16 5.26
C GLU B 468 -0.04 12.39 6.39
N ALA B 469 -1.03 13.02 7.04
CA ALA B 469 -1.76 12.40 8.13
C ALA B 469 -2.60 11.24 7.58
N ARG B 470 -3.19 11.40 6.37
CA ARG B 470 -4.04 10.38 5.78
C ARG B 470 -3.26 9.10 5.51
N SER B 471 -1.95 9.24 5.27
CA SER B 471 -1.12 8.13 4.84
C SER B 471 -1.10 7.05 5.92
N LYS B 472 -1.42 7.39 7.17
CA LYS B 472 -1.27 6.47 8.28
C LYS B 472 -2.60 5.81 8.60
N VAL B 473 -3.63 6.10 7.80
CA VAL B 473 -5.00 5.82 8.22
C VAL B 473 -5.72 5.03 7.13
N PRO B 474 -6.07 3.75 7.36
CA PRO B 474 -6.83 2.99 6.37
C PRO B 474 -8.09 3.79 6.05
N LYS B 475 -8.50 3.74 4.78
CA LYS B 475 -9.61 4.51 4.25
C LYS B 475 -10.93 4.28 5.02
N GLU B 476 -11.19 3.04 5.44
CA GLU B 476 -12.33 2.67 6.28
C GLU B 476 -12.56 3.71 7.39
N PHE B 477 -11.47 4.25 7.95
CA PHE B 477 -11.59 5.15 9.08
C PHE B 477 -11.39 6.63 8.74
N GLN B 478 -11.34 7.04 7.46
CA GLN B 478 -10.97 8.44 7.27
C GLN B 478 -12.18 9.37 7.34
N THR B 479 -13.33 8.93 6.81
CA THR B 479 -14.50 9.79 6.70
C THR B 479 -15.06 10.12 8.07
N GLN B 480 -15.40 11.39 8.28
CA GLN B 480 -15.99 11.82 9.54
C GLN B 480 -17.48 12.12 9.32
N TYR B 481 -18.33 11.85 10.32
CA TYR B 481 -19.78 12.00 10.18
C TYR B 481 -20.28 13.07 11.14
N PRO B 482 -20.93 14.11 10.57
CA PRO B 482 -21.44 15.22 11.38
C PRO B 482 -22.49 14.87 12.44
N HIS B 483 -22.93 13.61 12.52
CA HIS B 483 -23.81 13.21 13.61
C HIS B 483 -23.05 12.44 14.69
N TYR B 484 -21.73 12.27 14.52
CA TYR B 484 -20.90 11.50 15.45
C TYR B 484 -20.26 12.38 16.53
N ALA B 485 -20.67 12.15 17.78
CA ALA B 485 -20.17 12.94 18.90
C ALA B 485 -18.94 12.28 19.52
N ASN B 486 -18.37 12.95 20.53
CA ASN B 486 -17.31 12.40 21.38
C ASN B 486 -17.46 13.08 22.73
N PRO B 487 -17.03 12.47 23.87
CA PRO B 487 -17.15 13.11 25.17
C PRO B 487 -16.54 14.50 25.19
N PRO B 488 -17.25 15.51 25.72
CA PRO B 488 -16.73 16.88 25.77
C PRO B 488 -15.75 17.15 26.92
N THR B 489 -14.65 16.38 26.95
CA THR B 489 -13.68 16.50 28.02
C THR B 489 -12.98 17.86 27.99
N LEU B 490 -12.98 18.54 26.83
CA LEU B 490 -12.29 19.82 26.81
C LEU B 490 -12.90 20.77 27.84
N PHE B 491 -14.18 20.56 28.21
CA PHE B 491 -14.83 21.36 29.25
C PHE B 491 -14.15 21.19 30.62
N LEU B 492 -13.55 20.02 30.90
CA LEU B 492 -12.89 19.82 32.18
C LEU B 492 -11.69 20.76 32.28
N VAL B 493 -11.01 21.01 31.15
CA VAL B 493 -9.88 21.93 31.16
C VAL B 493 -10.44 23.33 31.43
N LEU B 494 -11.59 23.65 30.86
CA LEU B 494 -12.08 25.00 31.04
C LEU B 494 -12.47 25.22 32.50
N ASP B 495 -13.04 24.21 33.16
CA ASP B 495 -13.43 24.30 34.57
C ASP B 495 -12.20 24.64 35.43
N ASN B 496 -11.05 23.98 35.18
CA ASN B 496 -9.81 24.31 35.86
C ASN B 496 -9.37 25.73 35.59
N PHE B 497 -9.51 26.17 34.34
CA PHE B 497 -9.11 27.51 33.98
C PHE B 497 -10.00 28.54 34.67
N VAL B 498 -11.31 28.22 34.80
CA VAL B 498 -12.27 29.11 35.48
C VAL B 498 -11.87 29.22 36.96
N GLU B 499 -11.62 28.07 37.65
CA GLU B 499 -11.22 28.08 39.06
C GLU B 499 -10.04 29.03 39.22
N ARG B 500 -9.07 28.89 38.31
CA ARG B 500 -7.88 29.71 38.28
C ARG B 500 -8.19 31.19 38.06
N LEU B 501 -9.19 31.54 37.24
CA LEU B 501 -9.50 32.93 37.00
C LEU B 501 -10.14 33.54 38.26
N ARG B 502 -10.95 32.72 38.95
CA ARG B 502 -11.66 33.09 40.17
C ARG B 502 -10.68 33.23 41.33
N LYS B 503 -9.63 32.39 41.38
CA LYS B 503 -8.61 32.50 42.42
C LYS B 503 -7.81 33.79 42.28
N ASN B 504 -7.89 34.45 41.10
CA ASN B 504 -7.33 35.77 40.89
C ASN B 504 -8.43 36.84 40.99
N ASN B 505 -9.64 36.44 41.41
CA ASN B 505 -10.84 37.22 41.72
C ASN B 505 -11.17 38.35 40.73
N ALA B 506 -12.48 38.52 40.46
CA ALA B 506 -13.05 39.52 39.58
C ALA B 506 -14.30 38.96 38.89
N THR B 520 5.97 35.71 32.64
CA THR B 520 6.05 34.68 31.56
C THR B 520 4.77 34.69 30.72
N LEU B 521 4.90 34.47 29.42
CA LEU B 521 3.75 34.37 28.53
C LEU B 521 2.82 33.19 28.87
N SER B 522 3.39 32.16 29.51
CA SER B 522 2.70 30.99 30.01
C SER B 522 1.45 31.29 30.83
N THR B 523 1.39 32.41 31.57
CA THR B 523 0.25 32.62 32.45
C THR B 523 -0.36 34.02 32.23
N ALA B 524 0.02 34.68 31.13
CA ALA B 524 -0.42 36.04 30.79
C ALA B 524 -1.92 36.18 30.96
N SER B 525 -2.65 35.10 30.66
CA SER B 525 -4.10 35.11 30.58
C SER B 525 -4.73 34.98 31.98
N VAL B 526 -4.00 34.47 32.98
CA VAL B 526 -4.51 34.48 34.35
C VAL B 526 -3.91 35.63 35.17
N ASP B 527 -2.67 36.04 34.83
CA ASP B 527 -1.99 37.08 35.59
C ASP B 527 -2.77 38.39 35.48
N ASN B 528 -3.25 38.66 34.27
CA ASN B 528 -4.26 39.70 34.06
C ASN B 528 -5.58 38.98 33.75
N PRO B 529 -6.48 38.80 34.73
CA PRO B 529 -7.67 37.97 34.52
C PRO B 529 -8.66 38.60 33.53
N GLU B 530 -8.49 39.90 33.22
CA GLU B 530 -9.36 40.51 32.22
C GLU B 530 -9.04 39.88 30.85
N VAL B 531 -7.80 39.37 30.68
CA VAL B 531 -7.41 38.75 29.43
C VAL B 531 -8.09 37.40 29.28
N GLY B 532 -8.01 36.58 30.34
CA GLY B 532 -8.66 35.28 30.37
C GLY B 532 -10.15 35.43 30.17
N LEU B 533 -10.72 36.46 30.81
CA LEU B 533 -12.17 36.66 30.78
C LEU B 533 -12.64 36.95 29.35
N GLU B 534 -11.85 37.75 28.63
CA GLU B 534 -12.17 38.09 27.26
C GLU B 534 -12.06 36.83 26.41
N TYR B 535 -11.04 36.01 26.67
CA TYR B 535 -10.92 34.74 25.97
C TYR B 535 -12.19 33.92 26.18
N LEU B 536 -12.73 33.85 27.42
CA LEU B 536 -13.95 33.09 27.66
C LEU B 536 -15.12 33.74 26.94
N ARG B 537 -15.13 35.06 26.92
CA ARG B 537 -16.17 35.84 26.26
C ARG B 537 -16.22 35.43 24.79
N ARG B 538 -15.05 35.20 24.18
CA ARG B 538 -15.01 34.85 22.77
C ARG B 538 -15.31 33.37 22.56
N LEU B 539 -14.93 32.48 23.49
CA LEU B 539 -15.12 31.06 23.24
C LEU B 539 -16.59 30.66 23.55
N TYR B 540 -17.23 31.40 24.48
CA TYR B 540 -18.51 31.03 25.08
C TYR B 540 -19.60 30.68 24.04
N PRO B 541 -19.87 31.54 23.01
CA PRO B 541 -20.85 31.18 21.98
C PRO B 541 -20.61 29.81 21.33
N LEU B 542 -19.33 29.39 21.18
CA LEU B 542 -19.03 28.13 20.53
C LEU B 542 -19.33 26.98 21.49
N LEU B 543 -19.13 27.21 22.79
CA LEU B 543 -19.46 26.20 23.80
C LEU B 543 -20.97 26.05 23.83
N ARG B 544 -21.71 27.17 23.77
CA ARG B 544 -23.17 27.10 23.75
C ARG B 544 -23.62 26.35 22.50
N ARG B 545 -23.05 26.73 21.36
CA ARG B 545 -23.39 26.05 20.10
C ARG B 545 -23.23 24.54 20.28
N GLN B 546 -22.11 24.10 20.83
CA GLN B 546 -21.85 22.67 20.95
C GLN B 546 -22.85 22.01 21.90
N PHE B 547 -23.25 22.77 22.94
CA PHE B 547 -24.15 22.23 23.94
C PHE B 547 -25.50 21.98 23.26
N ASP B 548 -25.94 23.02 22.56
CA ASP B 548 -27.15 22.96 21.74
C ASP B 548 -27.08 21.74 20.80
N TRP B 549 -25.93 21.60 20.11
CA TRP B 549 -25.72 20.56 19.12
C TRP B 549 -25.87 19.18 19.74
N PHE B 550 -25.34 18.99 20.98
CA PHE B 550 -25.51 17.71 21.67
C PHE B 550 -26.99 17.44 21.88
N ARG B 551 -27.69 18.43 22.44
CA ARG B 551 -29.05 18.22 22.88
C ARG B 551 -30.01 17.96 21.70
N LYS B 552 -29.64 18.51 20.53
CA LYS B 552 -30.42 18.33 19.33
C LYS B 552 -30.09 16.99 18.66
N THR B 553 -28.80 16.67 18.51
CA THR B 553 -28.39 15.58 17.64
C THR B 553 -28.28 14.25 18.40
N GLN B 554 -28.10 14.30 19.72
CA GLN B 554 -27.97 13.06 20.48
C GLN B 554 -29.15 12.89 21.45
N ALA B 555 -30.26 13.57 21.15
CA ALA B 555 -31.46 13.45 21.95
C ALA B 555 -31.88 11.98 22.02
N GLY B 556 -32.22 11.50 23.23
CA GLY B 556 -32.92 10.24 23.42
C GLY B 556 -34.43 10.40 23.27
N ASP B 557 -35.16 9.29 23.39
CA ASP B 557 -36.60 9.29 23.21
C ASP B 557 -37.31 8.84 24.50
N ILE B 558 -38.08 9.77 25.08
CA ILE B 558 -38.95 9.46 26.21
C ILE B 558 -40.40 9.41 25.70
N LYS B 559 -40.81 10.44 24.92
CA LYS B 559 -42.19 10.71 24.51
C LYS B 559 -42.84 9.48 23.86
N SER B 560 -42.16 8.84 22.90
CA SER B 560 -42.93 7.92 22.08
C SER B 560 -42.96 6.50 22.68
N TYR B 561 -42.54 6.34 23.95
CA TYR B 561 -42.59 5.03 24.59
C TYR B 561 -43.32 5.07 25.95
N ASP B 562 -43.55 3.88 26.55
CA ASP B 562 -44.14 3.79 27.88
C ASP B 562 -43.07 4.15 28.95
N ARG B 563 -42.81 5.46 29.12
CA ARG B 563 -41.68 5.90 29.93
C ARG B 563 -42.11 7.09 30.80
N GLU B 564 -41.98 6.90 32.13
CA GLU B 564 -42.22 7.96 33.10
C GLU B 564 -40.87 8.54 33.56
N ALA B 565 -40.80 9.88 33.61
CA ALA B 565 -39.60 10.58 34.06
C ALA B 565 -39.99 11.99 34.49
N TYR B 566 -39.23 12.53 35.46
CA TYR B 566 -39.40 13.86 35.97
C TYR B 566 -39.38 14.89 34.85
N SER B 567 -38.53 14.68 33.84
CA SER B 567 -38.48 15.54 32.67
C SER B 567 -38.65 14.66 31.43
N THR B 568 -39.41 15.17 30.46
CA THR B 568 -39.62 14.47 29.20
C THR B 568 -38.59 14.92 28.18
N LYS B 569 -37.74 15.90 28.53
CA LYS B 569 -36.80 16.49 27.57
C LYS B 569 -35.42 15.82 27.71
N GLU B 570 -34.98 15.54 28.95
CA GLU B 570 -33.59 15.21 29.28
C GLU B 570 -33.35 13.71 29.11
N ALA B 571 -32.80 13.32 27.95
CA ALA B 571 -32.51 11.93 27.65
C ALA B 571 -31.63 11.88 26.41
N TYR B 572 -30.74 10.88 26.38
CA TYR B 572 -29.61 10.98 25.46
C TYR B 572 -29.24 9.62 24.89
N ARG B 573 -28.91 9.64 23.60
CA ARG B 573 -28.53 8.43 22.92
C ARG B 573 -27.37 8.74 21.97
N TRP B 574 -26.24 8.04 22.14
CA TRP B 574 -25.07 8.20 21.28
C TRP B 574 -25.45 7.74 19.88
N ARG B 575 -25.44 8.68 18.91
CA ARG B 575 -25.43 8.26 17.52
C ARG B 575 -24.20 7.40 17.16
N GLY B 576 -24.30 6.54 16.13
CA GLY B 576 -23.14 5.96 15.44
C GLY B 576 -22.75 4.58 15.96
N ARG B 577 -23.72 3.94 16.58
CA ARG B 577 -23.52 2.67 17.25
C ARG B 577 -23.71 1.58 16.18
N THR B 578 -22.95 0.49 16.34
CA THR B 578 -23.11 -0.74 15.55
C THR B 578 -23.34 -1.87 16.55
N VAL B 579 -23.40 -3.13 16.09
CA VAL B 579 -23.95 -4.19 16.91
C VAL B 579 -23.07 -4.49 18.13
N SER B 580 -21.77 -4.29 18.03
CA SER B 580 -20.92 -4.74 19.13
C SER B 580 -20.01 -3.58 19.62
N HIS B 581 -20.45 -2.33 19.43
CA HIS B 581 -19.56 -1.19 19.57
C HIS B 581 -20.35 0.10 19.76
N CYS B 582 -19.72 1.04 20.44
CA CYS B 582 -20.14 2.43 20.45
C CYS B 582 -18.90 3.31 20.46
N LEU B 583 -18.33 3.54 19.26
CA LEU B 583 -17.03 4.17 19.06
C LEU B 583 -17.07 5.66 19.49
N THR B 584 -18.24 6.30 19.34
CA THR B 584 -18.38 7.70 19.65
C THR B 584 -18.32 7.95 21.16
N SER B 585 -18.73 6.97 21.96
CA SER B 585 -18.70 7.13 23.40
C SER B 585 -17.25 7.19 23.88
N GLY B 586 -16.31 6.72 23.03
CA GLY B 586 -14.93 6.56 23.43
C GLY B 586 -14.65 5.23 24.14
N LEU B 587 -15.66 4.53 24.66
CA LEU B 587 -15.38 3.23 25.26
C LEU B 587 -15.85 2.15 24.30
N ASP B 588 -15.05 1.92 23.24
CA ASP B 588 -15.43 1.26 21.99
C ASP B 588 -16.35 0.07 22.21
N ASP B 589 -15.89 -0.92 23.00
CA ASP B 589 -16.56 -2.22 23.05
C ASP B 589 -17.14 -2.47 24.45
N TYR B 590 -17.35 -1.42 25.23
CA TYR B 590 -18.06 -1.61 26.47
C TYR B 590 -19.46 -2.14 26.15
N PRO B 591 -19.91 -3.23 26.82
CA PRO B 591 -21.19 -3.85 26.47
C PRO B 591 -22.30 -2.80 26.63
N ARG B 592 -23.19 -2.78 25.64
CA ARG B 592 -24.32 -1.88 25.52
C ARG B 592 -25.56 -2.74 25.29
N PRO B 593 -26.79 -2.17 25.19
CA PRO B 593 -27.99 -3.00 25.04
C PRO B 593 -27.93 -3.72 23.70
N GLN B 594 -28.37 -5.01 23.69
CA GLN B 594 -28.41 -5.82 22.48
C GLN B 594 -29.85 -6.17 22.13
N PRO B 595 -30.35 -5.85 20.93
CA PRO B 595 -29.54 -5.19 19.92
C PRO B 595 -29.42 -3.70 20.23
N PRO B 596 -28.64 -2.94 19.44
CA PRO B 596 -28.78 -1.49 19.42
C PRO B 596 -30.20 -1.19 18.94
N HIS B 597 -30.73 -0.03 19.30
CA HIS B 597 -32.15 0.26 19.17
C HIS B 597 -32.34 1.77 19.37
N PRO B 598 -33.24 2.42 18.61
CA PRO B 598 -33.48 3.87 18.75
C PRO B 598 -34.10 4.29 20.09
N GLY B 599 -34.53 3.31 20.90
CA GLY B 599 -35.03 3.64 22.22
C GLY B 599 -33.98 3.52 23.33
N GLU B 600 -32.73 3.21 22.97
CA GLU B 600 -31.59 3.18 23.89
C GLU B 600 -31.42 4.54 24.57
N LEU B 601 -30.94 4.49 25.81
CA LEU B 601 -30.45 5.66 26.50
C LEU B 601 -29.11 5.33 27.16
N HIS B 602 -28.14 6.24 26.96
CA HIS B 602 -26.80 6.06 27.51
C HIS B 602 -26.53 7.00 28.69
N VAL B 603 -26.20 6.41 29.84
CA VAL B 603 -26.09 7.15 31.07
C VAL B 603 -24.78 7.96 31.04
N ASP B 604 -23.78 7.47 30.30
CA ASP B 604 -22.54 8.25 30.20
C ASP B 604 -22.78 9.53 29.40
N LEU B 605 -23.61 9.46 28.35
CA LEU B 605 -23.85 10.66 27.56
C LEU B 605 -24.63 11.69 28.39
N MET B 606 -25.65 11.21 29.11
CA MET B 606 -26.41 12.11 29.97
C MET B 606 -25.42 12.78 30.92
N SER B 607 -24.55 11.99 31.56
CA SER B 607 -23.53 12.54 32.43
C SER B 607 -22.73 13.67 31.75
N TRP B 608 -22.22 13.45 30.52
CA TRP B 608 -21.43 14.47 29.85
C TRP B 608 -22.27 15.71 29.60
N VAL B 609 -23.57 15.53 29.31
CA VAL B 609 -24.37 16.73 29.13
C VAL B 609 -24.41 17.49 30.46
N GLY B 610 -24.45 16.71 31.56
CA GLY B 610 -24.37 17.28 32.90
C GLY B 610 -23.10 18.12 33.08
N VAL B 611 -21.95 17.52 32.72
CA VAL B 611 -20.67 18.19 32.84
C VAL B 611 -20.75 19.54 32.12
N MET B 612 -21.32 19.51 30.92
CA MET B 612 -21.29 20.67 30.06
C MET B 612 -22.15 21.77 30.66
N VAL B 613 -23.31 21.37 31.20
CA VAL B 613 -24.23 22.36 31.71
C VAL B 613 -23.61 22.98 32.98
N LYS B 614 -22.87 22.17 33.76
CA LYS B 614 -22.21 22.76 34.92
C LYS B 614 -21.12 23.76 34.52
N SER B 615 -20.35 23.46 33.46
CA SER B 615 -19.33 24.40 32.98
C SER B 615 -19.99 25.70 32.51
N LEU B 616 -21.13 25.58 31.80
CA LEU B 616 -21.74 26.75 31.17
C LEU B 616 -22.37 27.66 32.24
N ILE B 617 -22.88 27.07 33.33
CA ILE B 617 -23.35 27.80 34.50
C ILE B 617 -22.23 28.71 35.03
N SER B 618 -21.02 28.15 35.26
CA SER B 618 -19.92 28.94 35.80
C SER B 618 -19.52 30.04 34.85
N ILE B 619 -19.36 29.67 33.57
CA ILE B 619 -18.75 30.55 32.61
C ILE B 619 -19.73 31.68 32.32
N GLY B 620 -20.99 31.28 32.08
CA GLY B 620 -22.04 32.25 31.85
C GLY B 620 -22.12 33.21 33.04
N SER B 621 -21.98 32.63 34.23
CA SER B 621 -22.06 33.39 35.45
C SER B 621 -20.93 34.44 35.47
N LEU B 622 -19.71 34.01 35.17
CA LEU B 622 -18.57 34.91 35.05
C LEU B 622 -18.83 36.00 34.01
N LEU B 623 -19.60 35.71 32.97
CA LEU B 623 -19.74 36.67 31.88
C LEU B 623 -21.04 37.48 32.01
N GLY B 624 -21.86 37.18 33.04
CA GLY B 624 -23.11 37.89 33.30
C GLY B 624 -24.24 37.56 32.32
N ALA B 625 -24.20 36.38 31.70
CA ALA B 625 -25.28 35.91 30.86
C ALA B 625 -26.44 35.38 31.71
N THR B 626 -27.20 36.31 32.34
CA THR B 626 -28.17 35.93 33.36
C THR B 626 -29.32 35.17 32.71
N GLU B 627 -29.61 35.51 31.46
CA GLU B 627 -30.63 34.85 30.64
C GLU B 627 -30.27 33.37 30.38
N ASP B 628 -29.00 33.07 30.12
CA ASP B 628 -28.59 31.69 29.93
C ASP B 628 -28.68 30.89 31.24
N VAL B 629 -28.36 31.56 32.36
CA VAL B 629 -28.24 30.88 33.65
C VAL B 629 -29.56 30.21 34.05
N GLU B 630 -30.69 30.86 33.74
CA GLU B 630 -31.98 30.26 34.10
C GLU B 630 -32.13 28.90 33.40
N PHE B 631 -31.86 28.87 32.09
CA PHE B 631 -32.09 27.68 31.27
C PHE B 631 -31.14 26.54 31.71
N TYR B 632 -29.87 26.90 31.91
CA TYR B 632 -28.87 25.91 32.33
C TYR B 632 -29.33 25.25 33.63
N THR B 633 -29.87 26.10 34.52
CA THR B 633 -30.31 25.69 35.84
C THR B 633 -31.46 24.68 35.75
N LYS B 634 -32.41 24.89 34.82
CA LYS B 634 -33.46 23.92 34.56
C LYS B 634 -32.91 22.62 33.97
N VAL B 635 -31.93 22.72 33.06
CA VAL B 635 -31.43 21.49 32.46
C VAL B 635 -30.75 20.65 33.56
N LEU B 636 -29.92 21.31 34.38
CA LEU B 636 -29.16 20.55 35.34
C LEU B 636 -30.12 19.85 36.29
N ASP B 637 -31.08 20.61 36.83
CA ASP B 637 -32.06 20.03 37.76
C ASP B 637 -32.74 18.81 37.12
N ALA B 638 -33.00 18.90 35.82
CA ALA B 638 -33.75 17.92 35.06
C ALA B 638 -32.89 16.67 34.85
N ILE B 639 -31.60 16.89 34.60
CA ILE B 639 -30.67 15.79 34.42
C ILE B 639 -30.51 15.02 35.73
N GLU B 640 -30.42 15.76 36.84
CA GLU B 640 -30.17 15.12 38.13
C GLU B 640 -31.32 14.17 38.45
N HIS B 641 -32.54 14.54 38.08
CA HIS B 641 -33.69 13.66 38.31
C HIS B 641 -33.69 12.48 37.34
N ASN B 642 -33.48 12.81 36.06
CA ASN B 642 -33.63 11.88 34.96
C ASN B 642 -32.62 10.75 35.09
N LEU B 643 -31.45 11.09 35.63
CA LEU B 643 -30.42 10.11 35.94
C LEU B 643 -31.01 9.04 36.87
N ASP B 644 -31.78 9.49 37.87
CA ASP B 644 -32.42 8.56 38.80
C ASP B 644 -33.54 7.80 38.07
N ASP B 645 -34.47 8.55 37.48
CA ASP B 645 -35.67 8.01 36.87
C ASP B 645 -35.32 7.00 35.77
N LEU B 646 -34.40 7.34 34.85
CA LEU B 646 -34.17 6.55 33.65
C LEU B 646 -33.01 5.56 33.78
N HIS B 647 -32.10 5.73 34.76
CA HIS B 647 -30.87 4.95 34.72
C HIS B 647 -30.51 4.27 36.03
N TRP B 648 -31.13 4.67 37.13
CA TRP B 648 -30.69 4.10 38.40
C TRP B 648 -31.38 2.76 38.60
N SER B 649 -30.61 1.73 38.99
CA SER B 649 -31.11 0.38 39.25
C SER B 649 -30.92 0.00 40.72
N GLU B 650 -32.04 -0.09 41.46
CA GLU B 650 -32.05 -0.52 42.85
C GLU B 650 -31.57 -1.97 42.97
N LYS B 651 -32.04 -2.87 42.10
CA LYS B 651 -31.53 -4.25 42.14
C LYS B 651 -29.99 -4.26 42.11
N GLU B 652 -29.38 -3.50 41.18
CA GLU B 652 -27.95 -3.67 40.96
C GLU B 652 -27.11 -2.74 41.84
N GLY B 653 -27.68 -1.64 42.33
CA GLY B 653 -26.87 -0.73 43.15
C GLY B 653 -25.92 0.12 42.28
N CYS B 654 -26.37 0.54 41.10
CA CYS B 654 -25.55 1.32 40.17
C CYS B 654 -26.45 1.87 39.07
N TYR B 655 -25.89 2.81 38.28
CA TYR B 655 -26.50 3.30 37.05
C TYR B 655 -26.32 2.30 35.91
N CYS B 656 -27.32 2.23 35.01
CA CYS B 656 -27.28 1.39 33.82
C CYS B 656 -27.72 2.17 32.58
N ASP B 657 -27.24 1.74 31.38
CA ASP B 657 -27.92 2.09 30.13
C ASP B 657 -29.36 1.56 30.11
N ALA B 658 -30.24 2.15 29.28
CA ALA B 658 -31.61 1.64 29.16
C ALA B 658 -31.91 1.31 27.70
N THR B 659 -32.91 0.45 27.45
CA THR B 659 -33.46 0.31 26.10
C THR B 659 -34.97 0.20 26.10
N ILE B 660 -35.52 0.04 24.89
CA ILE B 660 -36.79 -0.64 24.66
C ILE B 660 -36.51 -2.09 24.25
N ASP B 661 -37.12 -3.03 24.99
CA ASP B 661 -36.85 -4.46 24.82
C ASP B 661 -37.80 -5.05 23.77
N GLU B 662 -37.68 -6.38 23.52
CA GLU B 662 -38.54 -7.25 22.70
C GLU B 662 -40.03 -6.90 22.86
N PHE B 663 -40.46 -6.54 24.08
CA PHE B 663 -41.87 -6.40 24.38
C PHE B 663 -42.27 -4.93 24.37
N GLU B 664 -41.43 -4.07 23.76
CA GLU B 664 -41.69 -2.62 23.77
C GLU B 664 -41.71 -2.04 25.19
N GLU B 665 -41.03 -2.69 26.16
CA GLU B 665 -40.91 -2.17 27.53
C GLU B 665 -39.56 -1.45 27.78
N HIS B 666 -39.54 -0.44 28.67
CA HIS B 666 -38.33 0.18 29.18
C HIS B 666 -37.60 -0.76 30.13
N LYS B 667 -36.35 -1.11 29.78
CA LYS B 667 -35.51 -2.06 30.50
C LYS B 667 -34.10 -1.47 30.72
N LEU B 668 -33.64 -1.54 31.97
CA LEU B 668 -32.27 -1.24 32.33
C LEU B 668 -31.45 -2.42 31.85
N VAL B 669 -30.27 -2.11 31.31
CA VAL B 669 -29.32 -3.13 30.92
C VAL B 669 -28.06 -2.86 31.73
N CYS B 670 -27.85 -3.68 32.76
CA CYS B 670 -26.76 -3.40 33.68
C CYS B 670 -25.53 -4.22 33.30
N HIS B 671 -24.40 -3.53 33.13
CA HIS B 671 -23.12 -4.19 33.04
C HIS B 671 -22.15 -3.44 33.94
N LYS B 672 -21.87 -4.00 35.11
CA LYS B 672 -21.17 -3.25 36.12
C LYS B 672 -19.73 -3.00 35.69
N GLY B 673 -19.31 -1.74 35.74
CA GLY B 673 -18.06 -1.31 35.14
C GLY B 673 -18.04 0.21 35.04
N TYR B 674 -17.15 0.76 34.17
CA TYR B 674 -16.97 2.22 34.11
C TYR B 674 -18.29 2.97 33.87
N ILE B 675 -19.13 2.45 32.98
CA ILE B 675 -20.34 3.15 32.59
C ILE B 675 -21.27 3.32 33.79
N SER B 676 -21.28 2.29 34.66
CA SER B 676 -22.17 2.19 35.80
C SER B 676 -21.85 3.27 36.83
N LEU B 677 -20.66 3.89 36.73
CA LEU B 677 -20.16 4.85 37.70
C LEU B 677 -20.25 6.28 37.18
N PHE B 678 -20.77 6.48 35.97
CA PHE B 678 -20.56 7.73 35.24
C PHE B 678 -21.02 8.99 35.98
N PRO B 679 -22.26 9.06 36.53
CA PRO B 679 -22.68 10.25 37.28
C PRO B 679 -21.68 10.58 38.38
N PHE B 680 -21.08 9.55 38.98
CA PHE B 680 -20.05 9.80 39.99
C PHE B 680 -18.76 10.33 39.33
N LEU B 681 -18.28 9.66 38.28
CA LEU B 681 -16.99 10.03 37.71
C LEU B 681 -17.04 11.46 37.15
N THR B 682 -18.23 11.96 36.81
CA THR B 682 -18.33 13.23 36.14
C THR B 682 -18.69 14.31 37.16
N GLY B 683 -18.89 13.90 38.42
CA GLY B 683 -18.97 14.87 39.49
C GLY B 683 -20.39 15.42 39.71
N LEU B 684 -21.41 14.60 39.44
CA LEU B 684 -22.80 15.07 39.50
C LEU B 684 -23.50 14.71 40.81
N LEU B 685 -22.90 13.88 41.68
CA LEU B 685 -23.60 13.40 42.86
C LEU B 685 -23.25 14.31 44.05
N LYS B 686 -24.26 14.66 44.85
CA LYS B 686 -23.96 15.39 46.08
C LYS B 686 -23.29 14.43 47.08
N PRO B 687 -22.40 14.90 47.99
CA PRO B 687 -21.75 14.00 48.95
C PRO B 687 -22.65 13.25 49.95
N ASP B 688 -23.92 13.61 49.99
CA ASP B 688 -24.88 12.95 50.87
C ASP B 688 -25.79 12.04 50.06
N SER B 689 -25.45 11.78 48.78
CA SER B 689 -26.32 10.92 47.97
C SER B 689 -26.20 9.47 48.43
N PRO B 690 -27.33 8.79 48.73
CA PRO B 690 -27.30 7.35 49.04
C PRO B 690 -26.87 6.52 47.83
N LYS B 691 -27.07 7.08 46.63
CA LYS B 691 -26.59 6.43 45.43
C LYS B 691 -25.07 6.46 45.42
N LEU B 692 -24.47 7.54 45.89
CA LEU B 692 -23.02 7.67 45.88
C LEU B 692 -22.36 6.60 46.76
N GLY B 693 -23.00 6.28 47.90
CA GLY B 693 -22.49 5.27 48.82
C GLY B 693 -22.50 3.86 48.21
N LYS B 694 -23.56 3.56 47.46
CA LYS B 694 -23.69 2.32 46.72
C LYS B 694 -22.59 2.20 45.65
N LEU B 695 -22.26 3.30 44.96
CA LEU B 695 -21.24 3.26 43.93
C LEU B 695 -19.83 3.02 44.52
N LEU B 696 -19.56 3.68 45.64
CA LEU B 696 -18.32 3.53 46.36
C LEU B 696 -18.12 2.08 46.79
N ALA B 697 -19.22 1.41 47.19
CA ALA B 697 -19.07 0.02 47.60
C ALA B 697 -18.75 -0.87 46.41
N LEU B 698 -19.38 -0.57 45.25
CA LEU B 698 -19.08 -1.27 43.99
C LEU B 698 -17.61 -1.04 43.63
N ILE B 699 -17.15 0.21 43.79
CA ILE B 699 -15.82 0.57 43.35
C ILE B 699 -14.77 -0.14 44.23
N GLY B 700 -15.07 -0.27 45.53
CA GLY B 700 -14.11 -0.84 46.44
C GLY B 700 -14.18 -2.36 46.49
N ASP B 701 -15.10 -2.96 45.75
CA ASP B 701 -15.36 -4.39 45.84
C ASP B 701 -14.35 -5.17 44.98
N GLU B 702 -13.45 -5.91 45.64
CA GLU B 702 -12.37 -6.68 45.02
C GLU B 702 -12.92 -7.70 44.02
N SER B 703 -14.18 -8.12 44.20
CA SER B 703 -14.77 -9.17 43.37
C SER B 703 -15.44 -8.58 42.12
N GLU B 704 -15.57 -7.24 42.07
CA GLU B 704 -16.18 -6.55 40.94
C GLU B 704 -15.10 -5.73 40.21
N LEU B 705 -14.79 -4.53 40.73
CA LEU B 705 -14.07 -3.52 39.96
C LEU B 705 -12.65 -3.33 40.47
N TRP B 706 -12.41 -3.63 41.75
CA TRP B 706 -11.18 -3.32 42.45
C TRP B 706 -10.14 -4.43 42.26
N SER B 707 -9.14 -4.14 41.41
CA SER B 707 -7.98 -4.98 41.17
C SER B 707 -6.82 -4.39 41.96
N PRO B 708 -5.70 -5.11 42.15
CA PRO B 708 -4.55 -4.49 42.80
C PRO B 708 -3.99 -3.35 41.95
N TYR B 709 -4.45 -3.22 40.70
CA TYR B 709 -3.72 -2.36 39.78
C TYR B 709 -4.52 -1.11 39.41
N GLY B 710 -5.75 -1.04 39.94
CA GLY B 710 -6.67 0.05 39.65
C GLY B 710 -8.04 -0.53 39.33
N LEU B 711 -8.96 0.34 38.90
CA LEU B 711 -10.32 -0.11 38.65
C LEU B 711 -10.40 -0.78 37.30
N ARG B 712 -11.01 -1.97 37.29
CA ARG B 712 -11.30 -2.76 36.12
C ARG B 712 -12.39 -2.04 35.33
N SER B 713 -12.28 -2.04 33.99
CA SER B 713 -13.23 -1.31 33.15
C SER B 713 -14.61 -1.96 33.19
N LEU B 714 -14.60 -3.28 33.38
CA LEU B 714 -15.80 -4.12 33.49
C LEU B 714 -15.54 -5.09 34.64
N SER B 715 -16.63 -5.45 35.35
CA SER B 715 -16.60 -6.30 36.53
C SER B 715 -16.20 -7.73 36.17
N LYS B 716 -15.38 -8.34 37.04
CA LYS B 716 -15.04 -9.76 36.99
C LYS B 716 -16.30 -10.61 36.78
N LYS B 717 -17.41 -10.20 37.40
CA LYS B 717 -18.69 -10.92 37.39
C LYS B 717 -19.55 -10.66 36.16
N ASP B 718 -19.18 -9.72 35.28
CA ASP B 718 -20.09 -9.44 34.17
C ASP B 718 -19.97 -10.58 33.18
N GLU B 719 -21.09 -10.94 32.54
CA GLU B 719 -20.99 -12.04 31.60
C GLU B 719 -20.00 -11.71 30.47
N PHE B 720 -19.76 -10.41 30.19
CA PHE B 720 -18.92 -10.03 29.05
C PHE B 720 -17.44 -9.85 29.41
N TYR B 721 -17.07 -10.20 30.64
CA TYR B 721 -15.74 -9.97 31.15
C TYR B 721 -14.72 -10.76 30.33
N GLY B 722 -13.70 -10.09 29.80
CA GLY B 722 -12.62 -10.71 29.04
C GLY B 722 -12.99 -11.08 27.59
N THR B 723 -14.24 -10.86 27.16
CA THR B 723 -14.69 -11.34 25.86
C THR B 723 -14.21 -10.47 24.69
N ALA B 724 -14.23 -11.05 23.48
CA ALA B 724 -13.99 -10.39 22.19
C ALA B 724 -12.63 -9.66 22.16
N GLU B 725 -12.60 -8.39 21.73
CA GLU B 725 -11.32 -7.72 21.67
C GLU B 725 -10.87 -7.31 23.08
N ASN B 726 -11.79 -7.34 24.08
CA ASN B 726 -11.44 -7.16 25.49
C ASN B 726 -10.71 -5.83 25.68
N TYR B 727 -11.28 -4.78 25.07
CA TYR B 727 -10.65 -3.47 25.00
C TYR B 727 -11.09 -2.68 26.24
N TRP B 728 -12.41 -2.63 26.46
CA TRP B 728 -12.97 -2.00 27.64
C TRP B 728 -13.78 -3.01 28.43
N ARG B 729 -13.41 -4.30 28.34
CA ARG B 729 -14.19 -5.36 28.96
C ARG B 729 -13.40 -6.06 30.08
N SER B 730 -12.44 -5.36 30.69
CA SER B 730 -11.80 -5.84 31.91
C SER B 730 -10.66 -4.92 32.32
N PRO B 731 -9.83 -4.41 31.38
CA PRO B 731 -8.56 -3.77 31.73
C PRO B 731 -8.63 -2.38 32.36
N VAL B 732 -7.48 -1.93 32.87
CA VAL B 732 -7.36 -0.72 33.64
C VAL B 732 -6.96 0.44 32.72
N TRP B 733 -7.82 1.46 32.66
CA TRP B 733 -7.52 2.65 31.88
C TRP B 733 -7.31 3.85 32.79
N ILE B 734 -6.24 4.61 32.52
CA ILE B 734 -5.76 5.69 33.37
C ILE B 734 -6.68 6.91 33.32
N ASN B 735 -7.34 7.16 32.17
CA ASN B 735 -8.21 8.35 32.07
C ASN B 735 -9.40 8.19 33.01
N ILE B 736 -10.06 7.03 33.00
CA ILE B 736 -11.24 6.85 33.83
C ILE B 736 -10.78 6.77 35.28
N ASN B 737 -9.61 6.12 35.51
CA ASN B 737 -9.13 5.97 36.87
C ASN B 737 -8.84 7.35 37.44
N TYR B 738 -8.25 8.23 36.60
CA TYR B 738 -8.00 9.60 37.01
C TYR B 738 -9.30 10.28 37.46
N LEU B 739 -10.36 10.15 36.67
CA LEU B 739 -11.66 10.74 37.04
C LEU B 739 -12.09 10.26 38.43
N ALA B 740 -11.98 8.94 38.67
CA ALA B 740 -12.40 8.30 39.91
C ALA B 740 -11.57 8.85 41.05
N ILE B 741 -10.27 8.99 40.79
CA ILE B 741 -9.33 9.45 41.80
C ILE B 741 -9.72 10.86 42.20
N VAL B 742 -9.99 11.71 41.21
CA VAL B 742 -10.31 13.10 41.45
C VAL B 742 -11.60 13.15 42.29
N GLN B 743 -12.59 12.32 41.93
CA GLN B 743 -13.90 12.48 42.53
C GLN B 743 -13.89 11.88 43.93
N LEU B 744 -13.13 10.79 44.14
CA LEU B 744 -12.85 10.25 45.46
C LEU B 744 -12.26 11.33 46.37
N TYR B 745 -11.33 12.15 45.83
CA TYR B 745 -10.65 13.21 46.58
C TYR B 745 -11.66 14.27 47.03
N ASN B 746 -12.57 14.62 46.11
CA ASN B 746 -13.66 15.53 46.39
C ASN B 746 -14.51 15.06 47.58
N ILE B 747 -15.02 13.82 47.61
CA ILE B 747 -15.89 13.41 48.72
C ILE B 747 -15.09 13.39 50.03
N ALA B 748 -13.77 13.15 49.96
CA ALA B 748 -12.91 12.92 51.09
C ALA B 748 -12.53 14.24 51.76
N THR B 749 -12.84 15.38 51.13
CA THR B 749 -12.41 16.66 51.63
C THR B 749 -13.62 17.52 51.98
N GLN B 750 -14.75 16.88 52.23
CA GLN B 750 -15.90 17.60 52.75
C GLN B 750 -16.69 16.69 53.67
N ASP B 751 -17.62 17.32 54.41
CA ASP B 751 -18.43 16.65 55.41
C ASP B 751 -19.45 15.74 54.73
N GLY B 752 -19.48 14.48 55.18
CA GLY B 752 -20.65 13.64 54.97
C GLY B 752 -20.43 12.18 55.35
N PRO B 753 -21.46 11.31 55.21
CA PRO B 753 -21.35 9.93 55.63
C PRO B 753 -20.24 9.18 54.90
N TYR B 754 -19.83 9.65 53.70
CA TYR B 754 -18.85 8.86 52.94
C TYR B 754 -17.44 9.46 52.93
N LYS B 755 -17.19 10.51 53.72
CA LYS B 755 -15.89 11.15 53.79
C LYS B 755 -14.83 10.07 53.98
N GLU B 756 -14.94 9.29 55.07
CA GLU B 756 -13.90 8.33 55.41
C GLU B 756 -13.80 7.25 54.35
N THR B 757 -14.91 6.81 53.76
CA THR B 757 -14.82 5.78 52.73
C THR B 757 -14.07 6.32 51.51
N ALA B 758 -14.35 7.56 51.13
CA ALA B 758 -13.62 8.18 50.02
C ALA B 758 -12.12 8.37 50.32
N ARG B 759 -11.75 8.85 51.54
CA ARG B 759 -10.34 9.02 51.95
C ARG B 759 -9.55 7.72 51.70
N ASP B 760 -10.13 6.60 52.14
CA ASP B 760 -9.50 5.29 52.08
C ASP B 760 -9.34 4.88 50.61
N LEU B 761 -10.44 4.91 49.85
CA LEU B 761 -10.36 4.51 48.45
C LEU B 761 -9.41 5.45 47.68
N TYR B 762 -9.50 6.76 47.96
CA TYR B 762 -8.61 7.70 47.30
C TYR B 762 -7.15 7.28 47.47
N THR B 763 -6.73 7.09 48.73
CA THR B 763 -5.33 6.82 49.05
C THR B 763 -4.90 5.54 48.34
N ARG B 764 -5.77 4.52 48.41
CA ARG B 764 -5.39 3.20 47.93
C ARG B 764 -5.39 3.19 46.40
N LEU B 765 -6.34 3.90 45.78
CA LEU B 765 -6.38 3.85 44.32
C LEU B 765 -5.21 4.67 43.77
N ARG B 766 -4.92 5.81 44.40
CA ARG B 766 -3.83 6.66 43.95
C ARG B 766 -2.56 5.82 43.89
N LYS B 767 -2.30 5.06 44.99
CA LYS B 767 -1.09 4.25 45.14
C LYS B 767 -1.10 3.14 44.08
N ASN B 768 -2.20 2.40 43.96
CA ASN B 768 -2.29 1.35 42.96
C ASN B 768 -1.91 1.85 41.56
N ILE B 769 -2.58 2.92 41.10
CA ILE B 769 -2.45 3.44 39.74
C ILE B 769 -1.02 3.95 39.50
N VAL B 770 -0.55 4.82 40.37
CA VAL B 770 0.77 5.38 40.15
C VAL B 770 1.80 4.27 40.05
N GLU B 771 1.69 3.30 40.96
CA GLU B 771 2.57 2.15 41.01
C GLU B 771 2.49 1.32 39.72
N THR B 772 1.28 1.01 39.26
CA THR B 772 1.24 0.15 38.10
C THR B 772 1.86 0.81 36.87
N VAL B 773 1.65 2.13 36.72
CA VAL B 773 2.22 2.83 35.57
C VAL B 773 3.73 3.01 35.79
N TYR B 774 4.14 3.30 37.03
CA TYR B 774 5.54 3.41 37.42
C TYR B 774 6.27 2.09 37.13
N ARG B 775 5.78 0.96 37.68
CA ARG B 775 6.51 -0.30 37.58
C ARG B 775 6.75 -0.63 36.10
N ASN B 776 5.73 -0.40 35.26
CA ASN B 776 5.79 -0.77 33.84
C ASN B 776 6.77 0.11 33.09
N TRP B 777 6.81 1.41 33.45
CA TRP B 777 7.75 2.35 32.88
C TRP B 777 9.21 2.03 33.23
N GLU B 778 9.49 1.71 34.50
CA GLU B 778 10.85 1.33 34.90
C GLU B 778 11.24 0.03 34.20
N GLU B 779 10.27 -0.86 33.99
CA GLU B 779 10.53 -2.16 33.36
C GLU B 779 10.67 -2.02 31.85
N THR B 780 9.65 -1.51 31.16
CA THR B 780 9.63 -1.45 29.68
C THR B 780 10.03 -0.09 29.12
N GLY B 781 9.93 0.97 29.92
CA GLY B 781 10.30 2.31 29.44
C GLY B 781 9.16 2.98 28.69
N PHE B 782 7.98 2.38 28.73
CA PHE B 782 6.83 2.92 27.96
C PHE B 782 5.63 3.18 28.85
N ALA B 783 4.85 4.18 28.44
CA ALA B 783 3.51 4.38 29.03
C ALA B 783 2.60 3.48 28.19
N TRP B 784 1.65 2.80 28.80
CA TRP B 784 0.81 1.88 27.99
C TRP B 784 -0.60 2.41 27.84
N GLU B 785 -1.28 1.97 26.79
CA GLU B 785 -2.68 2.35 26.50
C GLU B 785 -3.53 1.88 27.67
N GLN B 786 -3.21 0.71 28.23
CA GLN B 786 -3.97 0.14 29.32
C GLN B 786 -3.18 -0.95 30.04
N TYR B 787 -3.73 -1.42 31.16
CA TYR B 787 -2.99 -2.26 32.09
C TYR B 787 -3.82 -3.49 32.42
N ASN B 788 -3.12 -4.62 32.45
CA ASN B 788 -3.73 -5.91 32.78
C ASN B 788 -4.27 -5.86 34.21
N PRO B 789 -5.54 -6.28 34.46
CA PRO B 789 -6.08 -6.32 35.83
C PRO B 789 -5.55 -7.47 36.70
N GLU B 790 -5.21 -8.61 36.07
CA GLU B 790 -4.67 -9.78 36.76
C GLU B 790 -3.19 -9.57 37.11
N THR B 791 -2.37 -9.12 36.13
CA THR B 791 -0.91 -9.09 36.29
C THR B 791 -0.37 -7.66 36.46
N GLY B 792 -1.11 -6.68 35.95
CA GLY B 792 -0.63 -5.30 36.01
C GLY B 792 0.24 -4.89 34.81
N LYS B 793 0.45 -5.80 33.84
CA LYS B 793 1.36 -5.51 32.72
C LYS B 793 0.70 -4.54 31.73
N GLY B 794 1.49 -3.56 31.25
CA GLY B 794 1.08 -2.73 30.13
C GLY B 794 0.68 -3.59 28.93
N GLN B 795 -0.43 -3.22 28.29
CA GLN B 795 -0.97 -3.96 27.15
C GLN B 795 -1.39 -3.00 26.05
N ARG B 796 -1.69 -3.54 24.88
CA ARG B 796 -2.01 -2.75 23.70
C ARG B 796 -0.84 -1.85 23.33
N THR B 797 -1.16 -0.65 22.83
CA THR B 797 -0.25 0.35 22.31
C THR B 797 0.75 0.89 23.36
N GLN B 798 2.03 0.89 23.01
CA GLN B 798 3.05 1.61 23.79
C GLN B 798 3.10 3.05 23.33
N HIS B 799 3.84 3.87 24.08
CA HIS B 799 4.07 5.26 23.72
C HIS B 799 2.79 6.07 23.90
N PHE B 800 1.97 5.63 24.86
CA PHE B 800 0.63 6.19 25.00
C PHE B 800 0.68 7.45 25.85
N THR B 801 1.18 8.54 25.29
CA THR B 801 1.24 9.77 26.07
C THR B 801 0.57 10.89 25.28
N GLY B 802 -0.75 10.87 25.16
CA GLY B 802 -1.63 9.83 25.67
C GLY B 802 -2.07 10.15 27.09
N TRP B 803 -3.31 9.81 27.43
CA TRP B 803 -3.80 10.26 28.73
C TRP B 803 -3.15 9.48 29.88
N THR B 804 -2.32 8.48 29.55
CA THR B 804 -1.64 7.75 30.60
C THR B 804 -0.76 8.69 31.42
N SER B 805 -0.27 9.75 30.76
CA SER B 805 0.51 10.78 31.41
C SER B 805 -0.25 11.52 32.50
N LEU B 806 -1.56 11.29 32.65
CA LEU B 806 -2.33 11.89 33.73
C LEU B 806 -1.72 11.53 35.11
N VAL B 807 -0.97 10.44 35.16
CA VAL B 807 -0.24 9.99 36.34
C VAL B 807 0.57 11.12 37.00
N VAL B 808 1.14 12.03 36.19
CA VAL B 808 1.86 13.17 36.76
C VAL B 808 0.97 13.95 37.72
N LYS B 809 -0.29 14.19 37.34
CA LYS B 809 -1.20 14.94 38.20
C LYS B 809 -1.58 14.06 39.40
N ILE B 810 -1.78 12.75 39.17
CA ILE B 810 -2.13 11.86 40.27
C ILE B 810 -1.08 11.91 41.40
N MET B 811 0.20 12.03 41.04
CA MET B 811 1.25 12.08 42.04
C MET B 811 1.29 13.43 42.76
N SER B 812 0.64 14.45 42.18
CA SER B 812 0.83 15.85 42.56
C SER B 812 -0.18 16.37 43.59
N GLY B 813 -1.39 15.79 43.68
CA GLY B 813 -2.45 16.24 44.59
C GLY B 813 -3.33 17.35 43.99
N HIS B 814 -4.53 17.58 44.55
CA HIS B 814 -5.50 18.44 43.86
C HIS B 814 -5.74 19.75 44.63
#